data_3T6W
#
_entry.id   3T6W
#
_cell.length_a   73.510
_cell.length_b   140.040
_cell.length_c   172.980
_cell.angle_alpha   90.00
_cell.angle_beta   90.00
_cell.angle_gamma   90.00
#
_symmetry.space_group_name_H-M   'P 21 21 21'
#
loop_
_entity.id
_entity.type
_entity.pdbx_description
1 polymer Laccase
2 branched 2-acetamido-2-deoxy-beta-D-glucopyranose-(1-4)-2-acetamido-2-deoxy-beta-D-glucopyranose
3 non-polymer 'COPPER (II) ION'
4 non-polymer 'SULFATE ION'
5 non-polymer GLYCEROL
6 non-polymer 'OXYGEN MOLECULE'
7 non-polymer 2-acetamido-2-deoxy-beta-D-glucopyranose
8 water water
#
_entity_poly.entity_id   1
_entity_poly.type   'polypeptide(L)'
_entity_poly.pdbx_seq_one_letter_code
;VQIGPVTDLHIVNADIVPDGFVRPAVNAGGTFPGPVIAGNVGDNFQIVTFNQLIECSMLVDTSIHWHGEFQKGTNWADGP
AFITQCPIIVGNSFSYNFNVPGMAGTYWYHSHLTTQYCDGLRGPFVVYDPNDPDANLYDVDDDTTIITLADWYHVLAKEM
GAGGAITADSTLIDGLGRTHVNVAAVPLSVITVEVGKRYRMRLVSISCDPNYDFSIDGHDMTIIETDGVDSQELTVDEIQ
IFAAQRYSFVLNANQPVGNYWIRANPNSGGEGFDGGINSAILRYDGATTADPVTVASTVHTKCLIETDLHPLSRNGVPGN
PHQGGADCNLNLSLGFACGNFVINGVSFTPPTVPVLLQICSGANTAADLLPSGSVISLPSNSTIEIALPAGAAGGPHPFH
LHGHDFAVSESASNSTSNYDDPIWRDVVSIGGVGDNVTIRFCTDNPGPWFLHCHIDWHLDAGFAIVFAEDIPNTASANPV
PEAWSNLCPSYDSAH
;
_entity_poly.pdbx_strand_id   A,B,C
#
loop_
_chem_comp.id
_chem_comp.type
_chem_comp.name
_chem_comp.formula
CU non-polymer 'COPPER (II) ION' 'Cu 2'
GOL non-polymer GLYCEROL 'C3 H8 O3'
NAG D-saccharide, beta linking 2-acetamido-2-deoxy-beta-D-glucopyranose 'C8 H15 N O6'
OXY non-polymer 'OXYGEN MOLECULE' O2
SO4 non-polymer 'SULFATE ION' 'O4 S -2'
#
# COMPACT_ATOMS: atom_id res chain seq x y z
N VAL A 1 -12.58 12.84 4.08
CA VAL A 1 -12.48 13.27 5.52
C VAL A 1 -12.09 14.77 5.59
N GLN A 2 -12.64 15.50 6.56
CA GLN A 2 -12.27 16.91 6.81
C GLN A 2 -11.56 17.11 8.13
N ILE A 3 -10.50 17.90 8.11
CA ILE A 3 -9.81 18.28 9.31
C ILE A 3 -9.65 19.81 9.36
N GLY A 4 -9.37 20.33 10.55
CA GLY A 4 -9.07 21.75 10.73
C GLY A 4 -10.20 22.58 11.31
N PRO A 5 -9.95 23.90 11.51
CA PRO A 5 -8.75 24.64 11.08
C PRO A 5 -7.47 24.41 11.90
N VAL A 6 -7.60 23.82 13.08
CA VAL A 6 -6.42 23.49 13.88
C VAL A 6 -6.24 21.98 13.80
N THR A 7 -5.11 21.53 13.23
CA THR A 7 -4.89 20.10 12.99
C THR A 7 -3.41 19.73 12.84
N ASP A 8 -3.09 18.49 13.12
CA ASP A 8 -1.81 17.91 12.66
C ASP A 8 -1.99 17.41 11.23
N LEU A 9 -0.91 17.48 10.45
CA LEU A 9 -0.87 16.94 9.12
C LEU A 9 0.49 16.27 8.95
N HIS A 10 0.52 14.96 8.97
CA HIS A 10 1.78 14.24 8.83
C HIS A 10 2.10 13.92 7.40
N ILE A 11 3.37 14.05 7.04
CA ILE A 11 3.82 13.79 5.69
C ILE A 11 4.64 12.51 5.69
N VAL A 12 4.05 11.48 5.05
CA VAL A 12 4.61 10.14 5.05
C VAL A 12 4.72 9.59 3.62
N ASN A 13 5.59 8.59 3.50
CA ASN A 13 5.65 7.82 2.29
C ASN A 13 4.72 6.58 2.44
N ALA A 14 4.12 6.19 1.34
CA ALA A 14 3.21 5.07 1.31
C ALA A 14 3.23 4.68 -0.14
N ASP A 15 3.10 3.38 -0.41
CA ASP A 15 2.93 2.90 -1.76
C ASP A 15 1.43 2.90 -1.96
N ILE A 16 0.99 3.35 -3.13
CA ILE A 16 -0.43 3.33 -3.47
C ILE A 16 -0.65 2.81 -4.89
N VAL A 17 -1.86 2.35 -5.15
CA VAL A 17 -2.22 1.78 -6.45
C VAL A 17 -3.56 2.29 -6.95
N PRO A 18 -3.68 3.62 -7.11
CA PRO A 18 -5.01 4.14 -7.52
C PRO A 18 -5.57 3.64 -8.86
N ASP A 19 -4.70 3.13 -9.73
CA ASP A 19 -5.12 2.61 -11.02
C ASP A 19 -4.69 1.13 -11.16
N GLY A 20 -4.42 0.48 -10.02
CA GLY A 20 -3.88 -0.89 -10.01
C GLY A 20 -2.36 -1.05 -10.10
N PHE A 21 -1.63 0.03 -10.37
CA PHE A 21 -0.16 -0.04 -10.48
C PHE A 21 0.48 0.47 -9.16
N VAL A 22 1.07 -0.42 -8.34
CA VAL A 22 1.65 0.08 -7.08
C VAL A 22 2.93 0.86 -7.33
N ARG A 23 3.05 2.01 -6.69
CA ARG A 23 4.27 2.79 -6.75
C ARG A 23 4.37 3.68 -5.50
N PRO A 24 5.57 4.26 -5.25
CA PRO A 24 5.71 5.06 -4.07
C PRO A 24 4.98 6.40 -4.14
N ALA A 25 4.65 6.94 -2.98
CA ALA A 25 4.08 8.26 -2.93
C ALA A 25 4.49 9.04 -1.67
N VAL A 26 4.26 10.34 -1.75
CA VAL A 26 4.42 11.29 -0.66
C VAL A 26 3.00 11.75 -0.31
N ASN A 27 2.50 11.35 0.86
CA ASN A 27 1.13 11.65 1.26
C ASN A 27 1.06 12.70 2.36
N ALA A 28 0.08 13.59 2.28
CA ALA A 28 -0.29 14.48 3.40
C ALA A 28 -1.46 13.83 4.09
N GLY A 29 -1.40 13.73 5.41
CA GLY A 29 -2.46 13.09 6.16
C GLY A 29 -2.78 11.65 5.75
N GLY A 30 -1.84 10.96 5.13
CA GLY A 30 -1.98 9.52 4.90
C GLY A 30 -2.91 9.00 3.81
N THR A 31 -3.53 9.91 3.04
CA THR A 31 -4.45 9.50 2.00
C THR A 31 -4.15 10.18 0.64
N PHE A 32 -4.65 9.59 -0.44
CA PHE A 32 -4.58 10.26 -1.73
C PHE A 32 -5.96 10.46 -2.38
N PRO A 33 -6.39 11.71 -2.54
CA PRO A 33 -5.71 12.98 -2.23
C PRO A 33 -5.61 13.15 -0.71
N GLY A 34 -4.87 14.18 -0.26
CA GLY A 34 -4.83 14.45 1.17
C GLY A 34 -6.21 14.76 1.68
N PRO A 35 -6.43 14.71 3.01
CA PRO A 35 -7.70 15.09 3.61
C PRO A 35 -8.06 16.53 3.26
N VAL A 36 -9.36 16.83 3.29
CA VAL A 36 -9.78 18.19 3.10
C VAL A 36 -9.39 18.98 4.36
N ILE A 37 -8.66 20.07 4.17
CA ILE A 37 -8.47 20.99 5.27
C ILE A 37 -9.55 22.07 5.16
N ALA A 38 -10.26 22.33 6.27
CA ALA A 38 -11.43 23.21 6.25
C ALA A 38 -11.55 24.11 7.50
N GLY A 39 -12.21 25.24 7.30
CA GLY A 39 -12.52 26.21 8.35
C GLY A 39 -13.57 27.15 7.79
N ASN A 40 -13.97 28.15 8.57
CA ASN A 40 -14.91 29.21 8.14
C ASN A 40 -14.16 30.50 7.88
N VAL A 41 -14.74 31.42 7.10
CA VAL A 41 -14.02 32.65 6.78
C VAL A 41 -13.66 33.33 8.11
N GLY A 42 -12.43 33.83 8.19
CA GLY A 42 -11.97 34.53 9.38
C GLY A 42 -11.30 33.65 10.44
N ASP A 43 -11.26 32.34 10.17
CA ASP A 43 -10.70 31.38 11.12
C ASP A 43 -9.18 31.47 11.18
N ASN A 44 -8.63 31.12 12.34
CA ASN A 44 -7.19 30.96 12.45
C ASN A 44 -6.84 29.52 12.12
N PHE A 45 -6.15 29.33 11.01
CA PHE A 45 -5.64 28.00 10.68
C PHE A 45 -4.31 27.74 11.39
N GLN A 46 -4.21 26.63 12.12
CA GLN A 46 -2.93 26.18 12.66
C GLN A 46 -2.66 24.76 12.21
N ILE A 47 -1.86 24.62 11.15
CA ILE A 47 -1.55 23.31 10.60
C ILE A 47 -0.12 22.90 10.97
N VAL A 48 0.01 21.93 11.86
CA VAL A 48 1.32 21.45 12.26
C VAL A 48 1.73 20.32 11.32
N THR A 49 2.69 20.63 10.45
CA THR A 49 3.13 19.70 9.49
C THR A 49 4.33 18.93 10.07
N PHE A 50 4.13 17.63 10.26
CA PHE A 50 5.17 16.69 10.68
C PHE A 50 5.72 16.01 9.46
N ASN A 51 6.94 16.35 9.10
CA ASN A 51 7.64 15.67 8.03
C ASN A 51 8.24 14.38 8.57
N GLN A 52 7.70 13.26 8.09
CA GLN A 52 8.19 11.93 8.43
C GLN A 52 8.65 11.16 7.20
N LEU A 53 9.08 11.88 6.18
CA LEU A 53 9.48 11.28 4.91
C LEU A 53 10.79 10.53 5.02
N ILE A 54 10.84 9.35 4.40
CA ILE A 54 12.07 8.53 4.40
C ILE A 54 12.64 8.20 3.02
N GLU A 55 11.81 8.21 1.99
CA GLU A 55 12.23 7.79 0.65
C GLU A 55 12.86 8.92 -0.17
N CYS A 56 14.18 8.92 -0.24
CA CYS A 56 14.92 9.96 -0.96
C CYS A 56 14.45 10.08 -2.40
N SER A 57 14.10 8.95 -3.00
CA SER A 57 13.64 8.92 -4.38
C SER A 57 12.71 10.08 -4.73
N MET A 58 11.94 10.56 -3.76
CA MET A 58 10.96 11.62 -3.97
C MET A 58 11.28 12.86 -3.11
N LEU A 59 12.51 12.87 -2.59
CA LEU A 59 12.97 13.88 -1.61
C LEU A 59 12.30 13.73 -0.24
N VAL A 60 13.12 13.76 0.81
CA VAL A 60 12.60 13.69 2.17
C VAL A 60 12.40 15.06 2.79
N ASP A 61 12.72 16.11 2.04
CA ASP A 61 12.40 17.46 2.47
C ASP A 61 10.99 17.80 1.98
N THR A 62 10.28 18.68 2.66
CA THR A 62 8.99 19.14 2.12
C THR A 62 8.65 20.57 2.48
N SER A 63 7.67 21.12 1.76
CA SER A 63 7.23 22.47 2.02
C SER A 63 5.86 22.61 1.39
N ILE A 64 4.90 23.09 2.16
CA ILE A 64 3.50 23.11 1.73
C ILE A 64 2.93 24.52 1.48
N HIS A 65 2.23 24.66 0.34
CA HIS A 65 1.55 25.91 -0.03
C HIS A 65 0.04 25.78 0.04
N TRP A 66 -0.62 26.82 0.52
CA TRP A 66 -2.06 26.83 0.73
C TRP A 66 -2.53 27.62 -0.45
N HIS A 67 -2.80 26.91 -1.54
CA HIS A 67 -3.01 27.54 -2.85
C HIS A 67 -4.24 28.46 -2.94
N GLY A 68 -4.02 29.75 -3.22
CA GLY A 68 -5.11 30.75 -3.29
C GLY A 68 -5.42 31.54 -2.01
N GLU A 69 -4.85 31.10 -0.88
CA GLU A 69 -4.84 31.86 0.38
C GLU A 69 -3.85 33.00 0.27
N PHE A 70 -4.28 34.20 0.61
CA PHE A 70 -3.44 35.38 0.39
C PHE A 70 -2.24 35.52 1.34
N GLN A 71 -2.34 34.99 2.57
CA GLN A 71 -1.23 35.06 3.54
C GLN A 71 -0.73 36.48 3.91
N LYS A 72 -1.65 37.43 4.01
CA LYS A 72 -1.32 38.81 4.31
C LYS A 72 -0.83 38.88 5.75
N GLY A 73 0.41 39.35 5.92
CA GLY A 73 1.00 39.39 7.25
C GLY A 73 1.78 38.11 7.54
N THR A 74 1.53 37.06 6.75
CA THR A 74 2.12 35.75 7.04
C THR A 74 2.85 35.19 5.82
N ASN A 75 3.53 36.06 5.07
CA ASN A 75 4.26 35.63 3.91
C ASN A 75 5.16 34.43 4.24
N TRP A 76 5.66 34.37 5.49
CA TRP A 76 6.48 33.23 5.95
C TRP A 76 5.79 31.83 5.86
N ALA A 77 4.46 31.82 5.91
CA ALA A 77 3.62 30.61 5.89
C ALA A 77 3.18 30.13 4.48
N ASP A 78 3.67 30.80 3.43
CA ASP A 78 3.13 30.57 2.09
C ASP A 78 3.50 29.21 1.45
N GLY A 79 4.72 28.73 1.71
CA GLY A 79 5.10 27.41 1.26
C GLY A 79 6.11 27.25 0.15
N PRO A 80 6.24 28.21 -0.79
CA PRO A 80 7.19 27.93 -1.88
C PRO A 80 8.67 27.96 -1.48
N ALA A 81 9.32 26.83 -1.72
CA ALA A 81 10.72 26.59 -1.34
C ALA A 81 11.63 27.62 -1.95
N PHE A 82 12.44 28.25 -1.09
CA PHE A 82 13.47 29.18 -1.51
C PHE A 82 12.88 30.49 -2.01
N ILE A 83 11.57 30.64 -1.86
CA ILE A 83 10.94 31.92 -2.06
C ILE A 83 10.59 32.46 -0.69
N THR A 84 9.78 31.72 0.07
CA THR A 84 9.37 32.17 1.42
C THR A 84 9.92 31.29 2.57
N GLN A 85 10.54 30.16 2.23
CA GLN A 85 11.13 29.31 3.27
C GLN A 85 12.15 28.33 2.76
N CYS A 86 12.99 27.86 3.67
CA CYS A 86 13.70 26.63 3.42
C CYS A 86 12.73 25.49 3.73
N PRO A 87 12.91 24.35 3.06
CA PRO A 87 12.13 23.15 3.30
C PRO A 87 12.28 22.66 4.73
N ILE A 88 11.22 22.05 5.26
CA ILE A 88 11.26 21.38 6.55
C ILE A 88 12.03 20.10 6.28
N ILE A 89 12.97 19.75 7.18
CA ILE A 89 13.71 18.49 7.00
C ILE A 89 12.99 17.28 7.66
N VAL A 90 13.29 16.06 7.20
CA VAL A 90 12.64 14.87 7.78
C VAL A 90 12.91 14.78 9.28
N GLY A 91 11.92 14.31 10.05
CA GLY A 91 12.04 14.25 11.51
C GLY A 91 11.68 15.57 12.22
N ASN A 92 11.58 16.68 11.49
CA ASN A 92 11.14 17.94 12.12
C ASN A 92 9.70 18.27 11.79
N SER A 93 9.15 19.28 12.46
CA SER A 93 7.78 19.75 12.20
C SER A 93 7.74 21.27 12.09
N PHE A 94 6.65 21.82 11.56
CA PHE A 94 6.52 23.25 11.39
C PHE A 94 5.04 23.62 11.36
N SER A 95 4.68 24.65 12.12
CA SER A 95 3.28 25.10 12.26
C SER A 95 3.04 26.22 11.26
N TYR A 96 2.24 25.93 10.24
CA TYR A 96 1.73 26.97 9.35
C TYR A 96 0.54 27.56 10.05
N ASN A 97 0.75 28.74 10.62
CA ASN A 97 -0.25 29.43 11.40
C ASN A 97 -0.68 30.70 10.68
N PHE A 98 -1.96 30.81 10.37
CA PHE A 98 -2.42 31.88 9.48
C PHE A 98 -3.93 32.09 9.52
N ASN A 99 -4.38 33.24 9.04
CA ASN A 99 -5.79 33.56 9.06
C ASN A 99 -6.26 33.73 7.64
N VAL A 100 -7.55 33.58 7.42
CA VAL A 100 -8.10 33.76 6.09
C VAL A 100 -9.22 34.81 6.13
N PRO A 101 -8.86 36.08 6.43
CA PRO A 101 -9.90 37.11 6.42
C PRO A 101 -10.32 37.37 4.99
N GLY A 102 -11.60 37.64 4.79
CA GLY A 102 -12.11 38.09 3.49
C GLY A 102 -12.38 36.94 2.52
N MET A 103 -11.79 35.78 2.78
CA MET A 103 -11.74 34.75 1.76
C MET A 103 -12.66 33.61 2.12
N ALA A 104 -13.34 33.09 1.11
CA ALA A 104 -14.20 31.92 1.24
C ALA A 104 -14.13 31.18 -0.08
N GLY A 105 -14.62 29.93 -0.08
CA GLY A 105 -14.67 29.16 -1.33
C GLY A 105 -13.73 27.96 -1.33
N THR A 106 -13.40 27.51 -2.55
CA THR A 106 -12.70 26.26 -2.78
C THR A 106 -11.26 26.47 -3.21
N TYR A 107 -10.35 25.91 -2.42
CA TYR A 107 -8.89 26.06 -2.59
C TYR A 107 -8.25 24.69 -2.52
N TRP A 108 -6.94 24.65 -2.36
CA TRP A 108 -6.24 23.37 -2.17
C TRP A 108 -4.87 23.61 -1.61
N TYR A 109 -4.16 22.53 -1.27
CA TYR A 109 -2.83 22.67 -0.77
C TYR A 109 -1.89 21.64 -1.40
N HIS A 110 -0.61 21.98 -1.58
CA HIS A 110 0.28 21.06 -2.27
C HIS A 110 1.72 21.31 -1.88
N SER A 111 2.56 20.28 -2.05
CA SER A 111 3.99 20.48 -1.84
C SER A 111 4.42 21.54 -2.81
N HIS A 112 5.26 22.45 -2.33
CA HIS A 112 5.81 23.48 -3.20
C HIS A 112 7.33 23.43 -3.24
N LEU A 113 7.86 22.22 -3.10
CA LEU A 113 9.29 21.92 -3.31
C LEU A 113 9.40 21.14 -4.62
N THR A 114 10.23 21.61 -5.54
CA THR A 114 10.50 20.84 -6.78
C THR A 114 9.19 20.29 -7.39
N THR A 115 9.13 19.02 -7.76
CA THR A 115 7.93 18.46 -8.40
C THR A 115 7.24 17.45 -7.52
N GLN A 116 7.32 17.67 -6.23
CA GLN A 116 6.95 16.70 -5.23
C GLN A 116 5.46 16.53 -5.13
N TYR A 117 4.68 17.59 -5.37
CA TYR A 117 3.22 17.45 -5.35
C TYR A 117 2.72 16.44 -6.37
N CYS A 118 3.38 16.35 -7.52
CA CYS A 118 3.09 15.24 -8.44
C CYS A 118 3.09 13.86 -7.74
N ASP A 119 4.09 13.66 -6.86
CA ASP A 119 4.31 12.36 -6.21
C ASP A 119 3.28 12.06 -5.16
N GLY A 120 2.30 12.98 -4.99
CA GLY A 120 1.07 12.72 -4.22
C GLY A 120 0.64 13.71 -3.13
N LEU A 121 1.48 14.71 -2.81
CA LEU A 121 1.16 15.61 -1.71
C LEU A 121 0.19 16.68 -2.22
N ARG A 122 -1.09 16.37 -2.25
CA ARG A 122 -2.06 17.33 -2.77
C ARG A 122 -3.43 17.05 -2.24
N GLY A 123 -4.17 18.10 -1.91
CA GLY A 123 -5.49 17.88 -1.31
C GLY A 123 -6.36 19.12 -1.31
N PRO A 124 -7.65 18.95 -1.01
CA PRO A 124 -8.54 20.12 -1.06
C PRO A 124 -8.48 20.99 0.21
N PHE A 125 -8.81 22.28 0.08
CA PHE A 125 -8.82 23.22 1.19
C PHE A 125 -10.12 24.01 1.00
N VAL A 126 -11.03 23.98 1.98
CA VAL A 126 -12.33 24.62 1.79
C VAL A 126 -12.65 25.62 2.91
N VAL A 127 -12.91 26.85 2.53
CA VAL A 127 -13.28 27.85 3.52
C VAL A 127 -14.78 28.07 3.40
N TYR A 128 -15.53 27.61 4.40
CA TYR A 128 -16.98 27.72 4.34
C TYR A 128 -17.43 29.10 4.77
N ASP A 129 -18.47 29.61 4.12
CA ASP A 129 -19.00 30.89 4.47
C ASP A 129 -20.34 30.65 5.10
N PRO A 130 -20.48 30.92 6.41
CA PRO A 130 -21.75 30.67 7.07
C PRO A 130 -22.86 31.59 6.55
N ASN A 131 -22.49 32.63 5.78
CA ASN A 131 -23.44 33.55 5.16
C ASN A 131 -23.25 33.59 3.63
N ASP A 132 -22.85 32.44 3.08
CA ASP A 132 -22.61 32.26 1.65
C ASP A 132 -23.84 32.79 0.88
N PRO A 133 -23.61 33.72 -0.05
CA PRO A 133 -24.78 34.24 -0.76
C PRO A 133 -25.34 33.23 -1.75
N ASP A 134 -24.58 32.16 -2.03
CA ASP A 134 -25.04 31.12 -2.96
C ASP A 134 -25.81 29.98 -2.26
N ALA A 135 -25.81 29.95 -0.93
CA ALA A 135 -26.44 28.88 -0.12
C ALA A 135 -27.82 28.43 -0.59
N ASN A 136 -28.72 29.36 -0.88
CA ASN A 136 -30.09 28.98 -1.27
C ASN A 136 -30.18 28.28 -2.63
N LEU A 137 -29.08 28.23 -3.38
CA LEU A 137 -29.09 27.60 -4.69
C LEU A 137 -28.95 26.09 -4.62
N TYR A 138 -28.71 25.55 -3.43
CA TYR A 138 -28.47 24.12 -3.33
C TYR A 138 -28.84 23.56 -1.96
N ASP A 139 -28.99 22.23 -1.92
CA ASP A 139 -29.32 21.46 -0.72
C ASP A 139 -28.13 20.85 0.03
N VAL A 140 -27.09 20.44 -0.71
CA VAL A 140 -26.01 19.63 -0.13
C VAL A 140 -24.68 20.24 -0.52
N ASP A 141 -23.86 20.51 0.50
CA ASP A 141 -22.50 21.01 0.31
C ASP A 141 -21.69 20.45 1.44
N ASP A 142 -20.86 19.46 1.15
CA ASP A 142 -20.10 18.81 2.22
C ASP A 142 -18.99 18.01 1.58
N ASP A 143 -18.33 17.15 2.36
CA ASP A 143 -17.15 16.43 1.85
C ASP A 143 -17.54 15.48 0.69
N THR A 144 -18.76 14.98 0.66
CA THR A 144 -19.15 14.06 -0.41
C THR A 144 -19.35 14.73 -1.77
N THR A 145 -19.29 16.07 -1.80
CA THR A 145 -19.56 16.85 -3.03
C THR A 145 -18.32 17.58 -3.51
N ILE A 146 -17.17 17.29 -2.92
CA ILE A 146 -15.89 17.75 -3.46
C ILE A 146 -15.47 16.77 -4.55
N ILE A 147 -15.02 17.26 -5.70
CA ILE A 147 -14.54 16.44 -6.79
C ILE A 147 -13.11 16.85 -7.14
N THR A 148 -12.12 15.98 -6.89
CA THR A 148 -10.76 16.28 -7.34
C THR A 148 -10.44 15.61 -8.68
N LEU A 149 -9.73 16.31 -9.56
CA LEU A 149 -9.21 15.70 -10.78
C LEU A 149 -7.68 15.69 -10.70
N ALA A 150 -7.05 14.53 -10.84
CA ALA A 150 -5.58 14.42 -10.63
C ALA A 150 -4.95 13.67 -11.77
N ASP A 151 -3.77 14.09 -12.20
CA ASP A 151 -2.98 13.31 -13.15
C ASP A 151 -2.08 12.42 -12.35
N TRP A 152 -1.90 11.18 -12.79
CA TRP A 152 -1.08 10.27 -12.01
C TRP A 152 -0.04 9.61 -12.90
N TYR A 153 1.16 9.39 -12.36
CA TYR A 153 2.31 9.04 -13.19
C TYR A 153 2.91 7.76 -12.63
N HIS A 154 3.30 6.84 -13.50
CA HIS A 154 3.93 5.60 -13.05
C HIS A 154 5.43 5.81 -12.78
N VAL A 155 5.99 6.79 -13.46
CA VAL A 155 7.37 7.29 -13.30
C VAL A 155 7.45 8.33 -12.17
N LEU A 156 8.31 8.04 -11.20
CA LEU A 156 8.66 8.98 -10.14
C LEU A 156 9.00 10.38 -10.67
N ALA A 157 8.38 11.40 -10.09
CA ALA A 157 8.60 12.81 -10.48
C ALA A 157 10.08 13.16 -10.69
N LYS A 158 10.93 12.78 -9.73
CA LYS A 158 12.34 13.13 -9.78
C LYS A 158 13.08 12.53 -10.98
N GLU A 159 12.48 11.53 -11.61
CA GLU A 159 13.07 10.87 -12.77
C GLU A 159 12.41 11.25 -14.10
N MET A 160 11.34 12.06 -14.02
CA MET A 160 10.72 12.60 -15.23
C MET A 160 11.76 13.43 -15.96
N GLY A 161 11.90 13.21 -17.26
CA GLY A 161 12.88 13.97 -18.05
C GLY A 161 12.22 14.65 -19.23
N ALA A 162 12.14 15.99 -19.28
CA ALA A 162 12.50 16.96 -18.21
C ALA A 162 13.29 18.20 -18.70
N GLY A 163 12.65 19.13 -19.39
CA GLY A 163 11.36 18.94 -20.03
C GLY A 163 11.52 19.51 -21.43
N GLY A 164 11.47 18.66 -22.46
CA GLY A 164 11.10 17.26 -22.34
C GLY A 164 9.61 17.11 -22.05
N ALA A 165 8.83 16.82 -23.10
CA ALA A 165 7.42 16.47 -22.91
C ALA A 165 7.27 15.27 -21.95
N ILE A 166 6.21 15.34 -21.13
CA ILE A 166 5.95 14.39 -20.03
C ILE A 166 4.43 14.13 -20.05
N THR A 167 4.01 12.87 -19.95
CA THR A 167 2.58 12.61 -19.86
C THR A 167 2.19 11.66 -18.74
N ALA A 168 1.00 11.89 -18.19
CA ALA A 168 0.40 11.04 -17.15
C ALA A 168 0.06 9.64 -17.69
N ASP A 169 -0.09 8.69 -16.76
CA ASP A 169 -0.48 7.33 -17.08
C ASP A 169 -1.93 7.01 -16.67
N SER A 170 -2.53 7.86 -15.85
CA SER A 170 -3.97 7.83 -15.70
C SER A 170 -4.56 9.10 -15.12
N THR A 171 -5.87 9.24 -15.26
CA THR A 171 -6.65 10.31 -14.65
C THR A 171 -7.40 9.70 -13.50
N LEU A 172 -7.26 10.36 -12.33
CA LEU A 172 -7.90 9.91 -11.11
C LEU A 172 -8.93 10.94 -10.68
N ILE A 173 -10.15 10.49 -10.47
CA ILE A 173 -11.23 11.34 -10.01
C ILE A 173 -11.56 10.84 -8.60
N ASP A 174 -11.49 11.75 -7.61
CA ASP A 174 -11.48 11.40 -6.20
C ASP A 174 -10.49 10.25 -5.93
N GLY A 175 -9.28 10.37 -6.48
CA GLY A 175 -8.21 9.40 -6.21
C GLY A 175 -8.32 8.00 -6.84
N LEU A 176 -9.38 7.77 -7.62
CA LEU A 176 -9.49 6.51 -8.38
C LEU A 176 -9.62 6.76 -9.87
N GLY A 177 -8.98 5.90 -10.65
CA GLY A 177 -9.06 5.94 -12.10
C GLY A 177 -8.27 4.82 -12.75
N ARG A 178 -8.46 4.64 -14.05
CA ARG A 178 -7.83 3.55 -14.75
C ARG A 178 -6.64 4.00 -15.60
N THR A 179 -5.72 3.07 -15.80
CA THR A 179 -4.49 3.41 -16.46
C THR A 179 -4.79 3.61 -17.95
N HIS A 180 -4.07 4.53 -18.61
CA HIS A 180 -4.34 4.85 -20.02
C HIS A 180 -3.89 3.66 -20.87
N VAL A 181 -2.77 3.06 -20.48
CA VAL A 181 -2.28 1.92 -21.25
C VAL A 181 -2.43 0.60 -20.52
N ASN A 182 -2.93 -0.40 -21.25
CA ASN A 182 -3.19 -1.73 -20.74
C ASN A 182 -4.15 -1.66 -19.55
N VAL A 183 -5.26 -0.96 -19.78
CA VAL A 183 -6.28 -0.64 -18.82
C VAL A 183 -6.75 -1.88 -18.05
N ALA A 184 -6.56 -1.85 -16.74
CA ALA A 184 -7.02 -2.91 -15.87
C ALA A 184 -8.34 -2.46 -15.27
N ALA A 185 -9.24 -3.41 -15.09
CA ALA A 185 -10.60 -3.14 -14.57
C ALA A 185 -10.59 -2.84 -13.06
N VAL A 186 -9.95 -1.74 -12.70
CA VAL A 186 -9.78 -1.39 -11.30
C VAL A 186 -10.92 -0.49 -10.83
N PRO A 187 -11.08 -0.33 -9.51
CA PRO A 187 -12.31 0.36 -9.07
C PRO A 187 -12.37 1.83 -9.46
N LEU A 188 -13.58 2.26 -9.83
CA LEU A 188 -13.86 3.66 -10.16
C LEU A 188 -14.49 4.41 -9.00
N SER A 189 -14.31 5.73 -8.96
CA SER A 189 -14.97 6.51 -7.94
C SER A 189 -16.45 6.69 -8.27
N VAL A 190 -17.29 6.75 -7.25
CA VAL A 190 -18.73 6.95 -7.38
C VAL A 190 -19.15 8.23 -6.66
N ILE A 191 -20.02 8.99 -7.27
CA ILE A 191 -20.54 10.17 -6.63
C ILE A 191 -22.04 10.01 -6.62
N THR A 192 -22.60 9.83 -5.44
CA THR A 192 -24.01 9.52 -5.29
C THR A 192 -24.93 10.73 -5.10
N VAL A 193 -26.06 10.71 -5.78
CA VAL A 193 -27.02 11.78 -5.70
C VAL A 193 -28.40 11.20 -5.52
N GLU A 194 -29.33 12.05 -5.13
CA GLU A 194 -30.72 11.67 -4.84
C GLU A 194 -31.65 12.51 -5.72
N VAL A 195 -32.58 11.82 -6.36
CA VAL A 195 -33.58 12.42 -7.22
C VAL A 195 -34.11 13.70 -6.58
N GLY A 196 -33.99 14.80 -7.31
CA GLY A 196 -34.55 16.08 -6.88
C GLY A 196 -33.71 16.98 -6.02
N LYS A 197 -32.52 16.54 -5.58
CA LYS A 197 -31.66 17.37 -4.74
C LYS A 197 -30.68 18.13 -5.62
N ARG A 198 -30.28 19.30 -5.14
CA ARG A 198 -29.28 20.14 -5.78
C ARG A 198 -28.00 20.06 -4.95
N TYR A 199 -26.87 19.96 -5.65
CA TYR A 199 -25.57 19.79 -5.03
C TYR A 199 -24.60 20.93 -5.33
N ARG A 200 -23.92 21.45 -4.31
CA ARG A 200 -22.77 22.28 -4.59
C ARG A 200 -21.57 21.37 -4.85
N MET A 201 -21.28 21.09 -6.12
CA MET A 201 -20.09 20.30 -6.46
C MET A 201 -18.85 21.20 -6.50
N ARG A 202 -17.82 20.80 -5.76
CA ARG A 202 -16.61 21.59 -5.68
C ARG A 202 -15.52 20.94 -6.51
N LEU A 203 -15.39 21.43 -7.75
CA LEU A 203 -14.49 20.83 -8.69
C LEU A 203 -13.10 21.44 -8.54
N VAL A 204 -12.12 20.59 -8.25
CA VAL A 204 -10.76 21.05 -7.93
C VAL A 204 -9.79 20.38 -8.83
N SER A 205 -9.08 21.16 -9.63
CA SER A 205 -7.98 20.56 -10.33
C SER A 205 -6.78 20.55 -9.38
N ILE A 206 -6.33 19.34 -9.03
CA ILE A 206 -5.03 19.15 -8.38
C ILE A 206 -3.99 18.60 -9.35
N SER A 207 -4.14 18.96 -10.61
CA SER A 207 -3.26 18.49 -11.67
C SER A 207 -1.82 19.08 -11.66
N CYS A 208 -0.79 18.23 -11.82
CA CYS A 208 0.58 18.70 -12.11
C CYS A 208 0.79 19.22 -13.54
N ASP A 209 -0.21 19.03 -14.41
CA ASP A 209 -0.03 19.34 -15.84
C ASP A 209 -1.34 19.49 -16.64
N PRO A 210 -2.01 18.37 -17.02
CA PRO A 210 -3.05 18.48 -18.03
C PRO A 210 -4.25 19.32 -17.59
N ASN A 211 -4.93 19.90 -18.56
CA ASN A 211 -6.24 20.49 -18.32
C ASN A 211 -7.31 19.46 -18.70
N TYR A 212 -8.50 19.55 -18.11
CA TYR A 212 -9.54 18.55 -18.33
C TYR A 212 -10.78 19.17 -18.96
N ASP A 213 -11.34 18.46 -19.95
CA ASP A 213 -12.69 18.72 -20.42
C ASP A 213 -13.63 17.92 -19.52
N PHE A 214 -14.32 18.61 -18.62
CA PHE A 214 -15.13 17.97 -17.59
C PHE A 214 -16.65 18.03 -17.85
N SER A 215 -17.31 16.87 -17.90
CA SER A 215 -18.75 16.84 -18.13
C SER A 215 -19.41 15.69 -17.39
N ILE A 216 -20.72 15.77 -17.28
CA ILE A 216 -21.51 14.73 -16.66
C ILE A 216 -22.67 14.42 -17.60
N ASP A 217 -22.69 13.17 -18.07
CA ASP A 217 -23.71 12.74 -19.06
C ASP A 217 -25.10 13.01 -18.56
N GLY A 218 -25.94 13.54 -19.44
CA GLY A 218 -27.35 13.80 -19.09
C GLY A 218 -27.57 15.06 -18.27
N HIS A 219 -26.49 15.66 -17.76
CA HIS A 219 -26.63 16.75 -16.81
C HIS A 219 -25.97 18.06 -17.26
N ASP A 220 -26.57 19.16 -16.79
CA ASP A 220 -26.08 20.54 -16.84
C ASP A 220 -25.19 20.81 -15.64
N MET A 221 -24.42 21.90 -15.68
CA MET A 221 -23.69 22.37 -14.50
C MET A 221 -23.79 23.90 -14.36
N THR A 222 -24.23 24.38 -13.20
CA THR A 222 -24.36 25.82 -13.00
C THR A 222 -23.23 26.39 -12.12
N ILE A 223 -22.31 27.08 -12.77
CA ILE A 223 -21.11 27.62 -12.11
C ILE A 223 -21.50 28.79 -11.22
N ILE A 224 -20.97 28.77 -9.99
CA ILE A 224 -21.30 29.77 -8.96
C ILE A 224 -20.07 30.32 -8.24
N GLU A 225 -18.90 29.75 -8.54
CA GLU A 225 -17.64 30.13 -7.86
C GLU A 225 -16.46 29.77 -8.72
N THR A 226 -15.49 30.67 -8.84
CA THR A 226 -14.27 30.42 -9.62
C THR A 226 -13.01 30.83 -8.86
N ASP A 227 -12.14 29.85 -8.63
CA ASP A 227 -10.93 30.04 -7.82
C ASP A 227 -11.20 30.87 -6.55
N GLY A 228 -12.30 30.64 -5.85
CA GLY A 228 -12.57 31.37 -4.60
C GLY A 228 -13.44 32.59 -4.76
N VAL A 229 -13.71 32.97 -6.00
CA VAL A 229 -14.51 34.18 -6.25
C VAL A 229 -15.96 33.86 -6.64
N ASP A 230 -16.90 34.33 -5.83
CA ASP A 230 -18.32 34.11 -6.13
C ASP A 230 -18.68 34.68 -7.47
N SER A 231 -19.34 33.87 -8.29
CA SER A 231 -19.70 34.29 -9.63
C SER A 231 -21.22 34.33 -9.81
N GLN A 232 -21.69 35.11 -10.76
CA GLN A 232 -23.06 35.00 -11.21
C GLN A 232 -23.25 33.60 -11.80
N GLU A 233 -24.49 33.10 -11.76
CA GLU A 233 -24.84 31.74 -12.20
C GLU A 233 -24.53 31.50 -13.69
N LEU A 234 -23.68 30.52 -14.00
CA LEU A 234 -23.42 30.21 -15.37
C LEU A 234 -23.60 28.73 -15.67
N THR A 235 -24.70 28.43 -16.36
CA THR A 235 -25.02 27.07 -16.78
C THR A 235 -24.23 26.68 -18.04
N VAL A 236 -23.44 25.63 -17.90
CA VAL A 236 -22.60 25.07 -18.98
C VAL A 236 -22.84 23.58 -19.07
N ASP A 237 -22.45 22.95 -20.17
CA ASP A 237 -22.57 21.49 -20.23
C ASP A 237 -21.19 20.79 -20.25
N GLU A 238 -20.14 21.60 -20.34
CA GLU A 238 -18.75 21.16 -20.27
C GLU A 238 -17.84 22.23 -19.64
N ILE A 239 -16.86 21.79 -18.84
CA ILE A 239 -15.92 22.69 -18.22
C ILE A 239 -14.48 22.32 -18.54
N GLN A 240 -13.77 23.21 -19.23
CA GLN A 240 -12.34 23.03 -19.35
C GLN A 240 -11.72 23.68 -18.12
N ILE A 241 -11.00 22.86 -17.35
CA ILE A 241 -10.44 23.30 -16.08
C ILE A 241 -8.95 23.03 -16.19
N PHE A 242 -8.15 24.07 -15.95
CA PHE A 242 -6.73 23.98 -16.13
C PHE A 242 -6.16 23.70 -14.76
N ALA A 243 -4.87 23.36 -14.71
CA ALA A 243 -4.22 22.97 -13.48
C ALA A 243 -4.35 24.02 -12.39
N ALA A 244 -4.80 23.59 -11.23
CA ALA A 244 -4.92 24.41 -10.03
C ALA A 244 -6.16 25.33 -10.01
N GLN A 245 -7.05 25.24 -10.99
CA GLN A 245 -8.25 26.06 -10.97
C GLN A 245 -9.34 25.37 -10.19
N ARG A 246 -10.32 26.12 -9.72
CA ARG A 246 -11.47 25.52 -9.03
C ARG A 246 -12.78 26.15 -9.53
N TYR A 247 -13.84 25.34 -9.58
CA TYR A 247 -15.20 25.84 -9.81
C TYR A 247 -16.10 25.15 -8.81
N SER A 248 -17.05 25.90 -8.28
CA SER A 248 -18.20 25.29 -7.64
C SER A 248 -19.29 25.36 -8.69
N PHE A 249 -19.99 24.25 -8.87
CA PHE A 249 -21.15 24.24 -9.76
C PHE A 249 -22.32 23.53 -9.10
N VAL A 250 -23.52 24.00 -9.39
CA VAL A 250 -24.74 23.37 -8.91
C VAL A 250 -25.13 22.23 -9.83
N LEU A 251 -25.30 21.05 -9.25
CA LEU A 251 -25.78 19.90 -9.98
C LEU A 251 -27.19 19.63 -9.50
N ASN A 252 -28.13 19.76 -10.43
CA ASN A 252 -29.50 19.46 -10.13
C ASN A 252 -29.73 18.01 -10.58
N ALA A 253 -29.88 17.12 -9.61
CA ALA A 253 -30.12 15.71 -9.89
C ALA A 253 -31.57 15.49 -10.39
N ASN A 254 -31.81 15.82 -11.66
CA ASN A 254 -33.16 15.91 -12.25
C ASN A 254 -33.33 14.88 -13.37
N GLN A 255 -32.35 13.99 -13.51
CA GLN A 255 -32.46 12.95 -14.53
C GLN A 255 -33.08 11.69 -13.93
N PRO A 256 -33.45 10.69 -14.78
CA PRO A 256 -34.02 9.46 -14.24
C PRO A 256 -33.02 8.69 -13.42
N VAL A 257 -33.50 8.00 -12.38
CA VAL A 257 -32.66 7.20 -11.52
C VAL A 257 -31.81 6.28 -12.39
N GLY A 258 -30.50 6.30 -12.21
CA GLY A 258 -29.60 5.48 -13.05
C GLY A 258 -28.14 5.82 -12.85
N ASN A 259 -27.30 5.28 -13.75
CA ASN A 259 -25.85 5.51 -13.73
C ASN A 259 -25.44 6.37 -14.92
N TYR A 260 -24.70 7.45 -14.65
CA TYR A 260 -24.24 8.36 -15.69
C TYR A 260 -22.73 8.53 -15.56
N TRP A 261 -22.00 8.45 -16.69
CA TRP A 261 -20.55 8.67 -16.68
C TRP A 261 -20.20 10.10 -16.30
N ILE A 262 -19.21 10.25 -15.43
CA ILE A 262 -18.53 11.51 -15.21
C ILE A 262 -17.26 11.48 -16.07
N ARG A 263 -17.07 12.51 -16.90
CA ARG A 263 -15.98 12.54 -17.87
C ARG A 263 -14.97 13.66 -17.57
N ALA A 264 -13.69 13.33 -17.59
CA ALA A 264 -12.68 14.38 -17.54
C ALA A 264 -11.58 14.03 -18.52
N ASN A 265 -11.65 14.62 -19.73
CA ASN A 265 -10.61 14.33 -20.72
C ASN A 265 -9.43 15.27 -20.57
N PRO A 266 -8.25 14.69 -20.32
CA PRO A 266 -7.04 15.46 -20.28
C PRO A 266 -6.61 15.89 -21.68
N ASN A 267 -5.90 17.01 -21.79
CA ASN A 267 -5.39 17.45 -23.10
C ASN A 267 -4.18 16.62 -23.60
N SER A 268 -3.55 15.86 -22.71
CA SER A 268 -2.56 14.91 -23.16
C SER A 268 -2.79 13.61 -22.43
N GLY A 269 -2.01 12.57 -22.77
CA GLY A 269 -2.21 11.24 -22.23
C GLY A 269 -3.35 10.56 -22.97
N GLY A 270 -4.04 9.63 -22.30
CA GLY A 270 -5.06 8.83 -22.95
C GLY A 270 -6.25 9.63 -23.48
N GLU A 271 -6.60 9.39 -24.74
CA GLU A 271 -7.77 10.02 -25.34
C GLU A 271 -9.01 9.10 -25.31
N GLY A 272 -10.18 9.65 -24.99
CA GLY A 272 -11.40 8.84 -25.00
C GLY A 272 -11.66 8.23 -23.63
N PHE A 273 -12.52 7.22 -23.59
CA PHE A 273 -13.08 6.73 -22.35
C PHE A 273 -13.20 5.19 -22.37
N ASP A 274 -12.50 4.58 -23.30
CA ASP A 274 -12.48 3.12 -23.44
C ASP A 274 -12.08 2.42 -22.16
N GLY A 275 -12.89 1.45 -21.74
CA GLY A 275 -12.66 0.66 -20.53
C GLY A 275 -12.76 1.47 -19.26
N GLY A 276 -13.30 2.68 -19.39
CA GLY A 276 -13.55 3.53 -18.25
C GLY A 276 -12.37 4.38 -17.77
N ILE A 277 -11.37 4.59 -18.62
CA ILE A 277 -10.41 5.68 -18.37
C ILE A 277 -11.11 7.06 -18.36
N ASN A 278 -10.52 8.01 -17.65
CA ASN A 278 -11.00 9.40 -17.67
C ASN A 278 -12.42 9.53 -17.18
N SER A 279 -12.79 8.58 -16.31
CA SER A 279 -14.15 8.34 -15.91
C SER A 279 -14.37 8.11 -14.41
N ALA A 280 -15.56 8.50 -13.98
CA ALA A 280 -16.08 8.16 -12.68
C ALA A 280 -17.58 7.98 -12.87
N ILE A 281 -18.30 7.62 -11.82
CA ILE A 281 -19.69 7.25 -11.92
C ILE A 281 -20.64 8.22 -11.16
N LEU A 282 -21.61 8.81 -11.85
CA LEU A 282 -22.69 9.47 -11.13
C LEU A 282 -23.81 8.49 -10.87
N ARG A 283 -23.99 8.09 -9.61
CA ARG A 283 -25.03 7.10 -9.29
C ARG A 283 -26.20 7.69 -8.50
N TYR A 284 -27.43 7.45 -8.96
CA TYR A 284 -28.61 7.91 -8.21
C TYR A 284 -28.99 6.84 -7.21
N ASP A 285 -29.37 7.24 -6.00
CA ASP A 285 -29.89 6.26 -5.05
C ASP A 285 -31.14 5.59 -5.70
N GLY A 286 -31.21 4.26 -5.62
CA GLY A 286 -32.19 3.45 -6.33
C GLY A 286 -31.72 2.84 -7.66
N ALA A 287 -30.62 3.34 -8.21
CA ALA A 287 -30.06 2.75 -9.44
C ALA A 287 -29.46 1.38 -9.14
N THR A 288 -29.40 0.53 -10.17
CA THR A 288 -28.71 -0.73 -10.07
C THR A 288 -27.22 -0.42 -9.98
N THR A 289 -26.49 -1.21 -9.21
CA THR A 289 -25.05 -1.03 -9.11
C THR A 289 -24.41 -1.63 -10.34
N ALA A 290 -24.23 -0.78 -11.35
CA ALA A 290 -23.67 -1.19 -12.63
C ALA A 290 -22.92 -0.03 -13.29
N ASP A 291 -22.06 -0.33 -14.25
CA ASP A 291 -21.41 0.73 -15.03
C ASP A 291 -22.46 1.51 -15.84
N PRO A 292 -22.29 2.84 -15.93
CA PRO A 292 -23.19 3.63 -16.76
C PRO A 292 -23.02 3.14 -18.18
N VAL A 293 -24.05 3.31 -19.01
CA VAL A 293 -23.88 3.04 -20.45
C VAL A 293 -24.22 4.28 -21.26
N THR A 294 -24.11 5.41 -20.58
CA THR A 294 -24.46 6.70 -21.15
C THR A 294 -23.43 7.15 -22.20
N VAL A 295 -23.84 8.12 -23.01
CA VAL A 295 -22.97 8.74 -24.01
C VAL A 295 -22.92 10.24 -23.79
N ALA A 296 -21.76 10.83 -24.04
CA ALA A 296 -21.66 12.31 -24.02
C ALA A 296 -22.50 12.83 -25.17
N SER A 297 -22.97 14.06 -25.05
CA SER A 297 -23.51 14.76 -26.22
C SER A 297 -22.45 14.77 -27.33
N THR A 298 -22.84 14.48 -28.57
CA THR A 298 -21.93 14.53 -29.73
C THR A 298 -21.24 15.89 -29.82
N VAL A 299 -22.02 16.96 -29.65
CA VAL A 299 -21.45 18.28 -29.49
C VAL A 299 -22.03 18.95 -28.24
N HIS A 300 -21.15 19.47 -27.39
CA HIS A 300 -21.56 20.15 -26.17
C HIS A 300 -21.98 21.56 -26.62
N THR A 301 -23.12 22.02 -26.17
CA THR A 301 -23.72 23.22 -26.78
C THR A 301 -23.55 24.49 -25.94
N LYS A 302 -23.01 24.35 -24.73
CA LYS A 302 -22.81 25.48 -23.82
C LYS A 302 -21.58 25.25 -22.92
N CYS A 303 -20.43 24.94 -23.53
CA CYS A 303 -19.21 24.76 -22.76
C CYS A 303 -18.71 26.09 -22.18
N LEU A 304 -18.06 26.03 -21.01
CA LEU A 304 -17.53 27.21 -20.37
C LEU A 304 -16.62 28.00 -21.31
N ILE A 305 -16.92 29.30 -21.43
CA ILE A 305 -16.01 30.29 -22.03
C ILE A 305 -15.72 31.31 -20.92
N GLU A 306 -14.43 31.53 -20.62
CA GLU A 306 -14.07 32.34 -19.44
C GLU A 306 -14.72 33.71 -19.43
N THR A 307 -14.81 34.31 -20.62
CA THR A 307 -15.39 35.64 -20.80
C THR A 307 -16.87 35.76 -20.43
N ASP A 308 -17.58 34.64 -20.27
CA ASP A 308 -19.00 34.64 -19.85
C ASP A 308 -19.17 34.71 -18.31
N LEU A 309 -18.07 34.49 -17.59
CA LEU A 309 -18.07 34.58 -16.13
C LEU A 309 -18.05 36.02 -15.65
N HIS A 310 -18.85 36.31 -14.65
CA HIS A 310 -18.85 37.61 -14.00
C HIS A 310 -18.95 37.46 -12.49
N PRO A 311 -18.16 38.25 -11.75
CA PRO A 311 -18.21 38.19 -10.31
C PRO A 311 -19.61 38.52 -9.82
N LEU A 312 -19.98 37.93 -8.72
CA LEU A 312 -21.29 38.15 -8.12
C LEU A 312 -21.27 39.49 -7.41
N SER A 313 -20.12 39.79 -6.83
CA SER A 313 -19.89 41.07 -6.20
C SER A 313 -19.58 42.10 -7.26
N ARG A 314 -19.48 43.37 -6.87
CA ARG A 314 -19.10 44.45 -7.77
C ARG A 314 -17.61 44.72 -7.74
N ASN A 315 -16.84 43.68 -8.02
CA ASN A 315 -15.40 43.76 -8.03
C ASN A 315 -14.86 44.78 -9.01
N GLY A 316 -15.46 44.84 -10.21
CA GLY A 316 -15.01 45.72 -11.26
C GLY A 316 -13.59 45.39 -11.67
N VAL A 317 -12.83 46.42 -12.01
CA VAL A 317 -11.45 46.29 -12.47
C VAL A 317 -10.69 47.52 -11.99
N PRO A 318 -9.49 47.33 -11.41
CA PRO A 318 -8.68 48.50 -11.09
C PRO A 318 -8.07 49.20 -12.32
N GLY A 319 -7.84 50.51 -12.18
CA GLY A 319 -7.08 51.28 -13.15
C GLY A 319 -7.87 51.95 -14.26
N ASN A 320 -7.29 52.01 -15.44
CA ASN A 320 -7.90 52.71 -16.55
C ASN A 320 -8.33 51.74 -17.64
N PRO A 321 -9.41 52.08 -18.37
CA PRO A 321 -9.94 51.14 -19.37
C PRO A 321 -9.20 51.19 -20.71
N HIS A 322 -7.91 50.87 -20.68
CA HIS A 322 -7.05 50.78 -21.88
C HIS A 322 -5.74 50.12 -21.46
N GLN A 323 -5.07 49.45 -22.40
CA GLN A 323 -3.86 48.68 -22.06
C GLN A 323 -2.65 49.52 -21.67
N GLY A 324 -2.28 49.42 -20.39
CA GLY A 324 -1.32 50.33 -19.80
C GLY A 324 -1.99 51.21 -18.76
N GLY A 325 -3.33 51.13 -18.68
CA GLY A 325 -4.12 51.91 -17.72
C GLY A 325 -3.90 51.53 -16.26
N ALA A 326 -2.63 51.33 -15.89
CA ALA A 326 -2.20 50.97 -14.53
C ALA A 326 -0.96 51.77 -14.12
N ASP A 327 -0.69 51.80 -12.81
CA ASP A 327 0.48 52.47 -12.27
C ASP A 327 1.78 51.76 -12.68
N CYS A 328 1.78 50.44 -12.63
CA CYS A 328 2.96 49.68 -13.02
CA CYS A 328 2.95 49.67 -13.01
C CYS A 328 2.57 48.55 -13.96
N ASN A 329 2.63 48.85 -15.26
CA ASN A 329 2.19 47.96 -16.29
C ASN A 329 3.33 47.15 -16.83
N LEU A 330 3.10 45.86 -16.95
CA LEU A 330 4.18 44.97 -17.29
C LEU A 330 3.73 44.11 -18.44
N ASN A 331 4.72 43.67 -19.18
CA ASN A 331 4.50 42.81 -20.29
C ASN A 331 5.67 41.86 -20.23
N LEU A 332 5.40 40.62 -19.85
CA LEU A 332 6.47 39.63 -19.63
C LEU A 332 6.74 38.87 -20.91
N SER A 333 8.02 38.63 -21.20
CA SER A 333 8.41 37.86 -22.37
C SER A 333 8.62 36.43 -21.93
N LEU A 334 7.64 35.60 -22.28
CA LEU A 334 7.62 34.20 -21.86
C LEU A 334 8.17 33.34 -22.97
N GLY A 335 9.33 32.72 -22.72
CA GLY A 335 10.00 31.92 -23.71
C GLY A 335 10.23 30.48 -23.29
N PHE A 336 10.55 29.64 -24.26
CA PHE A 336 11.03 28.30 -24.01
C PHE A 336 12.10 28.06 -25.05
N ALA A 337 13.18 27.42 -24.62
CA ALA A 337 14.21 27.05 -25.54
C ALA A 337 15.13 26.09 -24.84
N CYS A 338 15.63 25.11 -25.58
CA CYS A 338 16.63 24.17 -25.07
C CYS A 338 16.24 23.55 -23.73
N GLY A 339 14.99 23.09 -23.61
CA GLY A 339 14.54 22.44 -22.36
C GLY A 339 14.24 23.32 -21.16
N ASN A 340 14.42 24.65 -21.27
CA ASN A 340 14.11 25.59 -20.17
C ASN A 340 13.19 26.72 -20.58
N PHE A 341 12.34 27.12 -19.62
CA PHE A 341 11.45 28.26 -19.79
C PHE A 341 12.12 29.49 -19.23
N VAL A 342 11.83 30.64 -19.82
CA VAL A 342 12.37 31.90 -19.31
C VAL A 342 11.24 32.89 -19.15
N ILE A 343 11.42 33.81 -18.20
CA ILE A 343 10.59 34.98 -18.11
C ILE A 343 11.56 36.16 -18.21
N ASN A 344 11.40 36.96 -19.26
CA ASN A 344 12.35 38.04 -19.57
C ASN A 344 13.78 37.52 -19.64
N GLY A 345 13.98 36.41 -20.36
CA GLY A 345 15.30 35.87 -20.63
C GLY A 345 15.94 35.06 -19.53
N VAL A 346 15.32 35.07 -18.35
CA VAL A 346 15.86 34.33 -17.19
C VAL A 346 14.98 33.16 -16.83
N SER A 347 15.62 32.01 -16.68
CA SER A 347 15.03 30.77 -16.19
C SER A 347 15.15 30.75 -14.65
N PHE A 348 14.05 30.46 -13.96
CA PHE A 348 14.12 30.45 -12.51
C PHE A 348 14.90 29.25 -12.02
N THR A 349 15.89 29.50 -11.19
CA THR A 349 16.53 28.43 -10.45
C THR A 349 16.66 28.90 -9.02
N PRO A 350 16.05 28.13 -8.06
CA PRO A 350 15.92 28.47 -6.66
C PRO A 350 17.22 29.01 -6.04
N PRO A 351 17.12 30.10 -5.28
CA PRO A 351 18.30 30.65 -4.61
C PRO A 351 18.64 29.85 -3.35
N THR A 352 19.92 29.83 -2.97
CA THR A 352 20.37 29.19 -1.72
C THR A 352 19.65 29.75 -0.51
N VAL A 353 19.51 31.07 -0.47
CA VAL A 353 18.81 31.72 0.63
C VAL A 353 17.43 32.14 0.12
N PRO A 354 16.34 31.73 0.81
CA PRO A 354 15.00 32.13 0.33
C PRO A 354 14.92 33.62 0.12
N VAL A 355 14.11 34.04 -0.86
CA VAL A 355 13.89 35.47 -1.10
C VAL A 355 13.57 36.23 0.20
N LEU A 356 12.62 35.73 1.00
CA LEU A 356 12.15 36.43 2.21
C LEU A 356 13.25 36.63 3.26
N LEU A 357 13.95 35.57 3.62
CA LEU A 357 15.16 35.66 4.46
C LEU A 357 16.18 36.73 3.94
N GLN A 358 16.35 36.81 2.61
CA GLN A 358 17.25 37.83 1.99
C GLN A 358 16.78 39.24 2.35
N ILE A 359 15.48 39.45 2.24
CA ILE A 359 14.85 40.70 2.60
C ILE A 359 14.96 40.95 4.12
N CYS A 360 14.62 39.92 4.90
CA CYS A 360 14.70 39.99 6.36
C CYS A 360 16.12 40.37 6.80
N SER A 361 17.13 39.86 6.09
CA SER A 361 18.54 40.14 6.33
C SER A 361 19.03 41.52 5.87
N GLY A 362 18.15 42.34 5.30
CA GLY A 362 18.53 43.70 4.88
C GLY A 362 18.54 44.06 3.40
N ALA A 363 18.22 43.13 2.49
CA ALA A 363 18.05 43.50 1.08
C ALA A 363 16.89 44.48 0.94
N ASN A 364 17.02 45.44 0.01
CA ASN A 364 16.06 46.55 -0.16
C ASN A 364 15.43 46.68 -1.53
N THR A 365 16.06 46.06 -2.53
CA THR A 365 15.66 46.25 -3.92
C THR A 365 15.76 44.92 -4.64
N ALA A 366 15.15 44.82 -5.82
CA ALA A 366 15.23 43.61 -6.62
C ALA A 366 16.66 43.35 -7.05
N ALA A 367 17.41 44.44 -7.29
CA ALA A 367 18.82 44.37 -7.66
C ALA A 367 19.63 43.72 -6.56
N ASP A 368 19.23 43.97 -5.32
CA ASP A 368 19.90 43.33 -4.18
C ASP A 368 19.58 41.84 -4.03
N LEU A 369 18.57 41.35 -4.75
CA LEU A 369 17.99 40.03 -4.49
C LEU A 369 18.44 38.94 -5.46
N LEU A 370 18.62 37.74 -4.94
CA LEU A 370 18.95 36.62 -5.79
C LEU A 370 17.68 35.77 -5.93
N PRO A 371 17.53 35.05 -7.06
CA PRO A 371 18.47 34.93 -8.18
C PRO A 371 18.47 36.20 -9.05
N SER A 372 19.61 36.55 -9.62
CA SER A 372 19.66 37.75 -10.47
C SER A 372 18.71 37.65 -11.65
N GLY A 373 17.90 38.68 -11.82
CA GLY A 373 16.97 38.76 -12.95
C GLY A 373 15.70 37.95 -12.77
N SER A 374 15.50 37.38 -11.58
CA SER A 374 14.35 36.52 -11.31
C SER A 374 13.40 37.21 -10.34
N VAL A 375 13.69 38.49 -10.04
CA VAL A 375 12.90 39.28 -9.09
C VAL A 375 12.57 40.65 -9.68
N ILE A 376 11.32 41.04 -9.48
CA ILE A 376 10.79 42.32 -9.92
C ILE A 376 10.09 42.95 -8.73
N SER A 377 10.57 44.13 -8.31
CA SER A 377 9.92 44.86 -7.24
C SER A 377 8.63 45.50 -7.66
N LEU A 378 7.66 45.53 -6.76
CA LEU A 378 6.43 46.27 -7.00
C LEU A 378 6.32 47.26 -5.87
N PRO A 379 5.87 48.50 -6.18
CA PRO A 379 5.61 49.46 -5.14
C PRO A 379 4.27 49.17 -4.52
N SER A 380 4.09 49.61 -3.29
CA SER A 380 2.85 49.43 -2.54
C SER A 380 1.68 50.24 -3.13
N ASN A 381 0.45 49.96 -2.69
CA ASN A 381 -0.83 50.56 -3.17
C ASN A 381 -0.85 51.06 -4.61
N SER A 382 -0.41 50.19 -5.52
CA SER A 382 -0.36 50.51 -6.94
C SER A 382 -1.17 49.51 -7.77
N THR A 383 -1.83 50.01 -8.80
CA THR A 383 -2.52 49.14 -9.75
C THR A 383 -1.49 48.51 -10.68
N ILE A 384 -1.36 47.19 -10.60
CA ILE A 384 -0.46 46.45 -11.47
C ILE A 384 -1.24 45.87 -12.64
N GLU A 385 -0.63 45.89 -13.83
CA GLU A 385 -1.16 45.14 -14.96
C GLU A 385 -0.07 44.21 -15.44
N ILE A 386 -0.42 42.94 -15.66
CA ILE A 386 0.56 42.01 -16.23
C ILE A 386 -0.02 41.36 -17.47
N ALA A 387 0.53 41.73 -18.63
CA ALA A 387 0.23 41.03 -19.86
C ALA A 387 1.13 39.82 -19.96
N LEU A 388 0.56 38.69 -20.40
CA LEU A 388 1.28 37.41 -20.47
C LEU A 388 1.07 36.74 -21.83
N PRO A 389 1.62 37.37 -22.90
CA PRO A 389 1.50 36.89 -24.27
C PRO A 389 2.07 35.49 -24.48
N ALA A 390 1.24 34.59 -24.98
CA ALA A 390 1.63 33.20 -25.17
C ALA A 390 2.36 32.93 -26.48
N GLY A 391 2.75 31.67 -26.68
CA GLY A 391 3.56 31.27 -27.82
C GLY A 391 4.62 30.29 -27.37
N ALA A 392 5.09 30.41 -26.15
CA ALA A 392 6.13 29.50 -25.66
C ALA A 392 5.68 28.04 -25.64
N ALA A 393 6.56 27.15 -26.07
CA ALA A 393 6.30 25.71 -26.14
C ALA A 393 5.34 25.18 -25.07
N GLY A 394 4.33 24.45 -25.55
CA GLY A 394 3.12 23.98 -24.88
C GLY A 394 2.79 24.06 -23.42
N GLY A 395 1.76 24.83 -23.04
CA GLY A 395 0.87 25.52 -23.93
C GLY A 395 -0.32 24.58 -24.02
N PRO A 396 -1.51 25.00 -23.49
CA PRO A 396 -1.75 26.29 -22.82
C PRO A 396 -1.31 26.28 -21.35
N HIS A 397 -0.58 27.35 -20.98
CA HIS A 397 0.01 27.50 -19.68
C HIS A 397 -0.95 28.20 -18.73
N PRO A 398 -1.21 27.57 -17.58
CA PRO A 398 -1.99 28.18 -16.54
C PRO A 398 -1.08 28.95 -15.53
N PHE A 399 -1.02 30.27 -15.68
CA PHE A 399 -0.25 31.07 -14.75
C PHE A 399 -0.98 31.38 -13.45
N HIS A 400 -0.21 31.35 -12.36
CA HIS A 400 -0.75 31.60 -11.04
C HIS A 400 0.12 32.61 -10.32
N LEU A 401 -0.54 33.51 -9.59
CA LEU A 401 0.11 34.51 -8.75
C LEU A 401 -0.20 34.21 -7.27
N HIS A 402 0.83 34.05 -6.43
CA HIS A 402 0.61 33.85 -4.99
C HIS A 402 0.17 35.18 -4.35
N GLY A 403 -0.40 35.08 -3.16
CA GLY A 403 -0.76 36.24 -2.36
C GLY A 403 -1.85 37.13 -2.93
N HIS A 404 -2.42 36.75 -4.06
CA HIS A 404 -3.42 37.57 -4.73
C HIS A 404 -4.37 36.80 -5.61
N ASP A 405 -5.50 37.41 -5.86
CA ASP A 405 -6.32 37.04 -6.98
C ASP A 405 -6.22 38.24 -7.93
N PHE A 406 -6.98 38.23 -9.01
CA PHE A 406 -6.76 39.23 -10.07
C PHE A 406 -7.88 39.24 -11.09
N ALA A 407 -8.18 40.41 -11.61
CA ALA A 407 -9.10 40.56 -12.73
C ALA A 407 -8.46 39.99 -13.98
N VAL A 408 -9.20 39.15 -14.69
CA VAL A 408 -8.74 38.64 -15.98
C VAL A 408 -9.23 39.61 -17.03
N SER A 409 -8.42 40.63 -17.34
CA SER A 409 -8.89 41.69 -18.22
C SER A 409 -9.01 41.15 -19.64
N GLU A 410 -8.12 40.22 -19.99
CA GLU A 410 -8.21 39.57 -21.28
C GLU A 410 -7.97 38.09 -21.15
N SER A 411 -8.95 37.30 -21.59
CA SER A 411 -8.90 35.82 -21.58
C SER A 411 -8.33 35.20 -22.88
N ALA A 412 -8.04 33.90 -22.81
CA ALA A 412 -7.58 33.10 -23.94
C ALA A 412 -8.57 33.15 -25.13
N SER A 413 -8.00 33.03 -26.35
CA SER A 413 -8.72 32.90 -27.64
C SER A 413 -9.67 34.02 -27.93
N ASN A 414 -9.34 35.20 -27.42
CA ASN A 414 -10.18 36.38 -27.49
C ASN A 414 -9.38 37.64 -27.20
N SER A 415 -9.26 38.49 -28.23
CA SER A 415 -8.41 39.68 -28.12
C SER A 415 -9.14 40.95 -27.66
N THR A 416 -10.39 40.80 -27.22
CA THR A 416 -11.16 41.91 -26.66
C THR A 416 -10.93 41.94 -25.16
N SER A 417 -10.52 43.09 -24.62
CA SER A 417 -10.35 43.23 -23.20
C SER A 417 -11.65 43.57 -22.49
N ASN A 418 -11.73 43.24 -21.19
CA ASN A 418 -12.91 43.54 -20.40
C ASN A 418 -12.48 44.33 -19.19
N TYR A 419 -12.82 45.63 -19.20
CA TYR A 419 -12.46 46.54 -18.11
C TYR A 419 -13.68 46.96 -17.31
N ASP A 420 -14.80 46.27 -17.52
CA ASP A 420 -16.01 46.49 -16.70
C ASP A 420 -16.15 45.42 -15.64
N ASP A 421 -16.42 44.19 -16.09
CA ASP A 421 -16.87 43.13 -15.19
C ASP A 421 -16.29 41.74 -15.45
N PRO A 422 -14.98 41.65 -15.81
CA PRO A 422 -14.41 40.31 -15.96
C PRO A 422 -14.34 39.56 -14.64
N ILE A 423 -14.40 38.23 -14.72
CA ILE A 423 -14.26 37.39 -13.54
C ILE A 423 -12.88 37.67 -12.91
N TRP A 424 -12.80 37.59 -11.58
CA TRP A 424 -11.52 37.55 -10.88
C TRP A 424 -11.12 36.09 -10.54
N ARG A 425 -9.85 35.73 -10.70
CA ARG A 425 -9.42 34.38 -10.28
C ARG A 425 -7.96 34.37 -9.78
N ASP A 426 -7.34 33.20 -9.65
CA ASP A 426 -5.95 33.15 -9.19
C ASP A 426 -5.05 32.34 -10.10
N VAL A 427 -5.68 31.56 -10.99
CA VAL A 427 -4.98 30.78 -11.99
C VAL A 427 -5.75 30.90 -13.30
N VAL A 428 -5.06 31.34 -14.36
CA VAL A 428 -5.70 31.65 -15.64
C VAL A 428 -4.87 31.03 -16.76
N SER A 429 -5.52 30.42 -17.76
CA SER A 429 -4.80 29.94 -18.94
C SER A 429 -4.37 31.13 -19.79
N ILE A 430 -3.15 31.14 -20.28
CA ILE A 430 -2.71 32.27 -21.14
C ILE A 430 -2.99 32.01 -22.61
N GLY A 431 -3.69 30.91 -22.88
CA GLY A 431 -4.17 30.59 -24.19
C GLY A 431 -3.09 30.18 -25.16
N GLY A 432 -3.19 30.72 -26.36
CA GLY A 432 -2.38 30.25 -27.47
C GLY A 432 -1.65 31.39 -28.18
N VAL A 433 -0.75 31.01 -29.09
CA VAL A 433 0.09 31.97 -29.82
C VAL A 433 -0.78 33.09 -30.37
N GLY A 434 -0.43 34.33 -30.01
CA GLY A 434 -1.15 35.51 -30.48
C GLY A 434 -2.15 36.04 -29.46
N ASP A 435 -2.37 35.28 -28.40
CA ASP A 435 -3.24 35.76 -27.35
C ASP A 435 -2.44 36.75 -26.54
N ASN A 436 -3.15 37.55 -25.77
CA ASN A 436 -2.47 38.46 -24.90
C ASN A 436 -3.23 38.54 -23.58
N VAL A 437 -3.40 37.38 -22.94
CA VAL A 437 -4.05 37.30 -21.64
C VAL A 437 -3.45 38.31 -20.67
N THR A 438 -4.32 39.07 -20.03
CA THR A 438 -3.86 40.16 -19.20
C THR A 438 -4.58 40.18 -17.86
N ILE A 439 -3.81 40.41 -16.79
CA ILE A 439 -4.37 40.45 -15.44
C ILE A 439 -4.07 41.78 -14.75
N ARG A 440 -4.86 42.12 -13.75
CA ARG A 440 -4.67 43.33 -12.99
C ARG A 440 -5.00 43.09 -11.53
N PHE A 441 -4.19 43.68 -10.65
CA PHE A 441 -4.45 43.65 -9.20
C PHE A 441 -3.92 44.90 -8.48
N CYS A 442 -4.23 45.05 -7.21
CA CYS A 442 -3.64 46.10 -6.40
C CYS A 442 -2.64 45.55 -5.38
N THR A 443 -1.47 46.20 -5.28
CA THR A 443 -0.49 45.81 -4.27
C THR A 443 -0.91 46.20 -2.84
N ASP A 444 -1.60 45.28 -2.18
CA ASP A 444 -2.05 45.54 -0.81
CA ASP A 444 -2.18 45.44 -0.85
C ASP A 444 -1.52 44.47 0.13
N ASN A 445 -0.43 43.81 -0.30
CA ASN A 445 0.09 42.66 0.42
C ASN A 445 1.63 42.51 0.35
N PRO A 446 2.36 43.19 1.27
CA PRO A 446 3.82 43.18 1.24
C PRO A 446 4.37 41.79 1.47
N GLY A 447 5.40 41.42 0.70
CA GLY A 447 5.97 40.07 0.66
C GLY A 447 6.44 39.70 -0.74
N PRO A 448 7.33 38.69 -0.86
CA PRO A 448 7.73 38.13 -2.15
C PRO A 448 6.74 37.07 -2.67
N TRP A 449 6.07 37.36 -3.78
CA TRP A 449 4.97 36.50 -4.26
C TRP A 449 5.38 35.82 -5.53
N PHE A 450 5.27 34.50 -5.55
CA PHE A 450 5.65 33.68 -6.68
C PHE A 450 4.65 33.87 -7.83
N LEU A 451 5.17 34.04 -9.04
CA LEU A 451 4.35 33.98 -10.26
C LEU A 451 4.92 32.91 -11.17
N HIS A 452 4.13 31.88 -11.42
CA HIS A 452 4.61 30.75 -12.19
C HIS A 452 3.52 30.02 -12.95
N CYS A 453 3.95 29.31 -13.99
CA CYS A 453 3.10 28.35 -14.64
C CYS A 453 2.83 27.27 -13.61
N HIS A 454 1.57 26.87 -13.54
CA HIS A 454 1.20 25.73 -12.70
C HIS A 454 1.37 24.36 -13.37
N ILE A 455 1.97 24.29 -14.56
CA ILE A 455 2.42 22.98 -15.00
C ILE A 455 3.74 22.75 -14.28
N ASP A 456 3.74 21.79 -13.36
CA ASP A 456 4.82 21.68 -12.37
C ASP A 456 6.15 21.33 -13.04
N TRP A 457 6.08 20.58 -14.14
CA TRP A 457 7.27 20.27 -14.90
C TRP A 457 7.81 21.56 -15.55
N HIS A 458 6.93 22.53 -15.78
CA HIS A 458 7.37 23.78 -16.38
C HIS A 458 7.95 24.67 -15.29
N LEU A 459 7.46 24.51 -14.07
CA LEU A 459 8.01 25.26 -12.95
C LEU A 459 9.42 24.76 -12.70
N ASP A 460 9.65 23.45 -12.68
CA ASP A 460 10.99 22.93 -12.41
C ASP A 460 11.95 23.31 -13.53
N ALA A 461 11.42 23.57 -14.74
CA ALA A 461 12.25 23.97 -15.88
C ALA A 461 12.39 25.51 -16.00
N GLY A 462 11.97 26.22 -14.95
CA GLY A 462 12.32 27.63 -14.78
C GLY A 462 11.25 28.67 -15.08
N PHE A 463 9.99 28.26 -15.22
CA PHE A 463 8.92 29.17 -15.68
C PHE A 463 8.32 29.98 -14.55
N ALA A 464 9.08 30.92 -14.00
CA ALA A 464 8.65 31.58 -12.77
C ALA A 464 9.46 32.84 -12.45
N ILE A 465 8.84 33.78 -11.75
CA ILE A 465 9.54 34.97 -11.19
C ILE A 465 8.87 35.33 -9.88
N VAL A 466 9.55 36.17 -9.11
CA VAL A 466 9.04 36.63 -7.84
C VAL A 466 8.71 38.12 -7.96
N PHE A 467 7.46 38.47 -7.65
CA PHE A 467 7.11 39.86 -7.47
C PHE A 467 7.42 40.19 -6.01
N ALA A 468 8.55 40.88 -5.78
CA ALA A 468 8.88 41.35 -4.43
C ALA A 468 8.10 42.61 -4.17
N GLU A 469 6.94 42.42 -3.57
CA GLU A 469 5.95 43.47 -3.37
C GLU A 469 6.31 44.25 -2.11
N ASP A 470 6.58 45.54 -2.29
CA ASP A 470 6.88 46.46 -1.16
C ASP A 470 8.01 45.87 -0.30
N ILE A 471 9.20 45.76 -0.91
CA ILE A 471 10.40 45.31 -0.18
C ILE A 471 10.64 46.05 1.14
N PRO A 472 10.67 47.41 1.14
CA PRO A 472 10.86 48.13 2.40
C PRO A 472 9.92 47.78 3.55
N ASN A 473 8.62 47.56 3.28
CA ASN A 473 7.70 47.30 4.40
C ASN A 473 7.57 45.79 4.73
N THR A 474 8.31 44.96 4.01
CA THR A 474 8.11 43.50 4.07
C THR A 474 8.37 42.91 5.49
N ALA A 475 9.45 43.36 6.14
CA ALA A 475 9.85 42.81 7.45
C ALA A 475 8.85 43.17 8.53
N SER A 476 8.43 44.43 8.50
CA SER A 476 7.48 44.98 9.43
C SER A 476 6.15 44.28 9.33
N ALA A 477 5.68 44.09 8.10
CA ALA A 477 4.37 43.49 7.86
C ALA A 477 4.27 41.99 8.18
N ASN A 478 5.40 41.28 8.12
CA ASN A 478 5.47 39.83 8.26
C ASN A 478 6.37 39.31 9.40
N PRO A 479 6.02 39.62 10.68
CA PRO A 479 6.90 39.06 11.73
C PRO A 479 6.94 37.54 11.66
N VAL A 480 8.15 36.98 11.71
CA VAL A 480 8.32 35.53 11.60
C VAL A 480 8.49 34.94 13.01
N PRO A 481 7.96 33.72 13.24
CA PRO A 481 8.18 32.97 14.47
C PRO A 481 9.59 32.34 14.41
N GLU A 482 10.12 31.93 15.56
CA GLU A 482 11.49 31.39 15.58
C GLU A 482 11.62 30.11 14.78
N ALA A 483 10.58 29.27 14.81
CA ALA A 483 10.54 28.03 14.01
C ALA A 483 10.83 28.30 12.54
N TRP A 484 10.36 29.42 12.00
CA TRP A 484 10.72 29.77 10.61
C TRP A 484 12.20 30.15 10.46
N SER A 485 12.71 30.98 11.38
CA SER A 485 14.14 31.28 11.38
C SER A 485 14.97 30.00 11.48
N ASN A 486 14.45 28.98 12.17
CA ASN A 486 15.17 27.71 12.36
C ASN A 486 15.28 26.84 11.11
N LEU A 487 14.44 27.13 10.11
CA LEU A 487 14.32 26.24 8.92
C LEU A 487 15.58 26.15 8.10
N CYS A 488 16.11 27.30 7.74
CA CYS A 488 17.24 27.35 6.82
C CYS A 488 18.54 26.76 7.42
N PRO A 489 18.84 27.07 8.70
CA PRO A 489 19.99 26.48 9.40
C PRO A 489 19.93 24.96 9.50
N SER A 490 18.76 24.41 9.84
CA SER A 490 18.55 22.96 9.78
C SER A 490 18.77 22.38 8.40
N TYR A 491 18.10 22.95 7.42
CA TYR A 491 18.14 22.42 6.06
C TYR A 491 19.59 22.46 5.57
N ASP A 492 20.24 23.61 5.76
CA ASP A 492 21.60 23.77 5.30
C ASP A 492 22.57 22.85 6.03
N SER A 493 22.37 22.66 7.33
CA SER A 493 23.18 21.70 8.11
C SER A 493 23.00 20.30 7.54
N ALA A 494 21.74 19.91 7.33
CA ALA A 494 21.41 18.58 6.83
C ALA A 494 21.96 18.29 5.43
N HIS A 495 22.25 19.33 4.66
CA HIS A 495 22.60 19.14 3.25
C HIS A 495 24.07 19.43 2.84
N VAL B 1 7.59 0.78 -16.99
CA VAL B 1 8.52 1.92 -16.80
C VAL B 1 9.98 1.44 -17.01
N GLN B 2 10.75 2.22 -17.75
CA GLN B 2 12.13 1.89 -18.03
C GLN B 2 13.14 2.93 -17.51
N ILE B 3 14.27 2.41 -17.07
CA ILE B 3 15.49 3.08 -16.64
C ILE B 3 16.47 1.97 -17.05
N GLY B 4 17.78 2.14 -17.18
CA GLY B 4 18.54 3.36 -17.14
C GLY B 4 19.03 3.67 -18.55
N PRO B 5 20.23 3.28 -18.98
CA PRO B 5 21.23 2.44 -18.31
C PRO B 5 22.00 3.11 -17.16
N VAL B 6 21.95 4.44 -17.09
CA VAL B 6 22.47 5.16 -15.92
C VAL B 6 21.30 5.54 -15.03
N THR B 7 21.30 5.07 -13.78
CA THR B 7 20.13 5.26 -12.94
C THR B 7 20.32 4.98 -11.47
N ASP B 8 19.47 5.65 -10.70
CA ASP B 8 19.27 5.34 -9.31
C ASP B 8 18.26 4.19 -9.17
N LEU B 9 18.48 3.33 -8.18
CA LEU B 9 17.54 2.29 -7.84
C LEU B 9 17.46 2.21 -6.32
N HIS B 10 16.32 2.65 -5.78
CA HIS B 10 16.13 2.69 -4.33
C HIS B 10 15.48 1.39 -3.85
N ILE B 11 16.01 0.80 -2.80
CA ILE B 11 15.45 -0.44 -2.31
C ILE B 11 14.70 -0.13 -1.05
N VAL B 12 13.38 -0.26 -1.11
CA VAL B 12 12.48 0.11 -0.02
C VAL B 12 11.55 -1.03 0.41
N ASN B 13 10.95 -0.89 1.59
CA ASN B 13 9.84 -1.73 1.98
C ASN B 13 8.52 -1.03 1.68
N ALA B 14 7.52 -1.82 1.30
CA ALA B 14 6.16 -1.31 1.10
C ALA B 14 5.27 -2.50 1.23
N ASP B 15 4.09 -2.30 1.78
CA ASP B 15 3.06 -3.30 1.64
C ASP B 15 2.39 -3.19 0.29
N ILE B 16 1.98 -4.34 -0.26
CA ILE B 16 1.35 -4.43 -1.57
C ILE B 16 0.31 -5.54 -1.57
N VAL B 17 -0.63 -5.45 -2.47
CA VAL B 17 -1.76 -6.36 -2.45
C VAL B 17 -2.04 -6.94 -3.85
N PRO B 18 -1.06 -7.60 -4.48
CA PRO B 18 -1.21 -7.90 -5.91
C PRO B 18 -2.34 -8.89 -6.25
N ASP B 19 -2.74 -9.71 -5.27
CA ASP B 19 -3.89 -10.61 -5.38
C ASP B 19 -5.01 -10.18 -4.44
N GLY B 20 -4.89 -8.96 -3.91
CA GLY B 20 -5.89 -8.39 -3.01
C GLY B 20 -5.63 -8.65 -1.54
N PHE B 21 -4.51 -9.31 -1.24
CA PHE B 21 -4.06 -9.59 0.14
C PHE B 21 -2.83 -8.74 0.48
N VAL B 22 -2.99 -7.71 1.32
CA VAL B 22 -1.86 -6.85 1.66
C VAL B 22 -0.81 -7.60 2.47
N ARG B 23 0.44 -7.49 2.04
CA ARG B 23 1.56 -7.96 2.84
C ARG B 23 2.80 -7.13 2.52
N PRO B 24 3.79 -7.19 3.41
CA PRO B 24 5.07 -6.50 3.28
C PRO B 24 5.90 -6.98 2.09
N ALA B 25 6.70 -6.08 1.55
CA ALA B 25 7.53 -6.46 0.42
C ALA B 25 8.84 -5.73 0.49
N VAL B 26 9.78 -6.19 -0.31
CA VAL B 26 11.05 -5.52 -0.50
C VAL B 26 11.05 -5.16 -1.98
N ASN B 27 11.09 -3.88 -2.31
CA ASN B 27 10.92 -3.45 -3.69
C ASN B 27 12.17 -2.80 -4.22
N ALA B 28 12.45 -3.07 -5.48
CA ALA B 28 13.47 -2.31 -6.18
C ALA B 28 12.70 -1.29 -7.01
N GLY B 29 13.00 -0.01 -6.83
CA GLY B 29 12.36 1.04 -7.63
C GLY B 29 10.91 1.36 -7.25
N GLY B 30 10.43 0.77 -6.16
CA GLY B 30 9.10 1.07 -5.63
C GLY B 30 7.86 0.40 -6.21
N THR B 31 8.09 -0.58 -7.08
CA THR B 31 7.04 -1.22 -7.86
C THR B 31 7.18 -2.76 -7.85
N PHE B 32 6.08 -3.49 -8.05
CA PHE B 32 6.23 -4.91 -8.30
C PHE B 32 5.60 -5.36 -9.62
N PRO B 33 6.43 -5.94 -10.51
CA PRO B 33 7.89 -6.13 -10.37
C PRO B 33 8.62 -4.79 -10.36
N GLY B 34 9.94 -4.82 -10.14
CA GLY B 34 10.74 -3.61 -10.17
C GLY B 34 10.70 -3.02 -11.57
N PRO B 35 11.10 -1.75 -11.74
CA PRO B 35 11.07 -1.14 -13.06
C PRO B 35 12.01 -1.88 -13.97
N VAL B 36 11.71 -1.87 -15.27
CA VAL B 36 12.59 -2.55 -16.23
C VAL B 36 13.88 -1.75 -16.34
N ILE B 37 15.01 -2.36 -16.05
CA ILE B 37 16.28 -1.72 -16.33
C ILE B 37 16.62 -2.05 -17.79
N ALA B 38 17.03 -1.04 -18.57
CA ALA B 38 17.34 -1.21 -20.00
C ALA B 38 18.44 -0.31 -20.57
N GLY B 39 19.04 -0.79 -21.67
CA GLY B 39 20.05 -0.08 -22.47
C GLY B 39 20.28 -0.77 -23.81
N ASN B 40 21.36 -0.40 -24.48
CA ASN B 40 21.70 -0.91 -25.82
C ASN B 40 22.94 -1.80 -25.68
N VAL B 41 23.10 -2.81 -26.56
CA VAL B 41 24.29 -3.67 -26.54
C VAL B 41 25.55 -2.83 -26.38
N GLY B 42 26.47 -3.27 -25.53
CA GLY B 42 27.73 -2.57 -25.36
C GLY B 42 27.70 -1.37 -24.42
N ASP B 43 26.52 -1.02 -23.92
CA ASP B 43 26.37 0.11 -23.00
C ASP B 43 27.04 -0.11 -21.64
N ASN B 44 27.63 0.96 -21.11
CA ASN B 44 28.02 1.02 -19.70
C ASN B 44 26.81 1.26 -18.79
N PHE B 45 26.45 0.24 -18.02
CA PHE B 45 25.40 0.37 -17.05
C PHE B 45 25.95 0.98 -15.79
N GLN B 46 25.26 1.99 -15.26
CA GLN B 46 25.65 2.55 -13.95
C GLN B 46 24.44 2.71 -13.04
N ILE B 47 24.30 1.75 -12.14
CA ILE B 47 23.06 1.62 -11.38
C ILE B 47 23.42 1.81 -9.95
N VAL B 48 22.99 2.94 -9.41
CA VAL B 48 23.31 3.28 -8.02
C VAL B 48 22.21 2.71 -7.15
N THR B 49 22.57 1.70 -6.36
CA THR B 49 21.61 1.02 -5.51
C THR B 49 21.60 1.66 -4.12
N PHE B 50 20.51 2.37 -3.80
CA PHE B 50 20.29 2.90 -2.45
C PHE B 50 19.48 1.91 -1.59
N ASN B 51 20.08 1.43 -0.51
CA ASN B 51 19.37 0.53 0.40
C ASN B 51 18.72 1.38 1.46
N GLN B 52 17.39 1.50 1.37
CA GLN B 52 16.56 2.18 2.38
C GLN B 52 15.64 1.22 3.16
N LEU B 53 16.07 -0.03 3.32
CA LEU B 53 15.19 -1.03 3.94
C LEU B 53 15.17 -0.93 5.45
N ILE B 54 14.01 -1.08 6.05
CA ILE B 54 13.90 -1.08 7.50
C ILE B 54 13.25 -2.29 8.13
N GLU B 55 12.54 -3.07 7.32
CA GLU B 55 11.71 -4.14 7.90
C GLU B 55 12.57 -5.40 8.01
N CYS B 56 13.05 -5.66 9.22
CA CYS B 56 13.97 -6.78 9.48
C CYS B 56 13.37 -8.12 9.14
N SER B 57 12.04 -8.19 9.14
CA SER B 57 11.30 -9.41 8.82
C SER B 57 11.70 -9.97 7.47
N MET B 58 12.19 -9.09 6.60
CA MET B 58 12.65 -9.47 5.28
C MET B 58 14.14 -9.18 5.06
N LEU B 59 14.84 -8.81 6.14
CA LEU B 59 16.27 -8.45 6.10
C LEU B 59 16.46 -7.04 5.55
N VAL B 60 17.37 -6.30 6.18
CA VAL B 60 17.66 -4.94 5.76
C VAL B 60 18.95 -4.81 4.95
N ASP B 61 19.72 -5.90 4.82
CA ASP B 61 20.81 -5.88 3.86
C ASP B 61 20.29 -6.36 2.54
N THR B 62 21.05 -6.10 1.49
CA THR B 62 20.66 -6.55 0.18
C THR B 62 21.88 -6.68 -0.73
N SER B 63 21.70 -7.32 -1.87
CA SER B 63 22.76 -7.49 -2.82
C SER B 63 22.04 -7.88 -4.07
N ILE B 64 22.40 -7.25 -5.19
CA ILE B 64 21.62 -7.39 -6.42
C ILE B 64 22.42 -8.06 -7.54
N HIS B 65 21.79 -9.06 -8.16
CA HIS B 65 22.37 -9.76 -9.29
C HIS B 65 21.68 -9.39 -10.59
N TRP B 66 22.49 -9.25 -11.64
CA TRP B 66 22.02 -8.93 -13.00
C TRP B 66 22.16 -10.22 -13.84
N HIS B 67 21.06 -10.96 -13.89
CA HIS B 67 21.06 -12.39 -14.22
C HIS B 67 21.24 -12.60 -15.70
N GLY B 68 22.30 -13.35 -16.05
CA GLY B 68 22.62 -13.59 -17.44
C GLY B 68 23.61 -12.61 -18.06
N GLU B 69 23.94 -11.53 -17.35
CA GLU B 69 25.04 -10.62 -17.68
C GLU B 69 26.37 -11.32 -17.43
N PHE B 70 27.26 -11.33 -18.43
CA PHE B 70 28.53 -12.02 -18.28
C PHE B 70 29.44 -11.41 -17.20
N GLN B 71 29.39 -10.09 -17.03
CA GLN B 71 30.23 -9.37 -16.06
C GLN B 71 31.75 -9.61 -16.21
N LYS B 72 32.26 -9.66 -17.44
CA LYS B 72 33.70 -9.92 -17.63
C LYS B 72 34.48 -8.68 -17.24
N GLY B 73 35.42 -8.83 -16.33
CA GLY B 73 36.19 -7.68 -15.82
C GLY B 73 35.53 -7.03 -14.63
N THR B 74 34.29 -7.40 -14.35
CA THR B 74 33.56 -6.76 -13.24
C THR B 74 32.89 -7.81 -12.41
N ASN B 75 33.62 -8.89 -12.13
CA ASN B 75 33.13 -9.97 -11.27
C ASN B 75 32.58 -9.44 -9.94
N TRP B 76 33.11 -8.31 -9.49
CA TRP B 76 32.74 -7.69 -8.21
C TRP B 76 31.31 -7.14 -8.21
N ALA B 77 30.80 -6.85 -9.42
CA ALA B 77 29.47 -6.32 -9.63
C ALA B 77 28.38 -7.40 -9.86
N ASP B 78 28.74 -8.68 -9.74
CA ASP B 78 27.83 -9.79 -10.10
C ASP B 78 26.65 -9.90 -9.14
N GLY B 79 26.90 -9.73 -7.85
CA GLY B 79 25.82 -9.71 -6.88
C GLY B 79 25.59 -10.82 -5.87
N PRO B 80 25.90 -12.10 -6.21
CA PRO B 80 25.64 -13.14 -5.21
C PRO B 80 26.36 -12.84 -3.91
N ALA B 81 25.60 -12.77 -2.82
CA ALA B 81 26.15 -12.49 -1.49
C ALA B 81 27.16 -13.55 -1.12
N PHE B 82 28.34 -13.10 -0.70
CA PHE B 82 29.40 -13.97 -0.16
C PHE B 82 30.10 -14.84 -1.22
N ILE B 83 29.77 -14.60 -2.49
CA ILE B 83 30.55 -15.11 -3.60
C ILE B 83 31.33 -13.94 -4.20
N THR B 84 30.66 -12.84 -4.49
CA THR B 84 31.31 -11.71 -5.14
C THR B 84 31.33 -10.43 -4.31
N GLN B 85 30.51 -10.38 -3.24
CA GLN B 85 30.47 -9.21 -2.37
C GLN B 85 29.90 -9.53 -0.99
N CYS B 86 30.16 -8.63 -0.04
CA CYS B 86 29.36 -8.54 1.16
C CYS B 86 28.08 -7.75 0.84
N PRO B 87 26.95 -8.08 1.48
CA PRO B 87 25.72 -7.31 1.25
C PRO B 87 25.86 -5.82 1.48
N ILE B 88 24.96 -5.05 0.89
CA ILE B 88 24.85 -3.63 1.18
C ILE B 88 24.00 -3.50 2.43
N ILE B 89 24.47 -2.76 3.43
CA ILE B 89 23.68 -2.56 4.65
C ILE B 89 22.75 -1.34 4.52
N VAL B 90 21.74 -1.25 5.37
CA VAL B 90 20.75 -0.18 5.22
C VAL B 90 21.34 1.23 5.48
N GLY B 91 20.83 2.23 4.74
CA GLY B 91 21.34 3.61 4.74
C GLY B 91 22.54 3.84 3.83
N ASN B 92 23.10 2.76 3.27
CA ASN B 92 24.24 2.83 2.35
C ASN B 92 23.85 2.58 0.91
N SER B 93 24.67 3.09 -0.01
CA SER B 93 24.51 2.84 -1.44
C SER B 93 25.76 2.22 -2.06
N PHE B 94 25.57 1.55 -3.19
CA PHE B 94 26.66 0.95 -3.92
C PHE B 94 26.39 1.13 -5.42
N SER B 95 27.46 1.41 -6.18
CA SER B 95 27.38 1.62 -7.63
C SER B 95 27.79 0.38 -8.40
N TYR B 96 26.81 -0.31 -8.97
CA TYR B 96 27.10 -1.42 -9.90
C TYR B 96 27.38 -0.83 -11.30
N ASN B 97 28.65 -0.77 -11.67
CA ASN B 97 29.05 -0.15 -12.94
C ASN B 97 29.69 -1.16 -13.80
N PHE B 98 29.05 -1.48 -14.91
CA PHE B 98 29.54 -2.58 -15.70
C PHE B 98 29.10 -2.41 -17.11
N ASN B 99 29.62 -3.26 -17.98
CA ASN B 99 29.36 -3.14 -19.40
C ASN B 99 28.69 -4.41 -19.94
N VAL B 100 27.97 -4.28 -21.07
CA VAL B 100 27.31 -5.43 -21.69
C VAL B 100 27.78 -5.73 -23.13
N PRO B 101 29.10 -5.89 -23.35
CA PRO B 101 29.61 -6.21 -24.70
C PRO B 101 29.10 -7.56 -25.25
N GLY B 102 28.86 -7.61 -26.55
CA GLY B 102 28.45 -8.85 -27.20
C GLY B 102 27.18 -9.53 -26.68
N MET B 103 26.38 -8.83 -25.87
CA MET B 103 25.10 -9.37 -25.35
C MET B 103 23.95 -8.46 -25.68
N ALA B 104 22.84 -9.06 -26.11
CA ALA B 104 21.57 -8.38 -26.22
C ALA B 104 20.49 -9.45 -26.08
N GLY B 105 19.50 -9.15 -25.27
CA GLY B 105 18.28 -9.94 -25.23
C GLY B 105 17.49 -9.53 -24.02
N THR B 106 16.75 -10.49 -23.51
CA THR B 106 15.91 -10.33 -22.35
C THR B 106 16.52 -10.96 -21.11
N TYR B 107 16.71 -10.14 -20.10
CA TYR B 107 17.29 -10.54 -18.82
C TYR B 107 16.42 -10.14 -17.62
N TRP B 108 16.96 -10.23 -16.43
CA TRP B 108 16.33 -9.69 -15.24
C TRP B 108 17.31 -9.50 -14.12
N TYR B 109 16.82 -8.81 -13.10
CA TYR B 109 17.60 -8.57 -11.90
C TYR B 109 16.81 -8.99 -10.66
N HIS B 110 17.54 -9.45 -9.66
CA HIS B 110 16.95 -9.95 -8.44
C HIS B 110 17.94 -9.91 -7.29
N SER B 111 17.37 -9.79 -6.08
CA SER B 111 18.16 -9.95 -4.87
C SER B 111 18.87 -11.29 -4.93
N HIS B 112 20.13 -11.28 -4.50
CA HIS B 112 20.91 -12.53 -4.49
C HIS B 112 21.49 -12.71 -3.09
N LEU B 113 20.65 -12.37 -2.11
CA LEU B 113 20.90 -12.59 -0.69
C LEU B 113 19.73 -13.38 -0.14
N THR B 114 20.06 -14.58 0.35
CA THR B 114 19.10 -15.50 0.97
C THR B 114 17.91 -15.68 0.02
N THR B 115 16.69 -15.44 0.48
CA THR B 115 15.49 -15.71 -0.31
C THR B 115 14.72 -14.42 -0.53
N GLN B 116 15.45 -13.32 -0.47
CA GLN B 116 14.88 -11.98 -0.43
C GLN B 116 14.16 -11.58 -1.74
N TYR B 117 14.63 -12.10 -2.89
CA TYR B 117 13.91 -11.80 -4.14
C TYR B 117 12.45 -12.26 -4.15
N CYS B 118 12.19 -13.38 -3.50
CA CYS B 118 10.83 -13.86 -3.33
C CYS B 118 9.97 -12.79 -2.68
N ASP B 119 10.53 -12.06 -1.71
CA ASP B 119 9.81 -11.00 -1.01
C ASP B 119 9.58 -9.73 -1.81
N GLY B 120 10.06 -9.68 -3.05
CA GLY B 120 9.64 -8.64 -3.96
C GLY B 120 10.68 -8.03 -4.88
N LEU B 121 11.95 -8.18 -4.52
CA LEU B 121 13.04 -7.51 -5.24
C LEU B 121 13.42 -8.35 -6.46
N ARG B 122 12.58 -8.24 -7.48
CA ARG B 122 12.81 -8.85 -8.79
C ARG B 122 12.25 -7.90 -9.85
N GLY B 123 12.92 -7.79 -10.98
CA GLY B 123 12.37 -6.97 -12.10
C GLY B 123 13.09 -7.26 -13.41
N PRO B 124 12.54 -6.78 -14.53
CA PRO B 124 13.10 -7.12 -15.84
C PRO B 124 14.34 -6.29 -16.21
N PHE B 125 15.21 -6.88 -17.03
CA PHE B 125 16.46 -6.26 -17.43
C PHE B 125 16.54 -6.49 -18.95
N VAL B 126 16.49 -5.42 -19.74
CA VAL B 126 16.45 -5.61 -21.19
C VAL B 126 17.58 -4.87 -21.88
N VAL B 127 18.34 -5.62 -22.69
CA VAL B 127 19.37 -5.02 -23.53
C VAL B 127 18.89 -5.08 -25.00
N TYR B 128 18.42 -3.93 -25.49
CA TYR B 128 18.01 -3.75 -26.88
C TYR B 128 19.20 -3.80 -27.83
N ASP B 129 18.95 -4.24 -29.05
CA ASP B 129 19.98 -4.31 -30.08
C ASP B 129 19.58 -3.40 -31.26
N PRO B 130 20.34 -2.30 -31.49
CA PRO B 130 19.92 -1.39 -32.57
C PRO B 130 19.93 -2.08 -33.92
N ASN B 131 20.70 -3.17 -34.06
CA ASN B 131 20.70 -3.96 -35.28
C ASN B 131 20.16 -5.40 -35.10
N ASP B 132 19.33 -5.57 -34.08
CA ASP B 132 18.76 -6.83 -33.77
C ASP B 132 18.42 -7.66 -35.03
N PRO B 133 19.06 -8.84 -35.19
CA PRO B 133 18.80 -9.68 -36.37
C PRO B 133 17.34 -10.10 -36.50
N ASP B 134 16.55 -9.86 -35.46
CA ASP B 134 15.15 -10.24 -35.47
C ASP B 134 14.17 -9.10 -35.71
N ALA B 135 14.65 -7.86 -35.78
CA ALA B 135 13.78 -6.68 -35.64
C ALA B 135 12.66 -6.59 -36.68
N ASN B 136 12.93 -7.05 -37.91
CA ASN B 136 11.96 -7.14 -39.00
C ASN B 136 10.75 -8.02 -38.68
N LEU B 137 10.88 -8.87 -37.65
CA LEU B 137 9.85 -9.90 -37.37
C LEU B 137 8.64 -9.36 -36.61
N TYR B 138 8.75 -8.14 -36.09
CA TYR B 138 7.65 -7.56 -35.30
C TYR B 138 7.59 -6.05 -35.51
N ASP B 139 6.44 -5.45 -35.19
CA ASP B 139 6.24 -4.00 -35.22
C ASP B 139 6.51 -3.30 -33.86
N VAL B 140 6.19 -3.96 -32.75
CA VAL B 140 6.20 -3.31 -31.44
C VAL B 140 7.10 -4.08 -30.46
N ASP B 141 8.11 -3.43 -29.87
CA ASP B 141 9.01 -4.05 -28.85
C ASP B 141 9.35 -3.05 -27.79
N ASP B 142 8.57 -3.04 -26.71
CA ASP B 142 8.75 -2.02 -25.72
C ASP B 142 8.25 -2.48 -24.37
N ASP B 143 8.24 -1.59 -23.39
CA ASP B 143 7.84 -1.93 -22.04
C ASP B 143 6.42 -2.49 -21.92
N THR B 144 5.56 -2.29 -22.93
CA THR B 144 4.23 -2.87 -22.93
C THR B 144 4.18 -4.28 -23.52
N THR B 145 5.32 -4.79 -23.97
CA THR B 145 5.38 -6.15 -24.53
C THR B 145 6.19 -7.08 -23.63
N ILE B 146 6.57 -6.56 -22.47
CA ILE B 146 7.27 -7.37 -21.51
C ILE B 146 6.22 -8.07 -20.68
N ILE B 147 6.35 -9.39 -20.51
CA ILE B 147 5.42 -10.17 -19.70
C ILE B 147 6.19 -10.89 -18.63
N THR B 148 5.96 -10.53 -17.36
CA THR B 148 6.58 -11.22 -16.26
C THR B 148 5.64 -12.26 -15.68
N LEU B 149 6.22 -13.40 -15.31
CA LEU B 149 5.52 -14.45 -14.61
C LEU B 149 6.15 -14.54 -13.22
N ALA B 150 5.32 -14.46 -12.18
CA ALA B 150 5.82 -14.41 -10.79
C ALA B 150 5.00 -15.26 -9.84
N ASP B 151 5.68 -16.03 -8.99
CA ASP B 151 5.02 -16.73 -7.88
C ASP B 151 4.92 -15.77 -6.74
N TRP B 152 3.78 -15.79 -6.06
CA TRP B 152 3.60 -14.87 -4.97
C TRP B 152 3.05 -15.57 -3.72
N TYR B 153 3.62 -15.22 -2.55
CA TYR B 153 3.43 -15.97 -1.28
C TYR B 153 2.79 -15.11 -0.21
N HIS B 154 1.86 -15.65 0.58
CA HIS B 154 1.26 -14.88 1.69
C HIS B 154 2.09 -14.95 2.97
N VAL B 155 3.06 -15.86 2.97
CA VAL B 155 3.98 -16.10 4.07
C VAL B 155 5.31 -15.43 3.70
N LEU B 156 5.86 -14.67 4.64
CA LEU B 156 7.12 -13.99 4.41
C LEU B 156 8.24 -15.01 4.15
N ALA B 157 9.11 -14.70 3.19
CA ALA B 157 10.28 -15.55 2.84
C ALA B 157 11.01 -16.17 4.04
N LYS B 158 11.50 -15.32 4.95
CA LYS B 158 12.30 -15.77 6.09
C LYS B 158 11.58 -16.72 7.06
N GLU B 159 10.24 -16.73 6.99
CA GLU B 159 9.40 -17.62 7.81
C GLU B 159 9.05 -18.98 7.14
N MET B 160 9.42 -19.16 5.88
CA MET B 160 9.31 -20.48 5.27
C MET B 160 10.54 -21.17 5.87
N GLY B 161 10.69 -22.49 5.73
CA GLY B 161 9.78 -23.38 5.06
C GLY B 161 9.91 -24.75 5.70
N ALA B 162 11.01 -25.47 5.42
CA ALA B 162 12.06 -25.07 4.50
C ALA B 162 13.41 -25.76 4.79
N GLY B 163 13.80 -26.80 4.04
CA GLY B 163 13.04 -27.38 2.94
C GLY B 163 12.68 -28.84 3.16
N GLY B 164 11.41 -29.13 3.43
CA GLY B 164 10.36 -28.15 3.42
C GLY B 164 9.87 -27.91 2.00
N ALA B 165 8.84 -28.66 1.59
CA ALA B 165 8.14 -28.31 0.36
C ALA B 165 7.36 -27.01 0.62
N ILE B 166 7.43 -26.11 -0.34
CA ILE B 166 6.88 -24.78 -0.18
C ILE B 166 6.04 -24.51 -1.41
N THR B 167 4.88 -23.89 -1.23
CA THR B 167 4.02 -23.60 -2.39
C THR B 167 3.46 -22.19 -2.32
N ALA B 168 3.36 -21.58 -3.48
CA ALA B 168 2.85 -20.23 -3.65
C ALA B 168 1.35 -20.09 -3.35
N ASP B 169 0.89 -18.86 -3.26
CA ASP B 169 -0.53 -18.57 -2.98
C ASP B 169 -1.21 -17.87 -4.14
N SER B 170 -0.43 -17.49 -5.15
CA SER B 170 -0.97 -16.90 -6.35
C SER B 170 0.09 -16.75 -7.44
N THR B 171 -0.39 -16.72 -8.69
CA THR B 171 0.43 -16.40 -9.85
C THR B 171 0.15 -14.97 -10.27
N LEU B 172 1.22 -14.22 -10.47
CA LEU B 172 1.10 -12.85 -10.90
C LEU B 172 1.68 -12.74 -12.29
N ILE B 173 0.87 -12.21 -13.19
CA ILE B 173 1.31 -11.89 -14.52
C ILE B 173 1.33 -10.39 -14.62
N ASP B 174 2.49 -9.85 -14.95
CA ASP B 174 2.69 -8.41 -14.91
C ASP B 174 2.23 -7.80 -13.57
N GLY B 175 2.49 -8.53 -12.48
CA GLY B 175 2.27 -8.00 -11.14
C GLY B 175 0.87 -8.14 -10.58
N LEU B 176 -0.06 -8.67 -11.37
CA LEU B 176 -1.43 -8.90 -10.90
C LEU B 176 -1.86 -10.34 -11.12
N GLY B 177 -2.61 -10.89 -10.17
CA GLY B 177 -3.12 -12.26 -10.31
C GLY B 177 -3.98 -12.56 -9.11
N ARG B 178 -4.81 -13.60 -9.19
CA ARG B 178 -5.74 -13.93 -8.12
C ARG B 178 -5.30 -15.11 -7.27
N THR B 179 -5.67 -15.08 -5.99
CA THR B 179 -5.17 -16.07 -5.03
C THR B 179 -5.70 -17.49 -5.32
N HIS B 180 -4.86 -18.52 -5.04
CA HIS B 180 -5.24 -19.92 -5.27
C HIS B 180 -6.34 -20.36 -4.26
N VAL B 181 -6.32 -19.83 -3.04
CA VAL B 181 -7.38 -20.23 -2.09
C VAL B 181 -8.34 -19.07 -1.75
N ASN B 182 -9.63 -19.38 -1.70
CA ASN B 182 -10.71 -18.39 -1.48
C ASN B 182 -10.50 -17.20 -2.36
N VAL B 183 -10.41 -17.48 -3.66
CA VAL B 183 -10.09 -16.48 -4.69
C VAL B 183 -11.07 -15.31 -4.68
N ALA B 184 -10.53 -14.09 -4.53
CA ALA B 184 -11.32 -12.85 -4.62
C ALA B 184 -11.17 -12.28 -6.00
N ALA B 185 -12.23 -11.63 -6.50
CA ALA B 185 -12.27 -11.12 -7.87
C ALA B 185 -11.49 -9.83 -7.98
N VAL B 186 -10.17 -9.96 -7.91
CA VAL B 186 -9.30 -8.80 -7.90
C VAL B 186 -8.85 -8.53 -9.34
N PRO B 187 -8.31 -7.31 -9.62
CA PRO B 187 -8.03 -6.90 -11.01
C PRO B 187 -6.92 -7.74 -11.65
N LEU B 188 -7.10 -8.06 -12.93
CA LEU B 188 -6.14 -8.83 -13.69
C LEU B 188 -5.41 -7.90 -14.65
N SER B 189 -4.18 -8.29 -14.97
CA SER B 189 -3.38 -7.61 -15.97
C SER B 189 -3.98 -7.79 -17.36
N VAL B 190 -3.87 -6.74 -18.17
CA VAL B 190 -4.36 -6.77 -19.53
C VAL B 190 -3.15 -6.47 -20.43
N ILE B 191 -3.06 -7.16 -21.57
CA ILE B 191 -2.10 -6.83 -22.59
C ILE B 191 -2.87 -6.52 -23.87
N THR B 192 -2.56 -5.39 -24.49
CA THR B 192 -3.36 -4.91 -25.60
C THR B 192 -2.61 -5.08 -26.92
N VAL B 193 -3.35 -5.56 -27.92
CA VAL B 193 -2.80 -5.68 -29.24
C VAL B 193 -3.80 -5.10 -30.25
N GLU B 194 -3.31 -4.73 -31.43
CA GLU B 194 -4.16 -4.23 -32.53
C GLU B 194 -4.05 -5.10 -33.76
N VAL B 195 -5.20 -5.40 -34.35
CA VAL B 195 -5.26 -6.23 -35.56
C VAL B 195 -4.19 -5.86 -36.58
N GLY B 196 -3.47 -6.89 -37.01
CA GLY B 196 -2.51 -6.77 -38.09
C GLY B 196 -1.14 -6.38 -37.64
N LYS B 197 -0.93 -6.21 -36.35
CA LYS B 197 0.41 -5.83 -35.87
C LYS B 197 1.10 -7.02 -35.23
N ARG B 198 2.43 -6.99 -35.22
CA ARG B 198 3.23 -8.08 -34.66
C ARG B 198 4.01 -7.57 -33.45
N TYR B 199 3.95 -8.33 -32.35
CA TYR B 199 4.57 -7.92 -31.09
C TYR B 199 5.68 -8.85 -30.67
N ARG B 200 6.83 -8.29 -30.30
CA ARG B 200 7.85 -9.04 -29.59
C ARG B 200 7.46 -9.08 -28.08
N MET B 201 6.87 -10.20 -27.65
CA MET B 201 6.59 -10.41 -26.23
C MET B 201 7.85 -10.95 -25.57
N ARG B 202 8.38 -10.23 -24.58
CA ARG B 202 9.53 -10.72 -23.83
C ARG B 202 9.02 -11.36 -22.56
N LEU B 203 8.93 -12.68 -22.57
CA LEU B 203 8.41 -13.48 -21.46
C LEU B 203 9.50 -13.75 -20.45
N VAL B 204 9.34 -13.20 -19.24
CA VAL B 204 10.37 -13.31 -18.21
C VAL B 204 9.83 -14.12 -17.03
N SER B 205 10.47 -15.26 -16.71
CA SER B 205 10.16 -15.91 -15.43
C SER B 205 10.97 -15.26 -14.32
N ILE B 206 10.29 -14.57 -13.41
CA ILE B 206 10.96 -14.01 -12.22
C ILE B 206 10.50 -14.82 -11.01
N SER B 207 10.19 -16.08 -11.29
CA SER B 207 9.70 -17.02 -10.29
C SER B 207 10.78 -17.46 -9.24
N CYS B 208 10.34 -17.64 -8.00
CA CYS B 208 11.18 -18.22 -6.95
C CYS B 208 11.22 -19.74 -6.96
N ASP B 209 10.27 -20.35 -7.66
CA ASP B 209 10.15 -21.80 -7.57
C ASP B 209 9.47 -22.42 -8.79
N PRO B 210 8.12 -22.21 -8.96
CA PRO B 210 7.43 -22.93 -10.00
C PRO B 210 7.89 -22.66 -11.42
N ASN B 211 7.82 -23.70 -12.26
CA ASN B 211 7.80 -23.52 -13.72
C ASN B 211 6.37 -23.31 -14.18
N TYR B 212 6.21 -22.61 -15.31
CA TYR B 212 4.87 -22.29 -15.81
C TYR B 212 4.61 -22.88 -17.20
N ASP B 213 3.42 -23.45 -17.40
CA ASP B 213 2.90 -23.76 -18.73
C ASP B 213 2.21 -22.48 -19.27
N PHE B 214 2.86 -21.81 -20.21
CA PHE B 214 2.36 -20.54 -20.73
C PHE B 214 1.76 -20.63 -22.13
N SER B 215 0.57 -20.04 -22.28
CA SER B 215 -0.15 -20.07 -23.54
C SER B 215 -1.14 -18.90 -23.60
N ILE B 216 -1.56 -18.53 -24.80
CA ILE B 216 -2.53 -17.45 -25.00
C ILE B 216 -3.63 -18.07 -25.86
N ASP B 217 -4.88 -18.09 -25.36
CA ASP B 217 -5.97 -18.74 -26.10
C ASP B 217 -6.01 -18.18 -27.48
N GLY B 218 -6.30 -19.03 -28.47
CA GLY B 218 -6.48 -18.63 -29.84
C GLY B 218 -5.27 -18.18 -30.63
N HIS B 219 -4.07 -18.26 -30.04
CA HIS B 219 -2.85 -17.71 -30.64
C HIS B 219 -1.63 -18.65 -30.60
N ASP B 220 -0.73 -18.47 -31.58
CA ASP B 220 0.53 -19.17 -31.67
C ASP B 220 1.58 -18.26 -31.11
N MET B 221 2.73 -18.82 -30.77
CA MET B 221 3.86 -18.01 -30.30
C MET B 221 5.12 -18.44 -31.04
N THR B 222 5.80 -17.49 -31.66
CA THR B 222 7.01 -17.81 -32.39
C THR B 222 8.25 -17.36 -31.65
N ILE B 223 8.93 -18.31 -31.03
CA ILE B 223 10.15 -18.05 -30.25
C ILE B 223 11.29 -17.59 -31.13
N ILE B 224 11.96 -16.51 -30.70
CA ILE B 224 13.04 -15.90 -31.48
C ILE B 224 14.26 -15.59 -30.58
N GLU B 225 14.13 -15.89 -29.29
CA GLU B 225 15.19 -15.62 -28.31
C GLU B 225 15.03 -16.53 -27.11
N THR B 226 16.14 -17.12 -26.64
CA THR B 226 16.11 -17.85 -25.38
C THR B 226 17.31 -17.51 -24.45
N ASP B 227 16.97 -17.04 -23.24
CA ASP B 227 17.96 -16.64 -22.24
C ASP B 227 19.05 -15.71 -22.85
N GLY B 228 18.62 -14.75 -23.66
CA GLY B 228 19.55 -13.82 -24.30
C GLY B 228 20.17 -14.31 -25.59
N VAL B 229 19.91 -15.57 -25.98
CA VAL B 229 20.51 -16.10 -27.20
C VAL B 229 19.47 -16.07 -28.32
N ASP B 230 19.82 -15.41 -29.42
CA ASP B 230 18.91 -15.37 -30.58
C ASP B 230 18.66 -16.76 -31.11
N SER B 231 17.39 -17.05 -31.45
CA SER B 231 17.00 -18.36 -31.92
C SER B 231 16.35 -18.35 -33.31
N GLN B 232 16.51 -19.44 -34.04
CA GLN B 232 15.71 -19.68 -35.23
C GLN B 232 14.23 -19.71 -34.83
N GLU B 233 13.37 -19.25 -35.71
CA GLU B 233 11.94 -19.19 -35.40
C GLU B 233 11.36 -20.57 -35.06
N LEU B 234 10.72 -20.65 -33.88
CA LEU B 234 10.05 -21.88 -33.46
C LEU B 234 8.61 -21.58 -32.99
N THR B 235 7.63 -21.97 -33.79
CA THR B 235 6.21 -21.72 -33.47
C THR B 235 5.65 -22.82 -32.58
N VAL B 236 5.13 -22.38 -31.43
CA VAL B 236 4.63 -23.26 -30.40
C VAL B 236 3.22 -22.84 -29.98
N ASP B 237 2.45 -23.74 -29.39
CA ASP B 237 1.17 -23.26 -28.83
C ASP B 237 1.19 -23.17 -27.29
N GLU B 238 2.27 -23.67 -26.70
CA GLU B 238 2.48 -23.61 -25.25
C GLU B 238 3.98 -23.52 -24.93
N ILE B 239 4.31 -22.87 -23.82
CA ILE B 239 5.68 -22.73 -23.42
C ILE B 239 5.80 -23.09 -21.96
N GLN B 240 6.46 -24.20 -21.67
CA GLN B 240 6.83 -24.50 -20.30
C GLN B 240 8.10 -23.72 -20.00
N ILE B 241 7.98 -22.75 -19.11
CA ILE B 241 9.10 -21.87 -18.77
C ILE B 241 9.54 -22.05 -17.32
N PHE B 242 10.82 -22.36 -17.11
CA PHE B 242 11.33 -22.66 -15.78
C PHE B 242 11.78 -21.36 -15.07
N ALA B 243 11.85 -21.37 -13.74
CA ALA B 243 12.33 -20.20 -12.97
C ALA B 243 13.61 -19.65 -13.56
N ALA B 244 13.61 -18.35 -13.87
CA ALA B 244 14.78 -17.57 -14.34
C ALA B 244 15.02 -17.59 -15.85
N GLN B 245 14.33 -18.48 -16.54
CA GLN B 245 14.37 -18.49 -17.98
C GLN B 245 13.66 -17.30 -18.62
N ARG B 246 14.01 -17.00 -19.86
CA ARG B 246 13.32 -15.94 -20.62
C ARG B 246 13.13 -16.36 -22.09
N TYR B 247 12.00 -15.99 -22.68
CA TYR B 247 11.76 -16.18 -24.12
C TYR B 247 11.21 -14.91 -24.72
N SER B 248 11.69 -14.52 -25.90
CA SER B 248 10.96 -13.55 -26.70
C SER B 248 10.16 -14.39 -27.67
N PHE B 249 8.87 -14.09 -27.78
CA PHE B 249 8.09 -14.67 -28.87
C PHE B 249 7.35 -13.61 -29.67
N VAL B 250 7.26 -13.82 -30.98
CA VAL B 250 6.42 -12.97 -31.81
C VAL B 250 4.94 -13.34 -31.61
N LEU B 251 4.11 -12.38 -31.29
CA LEU B 251 2.66 -12.59 -31.30
C LEU B 251 2.12 -11.83 -32.50
N ASN B 252 1.54 -12.56 -33.45
CA ASN B 252 0.87 -11.95 -34.60
C ASN B 252 -0.61 -11.71 -34.24
N ALA B 253 -1.06 -10.46 -34.14
CA ALA B 253 -2.45 -10.18 -33.74
C ALA B 253 -3.41 -10.33 -34.92
N ASN B 254 -3.65 -11.58 -35.30
CA ASN B 254 -4.33 -11.90 -36.56
C ASN B 254 -5.70 -12.58 -36.33
N GLN B 255 -6.18 -12.52 -35.10
CA GLN B 255 -7.41 -13.20 -34.74
C GLN B 255 -8.60 -12.21 -34.68
N PRO B 256 -9.85 -12.73 -34.71
CA PRO B 256 -11.00 -11.85 -34.63
C PRO B 256 -10.92 -10.97 -33.37
N VAL B 257 -11.05 -9.66 -33.55
CA VAL B 257 -11.05 -8.67 -32.45
C VAL B 257 -11.84 -9.18 -31.24
N GLY B 258 -11.20 -9.22 -30.08
CA GLY B 258 -11.86 -9.80 -28.92
C GLY B 258 -11.02 -9.96 -27.69
N ASN B 259 -11.50 -10.77 -26.77
CA ASN B 259 -10.77 -11.05 -25.55
C ASN B 259 -10.28 -12.50 -25.50
N TYR B 260 -9.01 -12.68 -25.14
CA TYR B 260 -8.46 -14.03 -25.10
C TYR B 260 -7.75 -14.21 -23.79
N TRP B 261 -7.98 -15.32 -23.11
CA TRP B 261 -7.25 -15.57 -21.86
C TRP B 261 -5.77 -15.82 -22.15
N ILE B 262 -4.90 -15.18 -21.36
CA ILE B 262 -3.48 -15.55 -21.24
C ILE B 262 -3.36 -16.50 -20.06
N ARG B 263 -2.62 -17.59 -20.25
CA ARG B 263 -2.60 -18.69 -19.32
C ARG B 263 -1.18 -18.99 -18.85
N ALA B 264 -1.04 -19.25 -17.55
CA ALA B 264 0.24 -19.56 -16.94
C ALA B 264 0.03 -20.47 -15.72
N ASN B 265 0.07 -21.78 -15.96
CA ASN B 265 -0.28 -22.77 -14.93
C ASN B 265 1.00 -23.27 -14.30
N PRO B 266 1.19 -23.00 -13.00
CA PRO B 266 2.38 -23.41 -12.27
C PRO B 266 2.38 -24.93 -12.03
N ASN B 267 3.56 -25.52 -11.82
CA ASN B 267 3.62 -26.96 -11.63
C ASN B 267 3.20 -27.39 -10.22
N SER B 268 3.20 -26.44 -9.28
CA SER B 268 2.57 -26.64 -7.95
C SER B 268 1.67 -25.43 -7.64
N GLY B 269 0.95 -25.49 -6.50
CA GLY B 269 -0.02 -24.42 -6.15
C GLY B 269 -1.35 -24.64 -6.89
N GLY B 270 -2.11 -23.58 -7.14
CA GLY B 270 -3.43 -23.73 -7.77
C GLY B 270 -3.39 -24.40 -9.12
N GLU B 271 -4.24 -25.42 -9.32
CA GLU B 271 -4.35 -26.03 -10.64
C GLU B 271 -5.57 -25.51 -11.40
N GLY B 272 -5.41 -25.21 -12.67
CA GLY B 272 -6.53 -24.70 -13.45
C GLY B 272 -6.75 -23.21 -13.31
N PHE B 273 -7.92 -22.75 -13.74
CA PHE B 273 -8.14 -21.35 -14.03
C PHE B 273 -9.48 -20.85 -13.48
N ASP B 274 -10.05 -21.57 -12.50
CA ASP B 274 -11.35 -21.16 -11.96
C ASP B 274 -11.23 -19.77 -11.31
N GLY B 275 -12.24 -18.92 -11.51
CA GLY B 275 -12.22 -17.57 -10.99
C GLY B 275 -11.15 -16.63 -11.57
N GLY B 276 -10.50 -17.05 -12.65
CA GLY B 276 -9.43 -16.25 -13.24
C GLY B 276 -8.07 -16.37 -12.59
N ILE B 277 -7.86 -17.40 -11.77
CA ILE B 277 -6.49 -17.62 -11.26
C ILE B 277 -5.58 -18.00 -12.42
N ASN B 278 -4.29 -17.84 -12.23
CA ASN B 278 -3.34 -18.24 -13.24
C ASN B 278 -3.65 -17.59 -14.62
N SER B 279 -4.13 -16.35 -14.62
CA SER B 279 -4.58 -15.72 -15.86
C SER B 279 -4.28 -14.23 -15.99
N ALA B 280 -4.14 -13.79 -17.24
CA ALA B 280 -4.22 -12.39 -17.60
C ALA B 280 -5.15 -12.35 -18.81
N ILE B 281 -5.32 -11.18 -19.40
CA ILE B 281 -6.23 -11.01 -20.52
C ILE B 281 -5.49 -10.37 -21.67
N LEU B 282 -5.56 -10.98 -22.84
CA LEU B 282 -5.09 -10.33 -24.07
C LEU B 282 -6.32 -9.68 -24.76
N ARG B 283 -6.35 -8.36 -24.87
CA ARG B 283 -7.45 -7.66 -25.50
C ARG B 283 -7.04 -7.01 -26.84
N TYR B 284 -7.86 -7.16 -27.89
CA TYR B 284 -7.68 -6.34 -29.12
C TYR B 284 -8.30 -4.97 -28.93
N ASP B 285 -7.61 -3.92 -29.40
CA ASP B 285 -8.18 -2.57 -29.47
C ASP B 285 -9.49 -2.70 -30.26
N GLY B 286 -10.57 -2.25 -29.64
CA GLY B 286 -11.86 -2.24 -30.31
C GLY B 286 -12.74 -3.36 -29.80
N ALA B 287 -12.17 -4.27 -28.99
CA ALA B 287 -12.95 -5.28 -28.30
C ALA B 287 -13.81 -4.63 -27.24
N THR B 288 -14.94 -5.25 -26.92
CA THR B 288 -15.70 -4.90 -25.73
C THR B 288 -14.78 -5.21 -24.57
N THR B 289 -14.76 -4.32 -23.59
CA THR B 289 -13.98 -4.51 -22.40
C THR B 289 -14.79 -5.42 -21.51
N ALA B 290 -14.45 -6.70 -21.55
CA ALA B 290 -15.05 -7.71 -20.70
C ALA B 290 -14.02 -8.82 -20.52
N ASP B 291 -14.28 -9.74 -19.60
CA ASP B 291 -13.44 -10.93 -19.45
C ASP B 291 -13.56 -11.79 -20.71
N PRO B 292 -12.45 -12.43 -21.14
CA PRO B 292 -12.57 -13.41 -22.19
C PRO B 292 -13.46 -14.57 -21.74
N VAL B 293 -14.07 -15.25 -22.71
CA VAL B 293 -14.82 -16.49 -22.46
C VAL B 293 -14.17 -17.64 -23.23
N THR B 294 -12.94 -17.44 -23.69
CA THR B 294 -12.25 -18.48 -24.45
C THR B 294 -11.87 -19.66 -23.55
N VAL B 295 -11.55 -20.77 -24.21
CA VAL B 295 -11.08 -21.98 -23.55
C VAL B 295 -9.74 -22.38 -24.15
N ALA B 296 -8.91 -23.04 -23.37
CA ALA B 296 -7.65 -23.59 -23.91
C ALA B 296 -7.96 -24.78 -24.79
N SER B 297 -7.15 -24.97 -25.83
CA SER B 297 -7.10 -26.25 -26.56
C SER B 297 -7.16 -27.43 -25.57
N THR B 298 -7.92 -28.47 -25.92
CA THR B 298 -7.97 -29.68 -25.09
C THR B 298 -6.58 -30.31 -24.96
N VAL B 299 -5.88 -30.37 -26.08
CA VAL B 299 -4.55 -30.91 -26.11
C VAL B 299 -3.72 -29.93 -26.92
N HIS B 300 -2.64 -29.46 -26.32
CA HIS B 300 -1.73 -28.57 -27.01
C HIS B 300 -0.93 -29.36 -28.03
N THR B 301 -0.78 -28.74 -29.19
CA THR B 301 -0.40 -29.41 -30.41
C THR B 301 1.06 -29.18 -30.85
N LYS B 302 1.64 -28.07 -30.42
CA LYS B 302 3.04 -27.78 -30.75
C LYS B 302 3.70 -27.25 -29.50
N CYS B 303 3.60 -28.05 -28.45
CA CYS B 303 4.27 -27.80 -27.21
C CYS B 303 5.79 -27.51 -27.42
N LEU B 304 6.35 -26.55 -26.70
CA LEU B 304 7.81 -26.27 -26.78
C LEU B 304 8.62 -27.46 -26.29
N ILE B 305 9.50 -27.96 -27.14
CA ILE B 305 10.53 -28.94 -26.75
C ILE B 305 11.85 -28.24 -26.92
N GLU B 306 12.73 -28.38 -25.92
CA GLU B 306 14.00 -27.66 -25.90
C GLU B 306 14.94 -28.08 -27.04
N THR B 307 14.91 -29.36 -27.38
CA THR B 307 15.73 -29.88 -28.48
C THR B 307 15.31 -29.30 -29.86
N ASP B 308 14.13 -28.67 -29.93
CA ASP B 308 13.63 -28.07 -31.16
C ASP B 308 14.14 -26.64 -31.33
N LEU B 309 14.74 -26.10 -30.27
CA LEU B 309 15.37 -24.79 -30.31
C LEU B 309 16.83 -24.83 -30.81
N HIS B 310 17.19 -23.88 -31.67
CA HIS B 310 18.55 -23.77 -32.21
C HIS B 310 18.91 -22.29 -32.33
N PRO B 311 20.18 -21.95 -32.10
CA PRO B 311 20.62 -20.57 -32.20
C PRO B 311 20.41 -19.99 -33.61
N LEU B 312 20.12 -18.69 -33.66
CA LEU B 312 19.95 -17.99 -34.95
C LEU B 312 21.26 -17.91 -35.75
N SER B 313 22.38 -17.67 -35.07
CA SER B 313 23.69 -17.85 -35.72
C SER B 313 24.21 -19.26 -35.55
N ARG B 314 25.20 -19.59 -36.36
CA ARG B 314 25.86 -20.86 -36.31
C ARG B 314 26.85 -20.76 -35.17
N ASN B 315 26.43 -21.26 -34.02
CA ASN B 315 27.24 -21.23 -32.81
C ASN B 315 27.94 -22.55 -32.62
N GLY B 316 27.35 -23.61 -33.17
CA GLY B 316 27.79 -24.96 -32.92
C GLY B 316 27.96 -25.26 -31.43
N VAL B 317 29.06 -25.94 -31.11
CA VAL B 317 29.35 -26.45 -29.77
C VAL B 317 30.87 -26.47 -29.57
N PRO B 318 31.34 -26.03 -28.40
CA PRO B 318 32.75 -26.22 -28.03
C PRO B 318 33.14 -27.71 -27.95
N GLY B 319 34.39 -28.03 -28.32
CA GLY B 319 34.94 -29.37 -28.08
C GLY B 319 34.59 -30.50 -29.04
N ASN B 320 34.46 -31.71 -28.50
CA ASN B 320 34.37 -32.94 -29.29
C ASN B 320 32.97 -33.55 -29.44
N PRO B 321 32.52 -33.79 -30.68
CA PRO B 321 31.23 -34.44 -30.93
C PRO B 321 31.15 -35.86 -30.38
N HIS B 322 31.28 -35.98 -29.05
CA HIS B 322 30.99 -37.20 -28.29
C HIS B 322 31.04 -36.91 -26.79
N GLN B 323 30.59 -37.87 -26.00
CA GLN B 323 30.45 -37.69 -24.55
C GLN B 323 31.82 -37.73 -23.85
N GLY B 324 32.05 -36.75 -22.98
CA GLY B 324 33.35 -36.56 -22.34
C GLY B 324 34.34 -35.75 -23.17
N GLY B 325 33.91 -35.30 -24.34
CA GLY B 325 34.80 -34.64 -25.32
C GLY B 325 35.15 -33.19 -25.03
N ALA B 326 35.64 -32.93 -23.83
CA ALA B 326 36.07 -31.58 -23.47
C ALA B 326 37.42 -31.65 -22.76
N ASP B 327 38.13 -30.52 -22.74
CA ASP B 327 39.39 -30.37 -21.99
C ASP B 327 39.24 -30.71 -20.51
N CYS B 328 38.07 -30.42 -19.95
CA CYS B 328 37.91 -30.40 -18.51
C CYS B 328 36.46 -30.74 -18.13
N ASN B 329 36.09 -32.01 -18.26
CA ASN B 329 34.68 -32.42 -18.07
C ASN B 329 34.32 -32.89 -16.67
N LEU B 330 33.16 -32.41 -16.22
CA LEU B 330 32.70 -32.61 -14.86
C LEU B 330 31.34 -33.30 -14.87
N ASN B 331 31.21 -34.27 -13.97
CA ASN B 331 29.94 -34.89 -13.69
C ASN B 331 29.64 -34.66 -12.21
N LEU B 332 28.61 -33.86 -11.93
CA LEU B 332 28.29 -33.48 -10.56
C LEU B 332 27.29 -34.46 -9.95
N SER B 333 27.51 -34.78 -8.68
CA SER B 333 26.59 -35.58 -7.89
C SER B 333 25.62 -34.62 -7.21
N LEU B 334 24.36 -34.69 -7.61
CA LEU B 334 23.33 -33.78 -7.11
C LEU B 334 22.38 -34.56 -6.19
N GLY B 335 22.41 -34.26 -4.90
CA GLY B 335 21.57 -35.00 -3.96
C GLY B 335 20.79 -34.12 -3.00
N PHE B 336 19.84 -34.75 -2.31
CA PHE B 336 19.08 -34.12 -1.22
C PHE B 336 18.80 -35.13 -0.09
N ALA B 337 19.02 -34.69 1.14
CA ALA B 337 18.81 -35.51 2.33
C ALA B 337 18.77 -34.60 3.55
N CYS B 338 18.00 -35.00 4.56
CA CYS B 338 17.91 -34.27 5.84
C CYS B 338 17.72 -32.77 5.68
N GLY B 339 16.68 -32.36 4.94
CA GLY B 339 16.39 -30.94 4.70
C GLY B 339 17.45 -30.10 4.00
N ASN B 340 18.39 -30.75 3.30
CA ASN B 340 19.51 -30.05 2.68
C ASN B 340 19.90 -30.62 1.30
N PHE B 341 20.45 -29.76 0.42
CA PHE B 341 20.88 -30.19 -0.89
C PHE B 341 22.38 -30.25 -0.91
N VAL B 342 22.94 -31.11 -1.76
CA VAL B 342 24.38 -31.27 -1.80
C VAL B 342 24.90 -31.35 -3.22
N ILE B 343 26.08 -30.81 -3.43
CA ILE B 343 26.75 -30.99 -4.68
C ILE B 343 28.10 -31.62 -4.38
N ASN B 344 28.29 -32.84 -4.88
CA ASN B 344 29.48 -33.66 -4.57
C ASN B 344 29.66 -33.83 -3.05
N GLY B 345 28.59 -34.29 -2.41
CA GLY B 345 28.54 -34.48 -0.95
C GLY B 345 28.50 -33.22 -0.07
N VAL B 346 28.56 -32.01 -0.64
CA VAL B 346 28.63 -30.77 0.17
C VAL B 346 27.42 -29.85 -0.05
N SER B 347 26.84 -29.37 1.04
CA SER B 347 25.73 -28.47 0.97
C SER B 347 26.32 -27.09 1.06
N PHE B 348 25.89 -26.18 0.18
CA PHE B 348 26.49 -24.87 0.12
C PHE B 348 26.00 -24.05 1.28
N THR B 349 26.93 -23.45 2.02
CA THR B 349 26.59 -22.43 3.04
C THR B 349 27.56 -21.25 2.95
N PRO B 350 27.02 -20.01 2.82
CA PRO B 350 27.80 -18.82 2.45
C PRO B 350 29.01 -18.59 3.37
N PRO B 351 30.20 -18.34 2.78
CA PRO B 351 31.36 -18.06 3.63
C PRO B 351 31.30 -16.68 4.27
N THR B 352 32.19 -16.43 5.23
CA THR B 352 32.17 -15.13 5.92
C THR B 352 32.87 -14.11 5.06
N VAL B 353 33.90 -14.54 4.35
CA VAL B 353 34.56 -13.69 3.37
C VAL B 353 34.11 -14.14 1.98
N PRO B 354 33.54 -13.20 1.20
CA PRO B 354 33.19 -13.49 -0.19
C PRO B 354 34.32 -14.17 -0.93
N VAL B 355 33.97 -15.22 -1.67
CA VAL B 355 34.93 -15.97 -2.44
C VAL B 355 35.82 -15.01 -3.24
N LEU B 356 35.26 -13.94 -3.83
CA LEU B 356 36.10 -13.00 -4.57
C LEU B 356 37.14 -12.30 -3.69
N LEU B 357 36.74 -11.94 -2.47
CA LEU B 357 37.67 -11.28 -1.54
C LEU B 357 38.79 -12.20 -1.08
N GLN B 358 38.48 -13.48 -0.90
CA GLN B 358 39.48 -14.50 -0.57
C GLN B 358 40.50 -14.64 -1.68
N ILE B 359 40.06 -14.59 -2.93
CA ILE B 359 40.98 -14.69 -4.05
C ILE B 359 41.91 -13.49 -4.04
N CYS B 360 41.34 -12.29 -3.96
CA CYS B 360 42.11 -11.05 -3.98
C CYS B 360 43.09 -10.96 -2.80
N SER B 361 42.85 -11.75 -1.76
CA SER B 361 43.70 -11.84 -0.57
C SER B 361 44.78 -12.95 -0.69
N GLY B 362 44.87 -13.58 -1.86
CA GLY B 362 45.94 -14.54 -2.11
C GLY B 362 45.61 -16.02 -2.25
N ALA B 363 44.37 -16.41 -1.97
CA ALA B 363 43.96 -17.80 -2.24
C ALA B 363 44.27 -18.18 -3.69
N ASN B 364 44.80 -19.39 -3.90
CA ASN B 364 45.32 -19.83 -5.21
C ASN B 364 44.63 -21.06 -5.79
N THR B 365 44.07 -21.88 -4.92
CA THR B 365 43.48 -23.14 -5.32
C THR B 365 42.10 -23.25 -4.69
N ALA B 366 41.31 -24.20 -5.18
CA ALA B 366 40.02 -24.52 -4.57
C ALA B 366 40.24 -25.01 -3.15
N ALA B 367 41.24 -25.88 -2.95
CA ALA B 367 41.65 -26.34 -1.61
C ALA B 367 41.99 -25.17 -0.67
N ASP B 368 42.36 -24.04 -1.24
CA ASP B 368 42.66 -22.83 -0.47
C ASP B 368 41.44 -21.98 -0.09
N LEU B 369 40.27 -22.31 -0.63
CA LEU B 369 39.08 -21.43 -0.55
C LEU B 369 37.96 -21.94 0.34
N LEU B 370 37.28 -21.01 1.01
CA LEU B 370 36.06 -21.33 1.74
C LEU B 370 34.82 -20.94 0.94
N PRO B 371 33.74 -21.73 1.03
CA PRO B 371 33.57 -22.95 1.83
C PRO B 371 34.31 -24.18 1.30
N SER B 372 34.68 -25.04 2.24
CA SER B 372 35.40 -26.26 1.97
C SER B 372 34.52 -27.17 1.14
N GLY B 373 35.05 -27.64 0.01
CA GLY B 373 34.32 -28.52 -0.89
C GLY B 373 33.28 -27.84 -1.78
N SER B 374 33.04 -26.55 -1.55
CA SER B 374 32.05 -25.81 -2.34
C SER B 374 32.66 -25.07 -3.52
N VAL B 375 33.95 -25.29 -3.77
CA VAL B 375 34.64 -24.61 -4.85
C VAL B 375 35.43 -25.58 -5.74
N ILE B 376 35.15 -25.50 -7.04
CA ILE B 376 35.85 -26.25 -8.07
C ILE B 376 36.58 -25.25 -8.94
N SER B 377 37.89 -25.39 -9.06
CA SER B 377 38.64 -24.47 -9.90
C SER B 377 38.58 -24.95 -11.33
N LEU B 378 38.79 -24.01 -12.25
CA LEU B 378 38.73 -24.29 -13.67
C LEU B 378 39.92 -23.60 -14.30
N PRO B 379 40.57 -24.27 -15.25
CA PRO B 379 41.66 -23.63 -15.95
C PRO B 379 41.10 -22.71 -17.03
N SER B 380 41.87 -21.70 -17.41
CA SER B 380 41.43 -20.77 -18.45
C SER B 380 41.48 -21.39 -19.85
N ASN B 381 40.86 -20.72 -20.83
CA ASN B 381 40.86 -21.12 -22.24
C ASN B 381 40.56 -22.59 -22.49
N SER B 382 39.69 -23.18 -21.68
CA SER B 382 39.35 -24.60 -21.82
C SER B 382 37.89 -24.83 -22.16
N THR B 383 37.61 -25.96 -22.80
CA THR B 383 36.23 -26.37 -22.97
C THR B 383 35.86 -27.19 -21.74
N ILE B 384 34.88 -26.70 -20.99
CA ILE B 384 34.28 -27.43 -19.88
C ILE B 384 33.00 -28.12 -20.34
N GLU B 385 32.78 -29.34 -19.86
CA GLU B 385 31.49 -30.00 -19.98
C GLU B 385 31.01 -30.35 -18.59
N ILE B 386 29.75 -30.08 -18.29
CA ILE B 386 29.18 -30.45 -17.00
C ILE B 386 27.89 -31.18 -17.21
N ALA B 387 27.85 -32.42 -16.73
CA ALA B 387 26.65 -33.22 -16.74
C ALA B 387 26.06 -33.06 -15.36
N LEU B 388 24.74 -32.90 -15.29
CA LEU B 388 24.02 -32.62 -14.06
C LEU B 388 22.89 -33.64 -13.89
N PRO B 389 23.25 -34.93 -13.67
CA PRO B 389 22.20 -35.95 -13.66
C PRO B 389 21.14 -35.73 -12.60
N ALA B 390 19.88 -35.85 -13.03
CA ALA B 390 18.73 -35.50 -12.23
C ALA B 390 18.35 -36.66 -11.29
N GLY B 391 17.41 -36.39 -10.38
CA GLY B 391 17.01 -37.39 -9.41
C GLY B 391 16.76 -36.83 -8.04
N ALA B 392 17.60 -35.89 -7.63
CA ALA B 392 17.43 -35.20 -6.38
C ALA B 392 16.02 -34.63 -6.28
N ALA B 393 15.39 -34.80 -5.13
CA ALA B 393 14.09 -34.21 -4.91
C ALA B 393 14.30 -32.72 -4.79
N GLY B 394 13.30 -31.89 -5.10
CA GLY B 394 12.10 -32.24 -5.79
C GLY B 394 12.21 -31.41 -7.06
N GLY B 395 12.46 -32.07 -8.17
CA GLY B 395 12.65 -31.41 -9.44
C GLY B 395 11.33 -31.08 -10.11
N PRO B 396 11.38 -30.56 -11.33
CA PRO B 396 12.61 -30.40 -12.07
C PRO B 396 13.35 -29.10 -11.70
N HIS B 397 14.64 -29.27 -11.43
CA HIS B 397 15.51 -28.20 -11.00
C HIS B 397 16.05 -27.41 -12.20
N PRO B 398 15.82 -26.09 -12.21
CA PRO B 398 16.43 -25.22 -13.22
C PRO B 398 17.79 -24.71 -12.77
N PHE B 399 18.86 -25.29 -13.30
CA PHE B 399 20.22 -24.97 -12.89
C PHE B 399 20.78 -23.86 -13.73
N HIS B 400 21.53 -22.97 -13.07
CA HIS B 400 21.99 -21.76 -13.70
C HIS B 400 23.46 -21.46 -13.34
N LEU B 401 24.18 -20.94 -14.33
CA LEU B 401 25.56 -20.59 -14.17
C LEU B 401 25.73 -19.11 -14.44
N HIS B 402 26.35 -18.43 -13.47
CA HIS B 402 26.68 -17.02 -13.62
C HIS B 402 27.81 -16.85 -14.61
N GLY B 403 27.97 -15.63 -15.10
CA GLY B 403 29.11 -15.25 -15.90
C GLY B 403 29.26 -15.95 -17.23
N HIS B 404 28.33 -16.82 -17.56
CA HIS B 404 28.40 -17.54 -18.82
C HIS B 404 27.04 -17.90 -19.35
N ASP B 405 27.00 -18.22 -20.62
CA ASP B 405 25.91 -18.99 -21.15
C ASP B 405 26.60 -20.25 -21.63
N PHE B 406 25.84 -21.27 -22.00
CA PHE B 406 26.44 -22.57 -22.30
C PHE B 406 25.63 -23.22 -23.36
N ALA B 407 26.16 -24.25 -24.01
CA ALA B 407 25.37 -25.03 -24.97
C ALA B 407 24.70 -26.20 -24.25
N VAL B 408 23.42 -26.44 -24.50
CA VAL B 408 22.75 -27.62 -23.94
C VAL B 408 22.91 -28.84 -24.86
N SER B 409 24.06 -29.50 -24.77
CA SER B 409 24.35 -30.74 -25.54
C SER B 409 23.35 -31.85 -25.28
N GLU B 410 22.80 -31.88 -24.05
CA GLU B 410 21.70 -32.82 -23.78
C GLU B 410 20.63 -32.21 -22.88
N SER B 411 19.39 -32.24 -23.35
CA SER B 411 18.24 -31.67 -22.64
C SER B 411 17.49 -32.71 -21.82
N ALA B 412 16.43 -32.25 -21.14
CA ALA B 412 15.61 -33.08 -20.27
C ALA B 412 14.79 -34.08 -21.10
N SER B 413 14.52 -35.25 -20.52
CA SER B 413 13.55 -36.21 -21.05
C SER B 413 13.91 -36.79 -22.42
N ASN B 414 15.21 -36.89 -22.69
CA ASN B 414 15.71 -37.26 -24.02
C ASN B 414 17.20 -37.48 -23.92
N SER B 415 17.61 -38.71 -24.22
CA SER B 415 19.02 -39.14 -24.08
C SER B 415 19.93 -38.75 -25.24
N THR B 416 19.36 -38.44 -26.40
CA THR B 416 20.12 -38.12 -27.59
C THR B 416 20.68 -36.72 -27.45
N SER B 417 21.99 -36.68 -27.25
CA SER B 417 22.72 -35.44 -27.23
C SER B 417 22.71 -34.76 -28.61
N ASN B 418 23.20 -33.51 -28.67
CA ASN B 418 23.30 -32.74 -29.91
C ASN B 418 24.58 -31.88 -29.93
N TYR B 419 25.61 -32.29 -30.67
CA TYR B 419 26.88 -31.55 -30.69
C TYR B 419 27.03 -30.72 -31.95
N ASP B 420 25.88 -30.30 -32.46
CA ASP B 420 25.77 -29.79 -33.79
C ASP B 420 25.10 -28.43 -33.77
N ASP B 421 23.82 -28.42 -33.41
CA ASP B 421 23.10 -27.17 -33.33
C ASP B 421 22.24 -27.01 -32.08
N PRO B 422 22.72 -27.49 -30.90
CA PRO B 422 21.96 -27.37 -29.66
C PRO B 422 21.80 -25.90 -29.31
N ILE B 423 20.66 -25.53 -28.69
CA ILE B 423 20.44 -24.14 -28.20
C ILE B 423 21.48 -23.80 -27.13
N TRP B 424 21.91 -22.55 -27.08
CA TRP B 424 22.69 -22.06 -25.94
C TRP B 424 21.74 -21.27 -25.05
N ARG B 425 21.86 -21.41 -23.73
CA ARG B 425 21.05 -20.61 -22.79
C ARG B 425 21.81 -20.39 -21.49
N ASP B 426 21.15 -19.90 -20.44
CA ASP B 426 21.83 -19.76 -19.15
C ASP B 426 21.15 -20.48 -17.95
N VAL B 427 19.99 -21.05 -18.19
CA VAL B 427 19.22 -21.70 -17.13
C VAL B 427 18.46 -22.87 -17.74
N VAL B 428 18.80 -24.09 -17.32
CA VAL B 428 18.28 -25.29 -17.96
C VAL B 428 17.70 -26.23 -16.94
N SER B 429 16.49 -26.71 -17.22
CA SER B 429 15.89 -27.76 -16.42
C SER B 429 16.71 -29.04 -16.53
N ILE B 430 17.13 -29.59 -15.40
CA ILE B 430 17.82 -30.88 -15.43
C ILE B 430 16.91 -32.12 -15.60
N GLY B 431 15.60 -31.95 -15.71
CA GLY B 431 14.70 -33.08 -16.01
C GLY B 431 14.30 -33.92 -14.81
N GLY B 432 14.04 -35.21 -15.03
CA GLY B 432 13.72 -36.17 -13.95
C GLY B 432 14.72 -37.33 -13.84
N VAL B 433 14.50 -38.24 -12.90
CA VAL B 433 15.38 -39.38 -12.68
C VAL B 433 15.63 -40.12 -13.99
N GLY B 434 16.92 -40.35 -14.30
CA GLY B 434 17.34 -41.03 -15.53
C GLY B 434 18.01 -40.08 -16.53
N ASP B 435 17.54 -38.83 -16.54
CA ASP B 435 18.09 -37.79 -17.40
C ASP B 435 19.52 -37.44 -17.07
N ASN B 436 20.23 -36.97 -18.09
CA ASN B 436 21.60 -36.57 -17.91
C ASN B 436 21.90 -35.27 -18.59
N VAL B 437 21.12 -34.24 -18.26
CA VAL B 437 21.32 -32.90 -18.83
C VAL B 437 22.82 -32.53 -18.73
N THR B 438 23.35 -31.98 -19.83
CA THR B 438 24.77 -31.74 -19.99
C THR B 438 25.00 -30.41 -20.70
N ILE B 439 25.88 -29.58 -20.15
CA ILE B 439 26.16 -28.25 -20.69
C ILE B 439 27.64 -28.07 -21.02
N ARG B 440 27.92 -27.30 -22.07
CA ARG B 440 29.29 -26.96 -22.40
C ARG B 440 29.51 -25.46 -22.48
N PHE B 441 30.71 -25.04 -22.12
CA PHE B 441 31.10 -23.63 -22.32
C PHE B 441 32.62 -23.51 -22.27
N CYS B 442 33.10 -22.31 -22.58
CA CYS B 442 34.53 -22.00 -22.59
C CYS B 442 34.89 -21.05 -21.47
N THR B 443 36.01 -21.35 -20.81
CA THR B 443 36.49 -20.55 -19.73
C THR B 443 37.26 -19.33 -20.19
N ASP B 444 36.53 -18.29 -20.60
CA ASP B 444 37.14 -17.04 -21.11
C ASP B 444 36.79 -15.82 -20.23
N ASN B 445 36.66 -16.02 -18.93
CA ASN B 445 36.10 -14.98 -18.08
C ASN B 445 36.49 -15.23 -16.63
N PRO B 446 37.69 -14.77 -16.22
CA PRO B 446 38.16 -15.07 -14.86
C PRO B 446 37.27 -14.49 -13.75
N GLY B 447 37.06 -15.32 -12.73
CA GLY B 447 36.30 -14.94 -11.55
C GLY B 447 35.51 -16.10 -10.97
N PRO B 448 35.06 -15.95 -9.73
CA PRO B 448 34.22 -16.94 -9.10
C PRO B 448 32.75 -16.82 -9.59
N TRP B 449 32.29 -17.85 -10.30
CA TRP B 449 30.96 -17.85 -10.84
C TRP B 449 30.12 -18.89 -10.13
N PHE B 450 28.94 -18.44 -9.68
CA PHE B 450 28.00 -19.24 -8.95
C PHE B 450 27.23 -20.19 -9.90
N LEU B 451 27.19 -21.47 -9.54
CA LEU B 451 26.41 -22.48 -10.22
C LEU B 451 25.37 -22.91 -9.18
N HIS B 452 24.08 -22.76 -9.49
CA HIS B 452 23.06 -23.15 -8.53
C HIS B 452 21.75 -23.45 -9.20
N CYS B 453 20.91 -24.21 -8.48
CA CYS B 453 19.51 -24.38 -8.79
C CYS B 453 18.82 -23.04 -8.53
N HIS B 454 17.82 -22.71 -9.35
CA HIS B 454 17.21 -21.40 -9.30
C HIS B 454 15.88 -21.35 -8.57
N ILE B 455 15.47 -22.50 -8.04
CA ILE B 455 14.39 -22.51 -7.08
C ILE B 455 15.01 -21.94 -5.79
N ASP B 456 14.57 -20.75 -5.41
CA ASP B 456 15.26 -19.99 -4.36
C ASP B 456 15.28 -20.73 -3.02
N TRP B 457 14.23 -21.50 -2.77
CA TRP B 457 14.10 -22.33 -1.57
C TRP B 457 15.18 -23.42 -1.55
N HIS B 458 15.54 -23.92 -2.74
CA HIS B 458 16.60 -24.94 -2.87
C HIS B 458 18.01 -24.37 -2.67
N LEU B 459 18.27 -23.21 -3.27
CA LEU B 459 19.51 -22.48 -3.01
C LEU B 459 19.74 -22.19 -1.51
N ASP B 460 18.72 -21.68 -0.80
CA ASP B 460 18.89 -21.44 0.62
C ASP B 460 19.09 -22.75 1.41
N ALA B 461 18.65 -23.87 0.82
CA ALA B 461 18.90 -25.17 1.40
C ALA B 461 20.24 -25.77 0.92
N GLY B 462 20.95 -25.04 0.07
CA GLY B 462 22.36 -25.36 -0.22
C GLY B 462 22.73 -25.93 -1.59
N PHE B 463 21.79 -25.91 -2.52
CA PHE B 463 22.02 -26.48 -3.87
C PHE B 463 22.85 -25.53 -4.71
N ALA B 464 24.15 -25.45 -4.42
CA ALA B 464 25.02 -24.54 -5.13
C ALA B 464 26.48 -24.96 -5.01
N ILE B 465 27.30 -24.56 -5.98
CA ILE B 465 28.76 -24.53 -5.86
C ILE B 465 29.29 -23.33 -6.62
N VAL B 466 30.56 -23.02 -6.38
CA VAL B 466 31.26 -21.94 -7.05
C VAL B 466 32.28 -22.56 -8.01
N PHE B 467 32.18 -22.19 -9.30
CA PHE B 467 33.23 -22.44 -10.28
C PHE B 467 34.15 -21.23 -10.20
N ALA B 468 35.31 -21.40 -9.57
CA ALA B 468 36.30 -20.33 -9.55
C ALA B 468 37.18 -20.49 -10.78
N GLU B 469 36.91 -19.63 -11.77
CA GLU B 469 37.48 -19.77 -13.10
C GLU B 469 38.73 -18.89 -13.19
N ASP B 470 39.82 -19.51 -13.65
CA ASP B 470 41.10 -18.84 -13.77
C ASP B 470 41.44 -18.10 -12.49
N ILE B 471 41.54 -18.82 -11.37
CA ILE B 471 41.96 -18.19 -10.13
C ILE B 471 43.19 -17.28 -10.34
N PRO B 472 44.28 -17.78 -11.00
CA PRO B 472 45.48 -16.93 -11.08
C PRO B 472 45.30 -15.57 -11.75
N ASN B 473 44.34 -15.44 -12.67
CA ASN B 473 44.13 -14.17 -13.38
C ASN B 473 42.99 -13.31 -12.82
N THR B 474 42.38 -13.77 -11.73
CA THR B 474 41.18 -13.14 -11.18
C THR B 474 41.37 -11.68 -10.74
N ALA B 475 42.38 -11.43 -9.91
CA ALA B 475 42.68 -10.09 -9.42
C ALA B 475 42.93 -9.06 -10.53
N SER B 476 43.74 -9.43 -11.51
CA SER B 476 44.11 -8.51 -12.59
C SER B 476 42.93 -8.29 -13.50
N ALA B 477 42.22 -9.37 -13.82
CA ALA B 477 41.05 -9.30 -14.70
C ALA B 477 39.94 -8.43 -14.10
N ASN B 478 39.82 -8.43 -12.78
CA ASN B 478 38.73 -7.72 -12.11
C ASN B 478 39.21 -6.68 -11.10
N PRO B 479 39.89 -5.61 -11.56
CA PRO B 479 40.18 -4.56 -10.59
C PRO B 479 38.88 -4.06 -9.94
N VAL B 480 38.95 -3.77 -8.64
CA VAL B 480 37.74 -3.51 -7.84
C VAL B 480 37.68 -2.03 -7.42
N PRO B 481 36.48 -1.42 -7.38
CA PRO B 481 36.42 -0.04 -6.90
C PRO B 481 36.48 0.03 -5.38
N GLU B 482 36.89 1.17 -4.83
CA GLU B 482 36.97 1.39 -3.38
C GLU B 482 35.67 1.03 -2.62
N ALA B 483 34.52 1.43 -3.18
CA ALA B 483 33.21 1.13 -2.58
C ALA B 483 33.05 -0.38 -2.36
N TRP B 484 33.45 -1.18 -3.34
CA TRP B 484 33.40 -2.62 -3.16
C TRP B 484 34.30 -3.05 -1.99
N SER B 485 35.49 -2.46 -1.91
CA SER B 485 36.46 -2.75 -0.83
C SER B 485 35.89 -2.42 0.52
N ASN B 486 35.07 -1.37 0.56
CA ASN B 486 34.41 -0.92 1.78
C ASN B 486 33.25 -1.81 2.25
N LEU B 487 32.74 -2.68 1.38
CA LEU B 487 31.50 -3.43 1.67
C LEU B 487 31.56 -4.31 2.91
N CYS B 488 32.57 -5.18 2.99
CA CYS B 488 32.68 -6.17 4.07
C CYS B 488 33.01 -5.54 5.44
N PRO B 489 33.99 -4.60 5.49
CA PRO B 489 34.19 -3.93 6.76
C PRO B 489 32.88 -3.31 7.26
N SER B 490 32.15 -2.65 6.38
CA SER B 490 30.93 -1.99 6.81
C SER B 490 29.92 -3.00 7.32
N TYR B 491 29.75 -4.08 6.56
CA TYR B 491 28.81 -5.16 6.87
C TYR B 491 29.19 -5.90 8.16
N ASP B 492 30.45 -6.34 8.23
CA ASP B 492 30.97 -7.06 9.37
C ASP B 492 30.86 -6.22 10.64
N SER B 493 31.17 -4.93 10.52
CA SER B 493 30.96 -3.96 11.60
C SER B 493 29.51 -3.92 12.08
N ALA B 494 28.58 -3.77 11.13
CA ALA B 494 27.15 -3.70 11.42
C ALA B 494 26.63 -4.97 12.09
N HIS B 495 27.16 -6.11 11.68
CA HIS B 495 26.74 -7.39 12.25
C HIS B 495 27.78 -7.93 13.22
N VAL C 1 -2.99 -17.18 7.10
CA VAL C 1 -1.63 -17.71 7.43
C VAL C 1 -1.54 -17.82 8.94
N GLN C 2 -0.87 -18.87 9.41
CA GLN C 2 -0.76 -19.19 10.84
C GLN C 2 0.70 -19.24 11.30
N ILE C 3 0.97 -18.60 12.44
CA ILE C 3 2.21 -18.63 13.24
C ILE C 3 1.69 -18.83 14.68
N GLY C 4 2.44 -19.15 15.73
CA GLY C 4 3.72 -19.79 15.81
C GLY C 4 3.42 -21.18 16.37
N PRO C 5 3.34 -21.38 17.72
CA PRO C 5 3.31 -20.60 18.98
C PRO C 5 4.61 -19.95 19.43
N VAL C 6 5.71 -20.32 18.80
CA VAL C 6 6.94 -19.56 18.98
C VAL C 6 7.09 -18.83 17.65
N THR C 7 7.19 -17.49 17.73
CA THR C 7 7.18 -16.62 16.54
C THR C 7 7.70 -15.21 16.84
N ASP C 8 8.24 -14.55 15.82
CA ASP C 8 8.38 -13.09 15.81
C ASP C 8 7.03 -12.47 15.36
N LEU C 9 6.71 -11.30 15.88
CA LEU C 9 5.57 -10.56 15.38
C LEU C 9 6.03 -9.12 15.20
N HIS C 10 6.28 -8.72 13.97
CA HIS C 10 6.76 -7.36 13.70
C HIS C 10 5.56 -6.42 13.64
N ILE C 11 5.69 -5.27 14.29
CA ILE C 11 4.65 -4.25 14.28
C ILE C 11 5.11 -3.10 13.40
N VAL C 12 4.46 -2.97 12.25
CA VAL C 12 4.84 -1.97 11.26
C VAL C 12 3.67 -1.05 10.82
N ASN C 13 4.06 0.04 10.19
CA ASN C 13 3.12 0.96 9.59
C ASN C 13 3.06 0.58 8.14
N ALA C 14 1.85 0.68 7.57
CA ALA C 14 1.64 0.45 6.15
C ALA C 14 0.32 1.09 5.76
N ASP C 15 0.28 1.65 4.56
CA ASP C 15 -0.98 2.05 3.96
C ASP C 15 -1.67 0.86 3.36
N ILE C 16 -2.97 0.79 3.62
CA ILE C 16 -3.83 -0.29 3.18
C ILE C 16 -5.16 0.35 2.68
N VAL C 17 -5.83 -0.34 1.77
CA VAL C 17 -7.09 0.10 1.15
C VAL C 17 -8.13 -1.02 1.11
N PRO C 18 -8.55 -1.54 2.28
CA PRO C 18 -9.48 -2.67 2.25
C PRO C 18 -10.84 -2.38 1.58
N ASP C 19 -11.31 -1.13 1.62
CA ASP C 19 -12.55 -0.73 0.92
C ASP C 19 -12.35 0.16 -0.31
N GLY C 20 -11.11 0.24 -0.82
CA GLY C 20 -10.76 1.13 -1.94
C GLY C 20 -10.22 2.51 -1.55
N PHE C 21 -10.16 2.80 -0.24
CA PHE C 21 -9.70 4.10 0.26
C PHE C 21 -8.36 3.90 0.99
N VAL C 22 -7.26 4.36 0.39
CA VAL C 22 -5.96 4.27 1.08
C VAL C 22 -5.83 5.17 2.32
N ARG C 23 -5.38 4.56 3.40
CA ARG C 23 -5.06 5.25 4.61
C ARG C 23 -4.03 4.45 5.38
N PRO C 24 -3.32 5.10 6.33
CA PRO C 24 -2.28 4.50 7.17
C PRO C 24 -2.85 3.45 8.14
N ALA C 25 -2.03 2.52 8.58
CA ALA C 25 -2.46 1.52 9.56
C ALA C 25 -1.30 1.07 10.46
N VAL C 26 -1.68 0.42 11.55
CA VAL C 26 -0.71 -0.20 12.38
C VAL C 26 -0.91 -1.67 12.15
N ASN C 27 0.15 -2.35 11.68
CA ASN C 27 0.02 -3.76 11.38
C ASN C 27 0.86 -4.68 12.27
N ALA C 28 0.23 -5.76 12.71
CA ALA C 28 0.92 -6.85 13.37
C ALA C 28 1.17 -7.94 12.33
N GLY C 29 2.43 -8.34 12.17
CA GLY C 29 2.80 -9.37 11.20
C GLY C 29 2.52 -9.02 9.74
N GLY C 30 2.26 -7.74 9.48
CA GLY C 30 2.33 -7.20 8.12
C GLY C 30 1.05 -7.27 7.32
N THR C 31 -0.01 -7.76 7.94
CA THR C 31 -1.25 -7.98 7.23
C THR C 31 -2.46 -7.39 7.97
N PHE C 32 -3.56 -7.21 7.26
CA PHE C 32 -4.86 -6.88 7.91
C PHE C 32 -6.00 -7.86 7.57
N PRO C 33 -6.61 -8.44 8.59
CA PRO C 33 -6.13 -8.51 9.97
C PRO C 33 -4.73 -9.18 10.06
N GLY C 34 -4.10 -9.08 11.24
CA GLY C 34 -2.81 -9.72 11.48
C GLY C 34 -2.90 -11.23 11.30
N PRO C 35 -1.75 -11.91 11.14
CA PRO C 35 -1.81 -13.36 11.03
C PRO C 35 -2.51 -14.06 12.25
N VAL C 36 -3.06 -15.23 12.02
CA VAL C 36 -3.58 -16.03 13.11
C VAL C 36 -2.41 -16.49 13.91
N ILE C 37 -2.38 -16.09 15.19
CA ILE C 37 -1.43 -16.70 16.09
C ILE C 37 -2.11 -17.96 16.62
N ALA C 38 -1.40 -19.07 16.58
CA ALA C 38 -2.00 -20.37 16.82
C ALA C 38 -1.07 -21.38 17.52
N GLY C 39 -1.68 -22.27 18.29
CA GLY C 39 -0.96 -23.36 18.98
C GLY C 39 -1.92 -24.42 19.44
N ASN C 40 -1.45 -25.38 20.23
CA ASN C 40 -2.33 -26.35 20.92
C ASN C 40 -2.53 -26.01 22.42
N VAL C 41 -3.55 -26.59 23.06
CA VAL C 41 -3.69 -26.47 24.53
C VAL C 41 -2.39 -26.82 25.26
N GLY C 42 -1.99 -25.96 26.20
CA GLY C 42 -0.79 -26.22 27.00
C GLY C 42 0.52 -26.06 26.23
N ASP C 43 0.47 -25.34 25.10
CA ASP C 43 1.70 -24.95 24.45
C ASP C 43 2.23 -23.73 25.21
N ASN C 44 3.54 -23.58 25.16
CA ASN C 44 4.17 -22.39 25.63
C ASN C 44 4.21 -21.44 24.44
N PHE C 45 3.58 -20.27 24.58
CA PHE C 45 3.68 -19.19 23.59
C PHE C 45 4.89 -18.30 23.91
N GLN C 46 5.71 -18.06 22.90
CA GLN C 46 6.81 -17.14 23.00
C GLN C 46 6.66 -16.20 21.82
N ILE C 47 6.01 -15.08 22.05
CA ILE C 47 5.77 -14.10 20.96
C ILE C 47 6.74 -12.93 21.08
N VAL C 48 7.73 -12.89 20.19
CA VAL C 48 8.66 -11.75 20.17
C VAL C 48 8.08 -10.60 19.36
N THR C 49 7.61 -9.59 20.07
CA THR C 49 7.08 -8.41 19.44
C THR C 49 8.16 -7.38 19.18
N PHE C 50 8.49 -7.20 17.90
CA PHE C 50 9.33 -6.12 17.43
C PHE C 50 8.49 -4.88 17.03
N ASN C 51 8.68 -3.80 17.77
CA ASN C 51 8.09 -2.55 17.42
C ASN C 51 8.95 -1.77 16.40
N GLN C 52 8.47 -1.66 15.16
CA GLN C 52 9.13 -0.87 14.13
C GLN C 52 8.27 0.32 13.68
N LEU C 53 7.34 0.75 14.53
CA LEU C 53 6.41 1.82 14.16
C LEU C 53 7.12 3.18 13.95
N ILE C 54 6.77 3.89 12.88
CA ILE C 54 7.35 5.22 12.65
C ILE C 54 6.31 6.35 12.62
N GLU C 55 5.07 6.01 12.34
CA GLU C 55 4.06 7.03 12.08
C GLU C 55 3.41 7.47 13.35
N CYS C 56 3.81 8.63 13.87
CA CYS C 56 3.27 9.14 15.14
C CYS C 56 1.76 9.47 15.14
N SER C 57 1.18 9.65 13.95
CA SER C 57 -0.27 9.84 13.80
C SER C 57 -1.07 8.73 14.50
N MET C 58 -0.45 7.57 14.63
CA MET C 58 -1.11 6.38 15.13
C MET C 58 -0.48 5.88 16.43
N LEU C 59 0.54 6.64 16.85
CA LEU C 59 1.39 6.36 18.01
C LEU C 59 2.44 5.34 17.64
N VAL C 60 3.67 5.54 18.08
CA VAL C 60 4.76 4.64 17.73
C VAL C 60 5.13 3.70 18.85
N ASP C 61 4.46 3.85 19.98
CA ASP C 61 4.54 2.89 21.06
C ASP C 61 3.46 1.88 20.83
N THR C 62 3.58 0.70 21.44
CA THR C 62 2.53 -0.31 21.32
C THR C 62 2.54 -1.21 22.55
N SER C 63 1.46 -1.95 22.73
CA SER C 63 1.34 -2.96 23.77
C SER C 63 0.20 -3.87 23.35
N ILE C 64 0.46 -5.19 23.36
CA ILE C 64 -0.45 -6.19 22.81
C ILE C 64 -1.11 -7.07 23.89
N HIS C 65 -2.42 -7.24 23.78
CA HIS C 65 -3.17 -8.11 24.69
C HIS C 65 -3.62 -9.35 23.91
N TRP C 66 -3.59 -10.50 24.57
CA TRP C 66 -4.02 -11.78 24.03
C TRP C 66 -5.38 -12.02 24.67
N HIS C 67 -6.42 -11.58 23.97
CA HIS C 67 -7.75 -11.44 24.54
C HIS C 67 -8.44 -12.77 24.81
N GLY C 68 -8.75 -13.02 26.08
CA GLY C 68 -9.38 -14.25 26.52
C GLY C 68 -8.44 -15.22 27.24
N GLU C 69 -7.14 -15.06 27.02
CA GLU C 69 -6.09 -15.86 27.71
C GLU C 69 -5.88 -15.43 29.17
N PHE C 70 -6.03 -16.38 30.11
CA PHE C 70 -6.03 -16.06 31.54
C PHE C 70 -4.73 -15.49 32.12
N GLN C 71 -3.61 -15.77 31.48
CA GLN C 71 -2.29 -15.32 31.94
C GLN C 71 -1.99 -15.60 33.43
N LYS C 72 -2.44 -16.74 33.94
CA LYS C 72 -2.19 -17.06 35.34
C LYS C 72 -0.69 -17.28 35.52
N GLY C 73 -0.07 -16.55 36.45
CA GLY C 73 1.38 -16.67 36.64
C GLY C 73 2.17 -15.67 35.80
N THR C 74 1.53 -15.17 34.74
CA THR C 74 2.17 -14.25 33.82
C THR C 74 1.28 -13.03 33.61
N ASN C 75 0.96 -12.32 34.69
CA ASN C 75 0.08 -11.12 34.59
C ASN C 75 0.77 -10.03 33.78
N TRP C 76 2.10 -10.05 33.81
CA TRP C 76 2.96 -9.10 33.10
C TRP C 76 2.90 -9.20 31.56
N ALA C 77 2.41 -10.32 31.03
CA ALA C 77 2.33 -10.49 29.59
C ALA C 77 0.92 -10.15 29.08
N ASP C 78 0.09 -9.58 29.93
CA ASP C 78 -1.30 -9.36 29.56
C ASP C 78 -1.54 -8.26 28.51
N GLY C 79 -0.80 -7.14 28.56
CA GLY C 79 -0.88 -6.10 27.53
C GLY C 79 -1.59 -4.76 27.72
N PRO C 80 -2.60 -4.67 28.63
CA PRO C 80 -3.24 -3.34 28.75
C PRO C 80 -2.28 -2.29 29.30
N ALA C 81 -2.03 -1.26 28.51
CA ALA C 81 -1.02 -0.28 28.85
C ALA C 81 -1.37 0.40 30.18
N PHE C 82 -0.38 0.44 31.07
CA PHE C 82 -0.51 1.07 32.39
C PHE C 82 -1.35 0.30 33.39
N ILE C 83 -1.86 -0.86 32.98
CA ILE C 83 -2.43 -1.81 33.89
C ILE C 83 -1.36 -2.86 34.21
N THR C 84 -0.76 -3.46 33.19
CA THR C 84 0.21 -4.52 33.41
C THR C 84 1.62 -4.24 32.86
N GLN C 85 1.75 -3.18 32.05
CA GLN C 85 3.06 -2.78 31.51
C GLN C 85 3.06 -1.34 31.06
N CYS C 86 4.26 -0.81 30.86
CA CYS C 86 4.42 0.40 30.07
C CYS C 86 4.50 -0.08 28.59
N PRO C 87 4.09 0.76 27.61
CA PRO C 87 4.23 0.34 26.22
C PRO C 87 5.69 0.05 25.83
N ILE C 88 5.84 -0.77 24.79
CA ILE C 88 7.10 -0.93 24.10
C ILE C 88 7.31 0.30 23.22
N ILE C 89 8.53 0.85 23.24
CA ILE C 89 8.82 1.97 22.37
C ILE C 89 9.36 1.46 21.08
N VAL C 90 9.25 2.31 20.05
CA VAL C 90 9.74 1.95 18.73
C VAL C 90 11.23 1.61 18.75
N GLY C 91 11.59 0.63 17.93
CA GLY C 91 12.96 0.21 17.80
C GLY C 91 13.33 -0.83 18.82
N ASN C 92 12.40 -1.13 19.73
CA ASN C 92 12.63 -2.11 20.78
C ASN C 92 11.71 -3.28 20.56
N SER C 93 12.08 -4.42 21.15
CA SER C 93 11.25 -5.60 21.14
C SER C 93 10.98 -6.08 22.55
N PHE C 94 10.00 -6.96 22.68
CA PHE C 94 9.56 -7.50 23.95
C PHE C 94 8.97 -8.88 23.67
N SER C 95 9.38 -9.87 24.49
CA SER C 95 8.90 -11.23 24.35
C SER C 95 7.74 -11.49 25.32
N TYR C 96 6.55 -11.67 24.74
CA TYR C 96 5.41 -12.21 25.47
C TYR C 96 5.50 -13.74 25.52
N ASN C 97 5.78 -14.24 26.72
CA ASN C 97 6.02 -15.63 27.01
C ASN C 97 4.97 -16.05 27.96
N PHE C 98 4.14 -16.99 27.56
CA PHE C 98 3.11 -17.48 28.46
C PHE C 98 2.67 -18.84 28.05
N ASN C 99 1.94 -19.50 28.94
CA ASN C 99 1.36 -20.78 28.66
C ASN C 99 -0.14 -20.64 28.67
N VAL C 100 -0.85 -21.57 28.03
CA VAL C 100 -2.34 -21.58 28.07
C VAL C 100 -2.97 -22.87 28.66
N PRO C 101 -2.60 -23.20 29.92
CA PRO C 101 -3.14 -24.46 30.44
C PRO C 101 -4.66 -24.40 30.60
N GLY C 102 -5.36 -25.47 30.24
CA GLY C 102 -6.80 -25.61 30.52
C GLY C 102 -7.75 -24.78 29.67
N MET C 103 -7.24 -24.23 28.57
CA MET C 103 -8.02 -23.36 27.70
C MET C 103 -7.87 -23.80 26.26
N ALA C 104 -8.97 -23.81 25.53
CA ALA C 104 -8.93 -24.05 24.11
C ALA C 104 -10.12 -23.34 23.51
N GLY C 105 -9.97 -22.89 22.26
CA GLY C 105 -11.03 -22.20 21.55
C GLY C 105 -10.51 -21.09 20.66
N THR C 106 -11.36 -20.10 20.46
CA THR C 106 -11.14 -19.04 19.51
C THR C 106 -10.93 -17.75 20.29
N TYR C 107 -9.79 -17.10 20.06
CA TYR C 107 -9.46 -15.82 20.72
C TYR C 107 -8.96 -14.81 19.68
N TRP C 108 -8.45 -13.67 20.14
CA TRP C 108 -7.85 -12.68 19.26
C TRP C 108 -6.88 -11.83 20.06
N TYR C 109 -6.06 -11.07 19.37
CA TYR C 109 -5.11 -10.19 20.02
C TYR C 109 -5.29 -8.82 19.40
N HIS C 110 -4.86 -7.80 20.12
CA HIS C 110 -5.00 -6.45 19.64
C HIS C 110 -4.21 -5.53 20.53
N SER C 111 -3.74 -4.45 19.95
CA SER C 111 -3.15 -3.40 20.72
C SER C 111 -4.04 -3.05 21.91
N HIS C 112 -3.40 -2.83 23.06
CA HIS C 112 -4.17 -2.41 24.22
C HIS C 112 -3.60 -1.12 24.78
N LEU C 113 -3.14 -0.28 23.85
CA LEU C 113 -2.76 1.11 24.08
C LEU C 113 -3.76 2.05 23.36
N THR C 114 -4.37 2.98 24.12
CA THR C 114 -5.33 3.99 23.60
C THR C 114 -6.32 3.36 22.62
N THR C 115 -6.52 3.95 21.44
CA THR C 115 -7.39 3.34 20.45
C THR C 115 -6.63 2.73 19.27
N GLN C 116 -5.36 2.41 19.48
CA GLN C 116 -4.49 1.92 18.38
C GLN C 116 -5.00 0.69 17.64
N TYR C 117 -5.72 -0.21 18.32
CA TYR C 117 -6.19 -1.42 17.61
C TYR C 117 -7.20 -1.14 16.49
N CYS C 118 -8.00 -0.07 16.67
CA CYS C 118 -8.83 0.45 15.61
C CYS C 118 -8.02 0.74 14.35
N ASP C 119 -6.84 1.36 14.51
CA ASP C 119 -5.97 1.67 13.36
C ASP C 119 -5.28 0.47 12.76
N GLY C 120 -5.58 -0.72 13.24
CA GLY C 120 -5.13 -1.89 12.48
C GLY C 120 -4.57 -3.08 13.22
N LEU C 121 -4.13 -2.88 14.45
CA LEU C 121 -3.40 -3.94 15.17
C LEU C 121 -4.37 -4.90 15.85
N ARG C 122 -4.88 -5.85 15.08
CA ARG C 122 -5.85 -6.81 15.60
C ARG C 122 -5.79 -7.99 14.64
N GLY C 123 -5.80 -9.20 15.20
CA GLY C 123 -5.72 -10.48 14.45
C GLY C 123 -6.33 -11.62 15.28
N PRO C 124 -6.64 -12.76 14.64
CA PRO C 124 -7.19 -13.89 15.38
C PRO C 124 -6.13 -14.70 16.13
N PHE C 125 -6.54 -15.42 17.18
CA PHE C 125 -5.62 -16.16 18.05
C PHE C 125 -6.37 -17.44 18.37
N VAL C 126 -5.87 -18.60 17.96
CA VAL C 126 -6.65 -19.83 18.11
C VAL C 126 -5.83 -20.86 18.87
N VAL C 127 -6.43 -21.46 19.90
CA VAL C 127 -5.78 -22.54 20.64
C VAL C 127 -6.51 -23.82 20.28
N TYR C 128 -5.92 -24.57 19.38
CA TYR C 128 -6.46 -25.85 18.96
C TYR C 128 -6.39 -26.90 20.06
N ASP C 129 -7.32 -27.85 20.00
CA ASP C 129 -7.38 -28.93 20.97
C ASP C 129 -7.35 -30.23 20.20
N PRO C 130 -6.22 -30.94 20.25
CA PRO C 130 -6.18 -32.20 19.49
C PRO C 130 -7.27 -33.18 19.95
N ASN C 131 -7.73 -33.08 21.21
CA ASN C 131 -8.80 -33.95 21.72
C ASN C 131 -10.11 -33.17 21.92
N ASP C 132 -10.35 -32.20 21.04
CA ASP C 132 -11.46 -31.23 21.18
C ASP C 132 -12.74 -32.02 21.36
N PRO C 133 -13.50 -31.75 22.42
CA PRO C 133 -14.78 -32.47 22.57
C PRO C 133 -15.77 -32.34 21.40
N ASP C 134 -15.62 -31.33 20.53
CA ASP C 134 -16.54 -31.10 19.39
C ASP C 134 -16.02 -31.57 18.01
N ALA C 135 -14.78 -32.10 17.97
CA ALA C 135 -14.01 -32.35 16.75
C ALA C 135 -14.73 -33.24 15.75
N ASN C 136 -15.51 -34.16 16.29
CA ASN C 136 -16.23 -35.09 15.45
C ASN C 136 -17.48 -34.45 14.80
N LEU C 137 -17.74 -33.17 15.10
CA LEU C 137 -18.93 -32.52 14.57
C LEU C 137 -18.67 -31.81 13.23
N TYR C 138 -17.42 -31.80 12.79
CA TYR C 138 -17.05 -31.16 11.53
C TYR C 138 -15.86 -31.87 10.87
N ASP C 139 -15.66 -31.62 9.58
CA ASP C 139 -14.55 -32.20 8.81
C ASP C 139 -13.38 -31.25 8.64
N VAL C 140 -13.67 -29.95 8.62
CA VAL C 140 -12.62 -28.98 8.36
C VAL C 140 -12.58 -27.92 9.43
N ASP C 141 -11.40 -27.76 10.03
CA ASP C 141 -11.12 -26.65 10.95
C ASP C 141 -9.71 -26.16 10.67
N ASP C 142 -9.57 -25.06 9.93
CA ASP C 142 -8.22 -24.55 9.67
C ASP C 142 -8.27 -23.06 9.42
N ASP C 143 -7.16 -22.50 8.93
CA ASP C 143 -7.11 -21.05 8.73
C ASP C 143 -8.14 -20.50 7.74
N THR C 144 -8.62 -21.35 6.84
CA THR C 144 -9.66 -20.94 5.88
C THR C 144 -11.08 -20.92 6.46
N THR C 145 -11.25 -21.35 7.72
CA THR C 145 -12.56 -21.39 8.38
C THR C 145 -12.65 -20.36 9.51
N ILE C 146 -11.63 -19.51 9.60
CA ILE C 146 -11.66 -18.33 10.45
C ILE C 146 -12.34 -17.17 9.70
N ILE C 147 -13.38 -16.60 10.32
CA ILE C 147 -14.08 -15.42 9.79
C ILE C 147 -13.91 -14.22 10.75
N THR C 148 -13.19 -13.18 10.34
CA THR C 148 -13.12 -11.98 11.17
C THR C 148 -14.13 -10.94 10.69
N LEU C 149 -14.86 -10.35 11.64
CA LEU C 149 -15.68 -9.14 11.36
C LEU C 149 -15.00 -7.90 11.91
N ALA C 150 -14.67 -6.94 11.06
CA ALA C 150 -14.00 -5.68 11.50
C ALA C 150 -14.75 -4.41 11.09
N ASP C 151 -14.84 -3.44 12.00
CA ASP C 151 -15.21 -2.08 11.61
C ASP C 151 -13.98 -1.33 11.08
N TRP C 152 -14.18 -0.52 10.06
CA TRP C 152 -13.07 0.21 9.45
C TRP C 152 -13.38 1.70 9.22
N TYR C 153 -12.40 2.54 9.58
CA TYR C 153 -12.58 3.98 9.62
C TYR C 153 -11.68 4.70 8.63
N HIS C 154 -12.24 5.66 7.90
CA HIS C 154 -11.38 6.54 7.08
C HIS C 154 -10.69 7.63 7.91
N VAL C 155 -11.15 7.81 9.14
CA VAL C 155 -10.58 8.79 10.03
C VAL C 155 -9.58 8.09 10.96
N LEU C 156 -8.38 8.65 11.07
CA LEU C 156 -7.38 8.14 12.00
C LEU C 156 -7.93 8.11 13.45
N ALA C 157 -7.66 7.03 14.17
CA ALA C 157 -8.24 6.84 15.50
C ALA C 157 -7.91 7.99 16.44
N LYS C 158 -6.69 8.52 16.33
CA LYS C 158 -6.23 9.60 17.20
C LYS C 158 -6.97 10.90 16.94
N GLU C 159 -7.61 11.00 15.78
CA GLU C 159 -8.28 12.25 15.45
C GLU C 159 -9.79 12.16 15.56
N MET C 160 -10.29 11.02 16.05
CA MET C 160 -11.65 10.94 16.55
C MET C 160 -11.65 11.85 17.80
N GLY C 161 -12.71 12.62 18.05
CA GLY C 161 -13.99 12.56 17.41
C GLY C 161 -14.87 12.47 18.64
N ALA C 162 -14.27 12.03 19.76
CA ALA C 162 -15.01 11.39 20.85
C ALA C 162 -14.71 11.81 22.32
N GLY C 163 -15.58 11.42 23.26
CA GLY C 163 -16.84 10.71 22.97
C GLY C 163 -18.06 11.61 22.87
N GLY C 164 -18.82 11.53 21.75
CA GLY C 164 -18.62 10.53 20.68
C GLY C 164 -19.52 9.32 20.86
N ALA C 165 -20.31 8.95 19.84
CA ALA C 165 -20.57 9.73 18.61
C ALA C 165 -19.57 9.52 17.45
N ILE C 166 -19.11 8.27 17.29
CA ILE C 166 -18.18 7.90 16.23
C ILE C 166 -18.79 6.75 15.42
N THR C 167 -18.63 6.80 14.10
CA THR C 167 -19.18 5.70 13.27
C THR C 167 -18.18 5.22 12.23
N ALA C 168 -18.28 3.95 11.88
CA ALA C 168 -17.38 3.34 10.91
C ALA C 168 -17.71 3.78 9.47
N ASP C 169 -16.79 3.52 8.55
CA ASP C 169 -17.01 3.80 7.13
C ASP C 169 -17.12 2.54 6.29
N SER C 170 -16.74 1.40 6.88
CA SER C 170 -17.14 0.11 6.31
C SER C 170 -16.96 -1.08 7.24
N THR C 171 -17.60 -2.17 6.82
CA THR C 171 -17.49 -3.48 7.44
C THR C 171 -16.59 -4.34 6.56
N LEU C 172 -15.56 -4.92 7.16
CA LEU C 172 -14.62 -5.78 6.48
C LEU C 172 -14.78 -7.20 7.02
N ILE C 173 -15.07 -8.13 6.12
CA ILE C 173 -15.11 -9.57 6.45
C ILE C 173 -13.82 -10.16 5.87
N ASP C 174 -13.02 -10.80 6.73
CA ASP C 174 -11.69 -11.28 6.36
C ASP C 174 -10.86 -10.22 5.62
N GLY C 175 -10.82 -9.00 6.16
CA GLY C 175 -10.03 -7.91 5.59
C GLY C 175 -10.59 -7.18 4.37
N LEU C 176 -11.75 -7.59 3.89
CA LEU C 176 -12.29 -6.95 2.68
C LEU C 176 -13.77 -6.65 2.84
N GLY C 177 -14.24 -5.58 2.19
CA GLY C 177 -15.63 -5.15 2.25
C GLY C 177 -15.78 -3.73 1.73
N ARG C 178 -17.00 -3.28 1.51
CA ARG C 178 -17.20 -2.02 0.77
C ARG C 178 -17.56 -0.83 1.61
N THR C 179 -17.29 0.36 1.09
CA THR C 179 -17.45 1.62 1.80
C THR C 179 -18.93 1.98 1.93
N HIS C 180 -19.32 2.47 3.10
CA HIS C 180 -20.73 2.83 3.35
C HIS C 180 -21.17 3.98 2.46
N VAL C 181 -20.34 5.02 2.34
CA VAL C 181 -20.71 6.14 1.46
C VAL C 181 -19.99 6.07 0.12
N ASN C 182 -20.72 6.40 -0.96
CA ASN C 182 -20.13 6.43 -2.30
C ASN C 182 -19.42 5.08 -2.54
N VAL C 183 -20.19 4.03 -2.29
CA VAL C 183 -19.74 2.67 -2.41
C VAL C 183 -19.08 2.41 -3.78
N ALA C 184 -17.78 2.09 -3.76
CA ALA C 184 -17.02 1.67 -4.95
C ALA C 184 -16.99 0.14 -5.06
N ALA C 185 -16.88 -0.39 -6.28
CA ALA C 185 -17.01 -1.84 -6.49
C ALA C 185 -15.70 -2.56 -6.27
N VAL C 186 -15.32 -2.66 -5.01
CA VAL C 186 -14.03 -3.27 -4.64
C VAL C 186 -14.21 -4.73 -4.23
N PRO C 187 -13.08 -5.49 -4.12
CA PRO C 187 -13.18 -6.94 -3.95
C PRO C 187 -13.81 -7.39 -2.64
N LEU C 188 -14.67 -8.39 -2.73
CA LEU C 188 -15.27 -9.00 -1.56
C LEU C 188 -14.52 -10.27 -1.21
N SER C 189 -14.53 -10.64 0.07
CA SER C 189 -13.95 -11.90 0.52
C SER C 189 -14.82 -13.08 0.13
N VAL C 190 -14.16 -14.19 -0.21
CA VAL C 190 -14.82 -15.44 -0.52
C VAL C 190 -14.50 -16.49 0.55
N ILE C 191 -15.57 -17.17 0.98
CA ILE C 191 -15.47 -18.36 1.81
C ILE C 191 -16.01 -19.57 1.05
N THR C 192 -15.11 -20.53 0.78
CA THR C 192 -15.39 -21.64 -0.10
C THR C 192 -15.70 -22.89 0.71
N VAL C 193 -16.75 -23.62 0.32
CA VAL C 193 -17.12 -24.88 0.95
C VAL C 193 -17.37 -25.92 -0.13
N GLU C 194 -17.43 -27.20 0.25
CA GLU C 194 -17.71 -28.28 -0.70
C GLU C 194 -18.93 -29.00 -0.15
N VAL C 195 -19.87 -29.35 -1.02
CA VAL C 195 -21.06 -30.08 -0.60
C VAL C 195 -20.74 -31.32 0.22
N GLY C 196 -21.57 -31.57 1.22
CA GLY C 196 -21.44 -32.77 2.05
C GLY C 196 -20.47 -32.60 3.19
N LYS C 197 -19.72 -31.50 3.15
CA LYS C 197 -18.70 -31.25 4.16
C LYS C 197 -19.25 -30.34 5.27
N ARG C 198 -18.73 -30.55 6.48
CA ARG C 198 -19.08 -29.75 7.65
C ARG C 198 -17.87 -28.95 8.07
N TYR C 199 -18.11 -27.69 8.41
CA TYR C 199 -17.07 -26.70 8.65
C TYR C 199 -17.19 -26.09 10.03
N ARG C 200 -16.09 -26.06 10.78
CA ARG C 200 -16.06 -25.27 12.01
C ARG C 200 -15.65 -23.85 11.64
N MET C 201 -16.65 -23.02 11.36
CA MET C 201 -16.43 -21.61 11.18
C MET C 201 -16.16 -21.02 12.54
N ARG C 202 -15.04 -20.30 12.66
CA ARG C 202 -14.70 -19.64 13.89
C ARG C 202 -14.94 -18.15 13.63
N LEU C 203 -16.08 -17.63 14.12
CA LEU C 203 -16.45 -16.25 13.90
C LEU C 203 -15.81 -15.40 15.00
N VAL C 204 -15.03 -14.42 14.57
CA VAL C 204 -14.33 -13.56 15.50
C VAL C 204 -14.69 -12.10 15.27
N SER C 205 -15.26 -11.45 16.28
CA SER C 205 -15.48 -10.00 16.20
C SER C 205 -14.23 -9.27 16.60
N ILE C 206 -13.59 -8.60 15.64
CA ILE C 206 -12.46 -7.74 15.98
C ILE C 206 -12.88 -6.25 15.98
N SER C 207 -14.19 -6.03 16.16
CA SER C 207 -14.79 -4.68 16.16
C SER C 207 -14.30 -3.74 17.27
N CYS C 208 -13.90 -2.53 16.89
CA CYS C 208 -13.68 -1.41 17.82
C CYS C 208 -14.95 -0.85 18.42
N ASP C 209 -16.10 -1.21 17.82
CA ASP C 209 -17.38 -0.57 18.23
C ASP C 209 -18.61 -1.45 17.93
N PRO C 210 -19.08 -1.43 16.67
CA PRO C 210 -20.39 -2.00 16.40
C PRO C 210 -20.47 -3.47 16.67
N ASN C 211 -21.71 -3.91 16.89
CA ASN C 211 -22.06 -5.31 16.91
C ASN C 211 -22.65 -5.65 15.56
N TYR C 212 -22.52 -6.89 15.15
CA TYR C 212 -23.02 -7.30 13.86
C TYR C 212 -24.14 -8.31 13.97
N ASP C 213 -25.12 -8.20 13.09
CA ASP C 213 -26.12 -9.25 12.90
C ASP C 213 -25.58 -10.13 11.78
N PHE C 214 -25.12 -11.33 12.12
CA PHE C 214 -24.43 -12.20 11.18
C PHE C 214 -25.33 -13.33 10.70
N SER C 215 -25.32 -13.59 9.40
CA SER C 215 -26.10 -14.69 8.84
C SER C 215 -25.56 -15.08 7.47
N ILE C 216 -25.90 -16.28 7.03
CA ILE C 216 -25.51 -16.79 5.74
C ILE C 216 -26.78 -17.23 5.02
N ASP C 217 -27.05 -16.62 3.88
CA ASP C 217 -28.24 -16.94 3.10
C ASP C 217 -28.29 -18.44 2.79
N GLY C 218 -29.48 -19.01 2.98
CA GLY C 218 -29.73 -20.41 2.70
C GLY C 218 -29.26 -21.38 3.77
N HIS C 219 -28.60 -20.88 4.83
CA HIS C 219 -27.87 -21.78 5.75
C HIS C 219 -28.12 -21.52 7.22
N ASP C 220 -28.09 -22.61 7.98
CA ASP C 220 -28.17 -22.56 9.43
C ASP C 220 -26.78 -22.57 10.00
N MET C 221 -26.70 -22.30 11.29
CA MET C 221 -25.45 -22.27 12.01
C MET C 221 -25.64 -22.95 13.35
N THR C 222 -24.77 -23.89 13.69
CA THR C 222 -24.88 -24.61 14.96
C THR C 222 -23.70 -24.25 15.88
N ILE C 223 -23.96 -23.34 16.81
CA ILE C 223 -22.97 -22.87 17.78
C ILE C 223 -22.44 -23.99 18.66
N ILE C 224 -21.11 -24.04 18.81
CA ILE C 224 -20.46 -25.09 19.58
C ILE C 224 -19.43 -24.52 20.56
N GLU C 225 -19.18 -23.21 20.49
CA GLU C 225 -18.16 -22.54 21.31
C GLU C 225 -18.56 -21.08 21.40
N THR C 226 -18.38 -20.50 22.59
CA THR C 226 -18.61 -19.07 22.77
C THR C 226 -17.55 -18.47 23.67
N ASP C 227 -16.77 -17.55 23.11
CA ASP C 227 -15.69 -16.86 23.81
C ASP C 227 -14.70 -17.86 24.42
N GLY C 228 -14.39 -18.93 23.68
CA GLY C 228 -13.47 -19.97 24.19
C GLY C 228 -14.09 -21.08 25.05
N VAL C 229 -15.40 -20.97 25.33
CA VAL C 229 -16.08 -21.97 26.16
C VAL C 229 -16.98 -22.82 25.28
N ASP C 230 -16.69 -24.12 25.21
CA ASP C 230 -17.50 -25.05 24.46
C ASP C 230 -18.93 -25.01 24.97
N SER C 231 -19.88 -24.99 24.02
CA SER C 231 -21.30 -24.94 24.32
C SER C 231 -22.03 -26.20 23.87
N GLN C 232 -23.20 -26.45 24.46
CA GLN C 232 -24.10 -27.44 23.90
C GLN C 232 -24.47 -26.90 22.53
N GLU C 233 -24.75 -27.80 21.60
CA GLU C 233 -25.15 -27.43 20.24
C GLU C 233 -26.43 -26.59 20.25
N LEU C 234 -26.37 -25.42 19.61
CA LEU C 234 -27.55 -24.55 19.42
C LEU C 234 -27.55 -24.09 17.97
N THR C 235 -28.59 -24.47 17.23
CA THR C 235 -28.76 -24.10 15.83
C THR C 235 -29.56 -22.81 15.68
N VAL C 236 -29.01 -21.89 14.90
CA VAL C 236 -29.55 -20.55 14.77
C VAL C 236 -29.46 -20.15 13.31
N ASP C 237 -30.25 -19.17 12.88
CA ASP C 237 -30.13 -18.66 11.53
C ASP C 237 -29.60 -17.22 11.54
N GLU C 238 -29.30 -16.72 12.74
CA GLU C 238 -28.66 -15.38 12.90
C GLU C 238 -27.89 -15.29 14.22
N ILE C 239 -26.74 -14.66 14.19
CA ILE C 239 -26.00 -14.39 15.42
C ILE C 239 -25.74 -12.90 15.51
N GLN C 240 -26.19 -12.28 16.61
CA GLN C 240 -25.81 -10.91 16.94
C GLN C 240 -24.56 -11.06 17.76
N ILE C 241 -23.47 -10.54 17.23
CA ILE C 241 -22.18 -10.70 17.87
C ILE C 241 -21.61 -9.34 18.25
N PHE C 242 -21.35 -9.15 19.53
CA PHE C 242 -20.85 -7.88 20.04
C PHE C 242 -19.35 -7.83 20.04
N ALA C 243 -18.80 -6.62 20.22
CA ALA C 243 -17.36 -6.39 20.05
C ALA C 243 -16.53 -7.29 20.93
N ALA C 244 -15.45 -7.81 20.34
CA ALA C 244 -14.52 -8.76 20.96
C ALA C 244 -15.05 -10.20 21.20
N GLN C 245 -16.36 -10.45 21.01
CA GLN C 245 -16.90 -11.81 21.18
C GLN C 245 -16.46 -12.79 20.05
N ARG C 246 -16.58 -14.08 20.35
CA ARG C 246 -16.29 -15.13 19.40
C ARG C 246 -17.31 -16.27 19.49
N TYR C 247 -17.64 -16.81 18.32
CA TYR C 247 -18.42 -18.06 18.25
C TYR C 247 -17.77 -19.01 17.27
N SER C 248 -17.76 -20.30 17.62
CA SER C 248 -17.53 -21.33 16.59
C SER C 248 -18.87 -21.92 16.24
N PHE C 249 -19.15 -22.05 14.97
CA PHE C 249 -20.38 -22.68 14.57
C PHE C 249 -20.14 -23.67 13.44
N VAL C 250 -20.90 -24.76 13.45
CA VAL C 250 -20.81 -25.72 12.37
C VAL C 250 -21.64 -25.21 11.22
N LEU C 251 -21.00 -25.09 10.07
CA LEU C 251 -21.68 -24.87 8.80
C LEU C 251 -21.71 -26.17 8.04
N ASN C 252 -22.91 -26.68 7.81
CA ASN C 252 -23.08 -27.90 7.03
C ASN C 252 -23.34 -27.51 5.59
N ALA C 253 -22.40 -27.83 4.70
CA ALA C 253 -22.52 -27.41 3.31
C ALA C 253 -23.49 -28.34 2.53
N ASN C 254 -24.78 -28.15 2.80
CA ASN C 254 -25.85 -29.07 2.37
C ASN C 254 -26.88 -28.42 1.45
N GLN C 255 -26.59 -27.22 1.00
CA GLN C 255 -27.41 -26.53 0.03
C GLN C 255 -26.90 -26.81 -1.38
N PRO C 256 -27.72 -26.55 -2.41
CA PRO C 256 -27.29 -26.72 -3.83
C PRO C 256 -26.06 -25.88 -4.11
N VAL C 257 -25.20 -26.41 -4.98
CA VAL C 257 -23.98 -25.74 -5.38
C VAL C 257 -24.33 -24.38 -5.97
N GLY C 258 -23.81 -23.32 -5.34
CA GLY C 258 -24.01 -21.97 -5.81
C GLY C 258 -23.33 -20.95 -4.93
N ASN C 259 -23.74 -19.70 -5.08
CA ASN C 259 -23.17 -18.59 -4.32
C ASN C 259 -24.23 -18.10 -3.36
N TYR C 260 -23.81 -17.73 -2.15
CA TYR C 260 -24.72 -17.28 -1.11
C TYR C 260 -24.10 -16.10 -0.41
N TRP C 261 -24.91 -15.07 -0.13
CA TRP C 261 -24.40 -13.92 0.59
C TRP C 261 -24.12 -14.23 2.03
N ILE C 262 -22.93 -13.82 2.46
CA ILE C 262 -22.59 -13.77 3.86
C ILE C 262 -22.94 -12.36 4.31
N ARG C 263 -23.72 -12.24 5.39
CA ARG C 263 -24.19 -10.93 5.86
C ARG C 263 -23.69 -10.57 7.27
N ALA C 264 -23.13 -9.38 7.43
CA ALA C 264 -22.83 -8.83 8.77
C ALA C 264 -23.30 -7.38 8.93
N ASN C 265 -24.45 -7.19 9.57
CA ASN C 265 -25.08 -5.85 9.66
C ASN C 265 -24.77 -5.18 11.01
N PRO C 266 -23.97 -4.10 10.97
CA PRO C 266 -23.63 -3.41 12.20
C PRO C 266 -24.81 -2.61 12.75
N ASN C 267 -24.80 -2.36 14.06
CA ASN C 267 -25.84 -1.58 14.69
C ASN C 267 -25.81 -0.11 14.28
N SER C 268 -24.63 0.38 13.89
CA SER C 268 -24.50 1.74 13.39
C SER C 268 -23.68 1.73 12.10
N GLY C 269 -23.65 2.86 11.40
CA GLY C 269 -23.02 2.94 10.08
C GLY C 269 -24.00 2.50 9.02
N GLY C 270 -23.49 1.98 7.91
CA GLY C 270 -24.32 1.61 6.76
C GLY C 270 -25.33 0.52 7.03
N GLU C 271 -26.60 0.82 6.80
CA GLU C 271 -27.70 -0.13 6.94
C GLU C 271 -28.05 -0.80 5.61
N GLY C 272 -28.25 -2.11 5.65
CA GLY C 272 -28.56 -2.83 4.44
C GLY C 272 -27.28 -3.28 3.75
N PHE C 273 -27.40 -3.66 2.47
CA PHE C 273 -26.38 -4.41 1.74
C PHE C 273 -26.33 -3.94 0.29
N ASP C 274 -26.93 -2.78 0.00
CA ASP C 274 -26.84 -2.22 -1.35
C ASP C 274 -25.39 -2.11 -1.78
N GLY C 275 -25.11 -2.54 -3.00
CA GLY C 275 -23.78 -2.39 -3.55
C GLY C 275 -22.82 -3.44 -2.97
N GLY C 276 -23.34 -4.29 -2.08
CA GLY C 276 -22.56 -5.33 -1.44
C GLY C 276 -21.75 -4.86 -0.24
N ILE C 277 -22.21 -3.78 0.40
CA ILE C 277 -21.67 -3.42 1.71
C ILE C 277 -22.10 -4.48 2.71
N ASN C 278 -21.42 -4.52 3.86
CA ASN C 278 -21.72 -5.50 4.92
C ASN C 278 -21.79 -6.96 4.47
N SER C 279 -21.08 -7.29 3.39
CA SER C 279 -21.21 -8.61 2.72
C SER C 279 -19.88 -9.24 2.35
N ALA C 280 -19.92 -10.57 2.20
CA ALA C 280 -18.85 -11.40 1.69
C ALA C 280 -19.58 -12.54 0.98
N ILE C 281 -18.84 -13.44 0.37
CA ILE C 281 -19.49 -14.47 -0.44
C ILE C 281 -19.20 -15.89 0.05
N LEU C 282 -20.28 -16.67 0.21
CA LEU C 282 -20.12 -18.08 0.46
C LEU C 282 -20.22 -18.79 -0.90
N ARG C 283 -19.13 -19.50 -1.25
CA ARG C 283 -19.07 -20.14 -2.54
C ARG C 283 -18.80 -21.64 -2.43
N TYR C 284 -19.68 -22.44 -3.03
CA TYR C 284 -19.45 -23.89 -3.16
C TYR C 284 -18.49 -24.12 -4.30
N ASP C 285 -17.54 -25.04 -4.10
CA ASP C 285 -16.59 -25.34 -5.15
C ASP C 285 -17.43 -25.93 -6.29
N GLY C 286 -17.14 -25.49 -7.51
CA GLY C 286 -17.93 -25.90 -8.67
C GLY C 286 -19.03 -24.91 -9.04
N ALA C 287 -19.35 -23.97 -8.15
CA ALA C 287 -20.31 -22.90 -8.48
C ALA C 287 -19.70 -22.02 -9.57
N THR C 288 -20.56 -21.36 -10.34
CA THR C 288 -20.10 -20.24 -11.19
C THR C 288 -19.48 -19.21 -10.30
N THR C 289 -18.31 -18.70 -10.71
CA THR C 289 -17.74 -17.56 -10.03
C THR C 289 -18.56 -16.32 -10.39
N ALA C 290 -19.53 -15.98 -9.54
CA ALA C 290 -20.35 -14.81 -9.75
C ALA C 290 -20.91 -14.38 -8.39
N ASP C 291 -21.38 -13.13 -8.30
CA ASP C 291 -21.93 -12.65 -7.06
C ASP C 291 -23.15 -13.49 -6.73
N PRO C 292 -23.42 -13.68 -5.43
CA PRO C 292 -24.66 -14.36 -5.09
C PRO C 292 -25.86 -13.48 -5.46
N VAL C 293 -27.00 -14.11 -5.71
CA VAL C 293 -28.24 -13.35 -5.92
C VAL C 293 -29.33 -13.75 -4.91
N THR C 294 -28.93 -14.35 -3.79
CA THR C 294 -29.88 -14.83 -2.80
C THR C 294 -30.44 -13.70 -1.94
N VAL C 295 -31.49 -14.02 -1.20
CA VAL C 295 -31.99 -13.08 -0.20
C VAL C 295 -31.94 -13.66 1.21
N ALA C 296 -31.85 -12.80 2.21
CA ALA C 296 -32.05 -13.18 3.59
C ALA C 296 -33.49 -13.65 3.79
N SER C 297 -33.71 -14.48 4.80
CA SER C 297 -35.07 -14.74 5.21
C SER C 297 -35.78 -13.41 5.59
N THR C 298 -37.03 -13.27 5.17
CA THR C 298 -37.91 -12.16 5.56
C THR C 298 -37.82 -11.90 7.08
N VAL C 299 -37.87 -12.98 7.84
CA VAL C 299 -37.78 -12.91 9.28
C VAL C 299 -36.91 -14.08 9.73
N HIS C 300 -35.88 -13.80 10.51
CA HIS C 300 -35.07 -14.86 11.09
C HIS C 300 -35.82 -15.56 12.23
N THR C 301 -35.83 -16.88 12.20
CA THR C 301 -36.70 -17.73 13.00
C THR C 301 -36.03 -18.30 14.25
N LYS C 302 -34.73 -18.59 14.14
CA LYS C 302 -33.98 -19.13 15.26
C LYS C 302 -32.71 -18.27 15.51
N CYS C 303 -32.95 -17.01 15.84
CA CYS C 303 -31.90 -16.05 16.12
C CYS C 303 -31.26 -16.31 17.46
N LEU C 304 -29.96 -16.07 17.56
CA LEU C 304 -29.28 -16.30 18.82
C LEU C 304 -29.86 -15.44 19.94
N ILE C 305 -30.22 -16.10 21.04
CA ILE C 305 -30.52 -15.43 22.30
C ILE C 305 -29.59 -16.04 23.31
N GLU C 306 -28.91 -15.18 24.09
CA GLU C 306 -27.86 -15.64 25.00
C GLU C 306 -28.30 -16.63 26.10
N THR C 307 -29.56 -16.52 26.55
CA THR C 307 -30.11 -17.46 27.54
C THR C 307 -30.35 -18.86 26.93
N ASP C 308 -30.22 -18.98 25.60
CA ASP C 308 -30.36 -20.28 24.95
C ASP C 308 -29.07 -21.10 24.94
N LEU C 309 -27.94 -20.46 25.20
CA LEU C 309 -26.65 -21.14 25.19
C LEU C 309 -26.32 -21.73 26.54
N HIS C 310 -25.67 -22.90 26.54
CA HIS C 310 -25.16 -23.53 27.78
C HIS C 310 -23.82 -24.24 27.59
N PRO C 311 -22.96 -24.26 28.63
CA PRO C 311 -21.66 -24.91 28.54
C PRO C 311 -21.79 -26.39 28.17
N LEU C 312 -20.81 -26.93 27.45
CA LEU C 312 -20.81 -28.33 27.06
C LEU C 312 -20.45 -29.14 28.28
N SER C 313 -19.53 -28.60 29.10
CA SER C 313 -19.21 -29.14 30.39
C SER C 313 -20.28 -28.77 31.40
N ARG C 314 -20.49 -29.62 32.40
CA ARG C 314 -21.25 -29.26 33.58
C ARG C 314 -20.47 -28.19 34.35
N ASN C 315 -20.58 -26.94 33.92
CA ASN C 315 -19.90 -25.82 34.55
C ASN C 315 -20.59 -25.29 35.80
N GLY C 316 -21.92 -25.34 35.81
CA GLY C 316 -22.69 -24.81 36.93
C GLY C 316 -22.48 -23.33 37.10
N VAL C 317 -22.57 -22.88 38.35
CA VAL C 317 -22.44 -21.47 38.72
C VAL C 317 -21.88 -21.44 40.12
N PRO C 318 -20.82 -20.63 40.36
CA PRO C 318 -20.37 -20.55 41.75
C PRO C 318 -21.35 -19.76 42.63
N GLY C 319 -21.42 -20.11 43.92
CA GLY C 319 -22.26 -19.40 44.89
C GLY C 319 -23.69 -19.91 45.07
N ASN C 320 -24.56 -19.03 45.55
CA ASN C 320 -25.96 -19.31 45.91
C ASN C 320 -27.03 -18.87 44.90
N PRO C 321 -28.11 -19.67 44.76
CA PRO C 321 -29.01 -19.41 43.65
C PRO C 321 -30.03 -18.30 43.91
N HIS C 322 -29.54 -17.10 44.26
CA HIS C 322 -30.40 -15.92 44.36
C HIS C 322 -29.60 -14.65 44.12
N GLN C 323 -30.29 -13.58 43.73
CA GLN C 323 -29.66 -12.28 43.51
C GLN C 323 -28.86 -11.89 44.76
N GLY C 324 -27.54 -11.71 44.58
CA GLY C 324 -26.65 -11.36 45.68
C GLY C 324 -26.03 -12.54 46.41
N GLY C 325 -26.32 -13.76 45.92
CA GLY C 325 -25.85 -15.00 46.56
C GLY C 325 -24.39 -15.32 46.35
N ALA C 326 -23.52 -14.32 46.50
CA ALA C 326 -22.08 -14.50 46.42
C ALA C 326 -21.36 -13.87 47.61
N ASP C 327 -20.05 -14.09 47.70
CA ASP C 327 -19.22 -13.54 48.76
C ASP C 327 -19.19 -12.01 48.64
N CYS C 328 -18.27 -11.53 47.83
CA CYS C 328 -18.18 -10.12 47.47
C CYS C 328 -19.17 -9.92 46.32
N ASN C 329 -20.29 -9.27 46.60
CA ASN C 329 -21.29 -9.03 45.56
C ASN C 329 -21.29 -7.56 45.22
N LEU C 330 -20.91 -7.30 43.98
CA LEU C 330 -20.79 -5.95 43.53
C LEU C 330 -22.00 -5.58 42.67
N ASN C 331 -22.11 -4.29 42.46
CA ASN C 331 -23.16 -3.73 41.67
C ASN C 331 -22.57 -2.38 41.32
N LEU C 332 -22.21 -2.21 40.05
CA LEU C 332 -21.44 -1.05 39.62
C LEU C 332 -22.35 0.02 39.04
N SER C 333 -22.17 1.28 39.47
CA SER C 333 -22.88 2.40 38.83
C SER C 333 -22.12 2.85 37.59
N LEU C 334 -22.58 2.37 36.44
CA LEU C 334 -21.99 2.67 35.14
C LEU C 334 -22.72 3.86 34.56
N GLY C 335 -22.00 4.94 34.29
CA GLY C 335 -22.63 6.15 33.81
C GLY C 335 -21.83 6.84 32.73
N PHE C 336 -22.49 7.82 32.11
CA PHE C 336 -21.89 8.69 31.12
C PHE C 336 -22.41 10.12 31.27
N ALA C 337 -21.50 11.08 31.24
CA ALA C 337 -21.85 12.50 31.20
C ALA C 337 -20.65 13.36 30.86
N CYS C 338 -20.89 14.45 30.13
CA CYS C 338 -19.86 15.42 29.75
C CYS C 338 -18.70 14.78 28.99
N GLY C 339 -19.06 13.90 28.04
CA GLY C 339 -18.10 13.25 27.15
C GLY C 339 -17.15 12.27 27.83
N ASN C 340 -17.55 11.74 28.98
CA ASN C 340 -16.75 10.79 29.73
C ASN C 340 -17.60 9.73 30.40
N PHE C 341 -17.11 8.48 30.35
CA PHE C 341 -17.75 7.37 31.07
C PHE C 341 -17.20 7.24 32.46
N VAL C 342 -18.05 6.76 33.37
CA VAL C 342 -17.66 6.61 34.78
C VAL C 342 -18.12 5.26 35.29
N ILE C 343 -17.34 4.68 36.20
CA ILE C 343 -17.80 3.51 36.96
C ILE C 343 -17.67 3.83 38.45
N ASN C 344 -18.80 3.80 39.14
CA ASN C 344 -18.90 4.29 40.51
C ASN C 344 -18.35 5.72 40.58
N GLY C 345 -18.86 6.55 39.68
CA GLY C 345 -18.45 7.94 39.56
C GLY C 345 -17.02 8.26 39.16
N VAL C 346 -16.20 7.24 38.92
CA VAL C 346 -14.82 7.51 38.52
C VAL C 346 -14.48 7.08 37.08
N SER C 347 -14.06 8.06 36.28
CA SER C 347 -13.61 7.82 34.91
C SER C 347 -12.16 7.33 34.90
N PHE C 348 -11.87 6.35 34.05
CA PHE C 348 -10.54 5.76 34.03
C PHE C 348 -9.57 6.59 33.20
N THR C 349 -8.51 7.07 33.82
CA THR C 349 -7.42 7.66 33.07
C THR C 349 -6.14 6.95 33.52
N PRO C 350 -5.42 6.34 32.58
CA PRO C 350 -4.26 5.49 32.90
C PRO C 350 -3.31 6.13 33.90
N PRO C 351 -2.79 5.36 34.87
CA PRO C 351 -1.74 5.87 35.76
C PRO C 351 -0.38 5.90 35.08
N THR C 352 0.56 6.61 35.69
CA THR C 352 1.89 6.80 35.16
C THR C 352 2.69 5.54 35.41
N VAL C 353 2.48 4.94 36.58
CA VAL C 353 3.06 3.63 36.91
C VAL C 353 2.00 2.55 36.73
N PRO C 354 2.28 1.54 35.89
CA PRO C 354 1.30 0.46 35.70
C PRO C 354 0.94 -0.22 37.03
N VAL C 355 -0.36 -0.46 37.22
CA VAL C 355 -0.87 -1.10 38.43
C VAL C 355 0.03 -2.26 38.86
N LEU C 356 0.41 -3.13 37.94
CA LEU C 356 1.24 -4.26 38.31
C LEU C 356 2.52 -3.83 39.01
N LEU C 357 3.22 -2.86 38.41
CA LEU C 357 4.48 -2.35 38.96
C LEU C 357 4.27 -1.74 40.35
N GLN C 358 3.20 -0.96 40.53
CA GLN C 358 2.80 -0.43 41.84
C GLN C 358 2.76 -1.49 42.94
N ILE C 359 2.10 -2.61 42.62
CA ILE C 359 1.99 -3.76 43.48
C ILE C 359 3.33 -4.46 43.72
N CYS C 360 4.12 -4.56 42.66
CA CYS C 360 5.48 -5.10 42.73
C CYS C 360 6.38 -4.17 43.54
N SER C 361 5.98 -2.91 43.67
CA SER C 361 6.79 -1.95 44.41
C SER C 361 6.32 -1.74 45.85
N GLY C 362 5.52 -2.68 46.35
CA GLY C 362 5.10 -2.65 47.75
C GLY C 362 3.66 -2.28 48.10
N ALA C 363 2.83 -1.94 47.10
CA ALA C 363 1.40 -1.81 47.35
C ALA C 363 0.86 -3.13 47.96
N ASN C 364 0.12 -3.01 49.05
CA ASN C 364 -0.47 -4.13 49.79
C ASN C 364 -1.98 -4.14 49.61
N THR C 365 -2.58 -2.99 49.83
CA THR C 365 -3.96 -2.72 49.49
C THR C 365 -3.69 -1.71 48.41
N ALA C 366 -4.62 -1.37 47.53
CA ALA C 366 -6.04 -1.53 47.63
C ALA C 366 -6.36 -0.06 47.60
N ALA C 367 -5.94 0.62 48.65
CA ALA C 367 -6.02 2.06 48.79
C ALA C 367 -4.67 2.67 48.39
N ASP C 368 -3.64 1.84 48.41
CA ASP C 368 -2.28 2.23 47.98
C ASP C 368 -2.11 2.39 46.47
N LEU C 369 -3.11 2.01 45.68
CA LEU C 369 -2.99 1.93 44.23
C LEU C 369 -3.56 3.15 43.53
N LEU C 370 -2.95 3.49 42.40
CA LEU C 370 -3.40 4.59 41.54
C LEU C 370 -3.90 4.01 40.20
N PRO C 371 -4.92 4.64 39.57
CA PRO C 371 -5.64 5.86 40.00
C PRO C 371 -6.62 5.59 41.14
N SER C 372 -6.76 6.58 42.01
CA SER C 372 -7.74 6.51 43.08
C SER C 372 -9.16 6.35 42.52
N GLY C 373 -9.90 5.43 43.10
CA GLY C 373 -11.25 5.15 42.68
C GLY C 373 -11.38 4.27 41.43
N SER C 374 -10.25 3.85 40.86
CA SER C 374 -10.27 2.99 39.67
C SER C 374 -9.75 1.56 39.91
N VAL C 375 -9.37 1.27 41.16
CA VAL C 375 -8.98 -0.09 41.55
C VAL C 375 -9.92 -0.62 42.64
N ILE C 376 -10.52 -1.78 42.40
CA ILE C 376 -11.22 -2.54 43.43
C ILE C 376 -10.41 -3.79 43.72
N SER C 377 -10.17 -4.10 45.00
CA SER C 377 -9.56 -5.38 45.35
C SER C 377 -10.56 -6.51 45.46
N LEU C 378 -10.09 -7.71 45.11
CA LEU C 378 -10.89 -8.91 45.24
C LEU C 378 -10.11 -9.92 46.07
N PRO C 379 -10.79 -10.53 47.07
CA PRO C 379 -10.12 -11.49 47.93
C PRO C 379 -9.87 -12.77 47.20
N SER C 380 -8.76 -13.40 47.55
CA SER C 380 -8.38 -14.67 47.02
C SER C 380 -9.43 -15.78 47.26
N ASN C 381 -9.48 -16.75 46.35
CA ASN C 381 -10.38 -17.92 46.40
C ASN C 381 -11.80 -17.64 46.92
N SER C 382 -12.44 -16.64 46.33
CA SER C 382 -13.80 -16.22 46.67
C SER C 382 -14.66 -16.25 45.42
N THR C 383 -15.98 -16.29 45.61
CA THR C 383 -16.95 -16.19 44.54
C THR C 383 -17.36 -14.75 44.41
N ILE C 384 -17.09 -14.15 43.25
CA ILE C 384 -17.43 -12.76 43.00
C ILE C 384 -18.66 -12.66 42.09
N GLU C 385 -19.67 -11.88 42.48
CA GLU C 385 -20.79 -11.59 41.59
C GLU C 385 -20.81 -10.11 41.24
N ILE C 386 -20.85 -9.80 39.94
CA ILE C 386 -20.95 -8.41 39.49
C ILE C 386 -22.24 -8.06 38.70
N ALA C 387 -23.00 -7.10 39.20
CA ALA C 387 -24.14 -6.57 38.44
C ALA C 387 -23.71 -5.33 37.63
N LEU C 388 -24.01 -5.34 36.34
CA LEU C 388 -23.62 -4.23 35.48
C LEU C 388 -24.86 -3.61 34.83
N PRO C 389 -25.75 -2.98 35.65
CA PRO C 389 -27.02 -2.52 35.12
C PRO C 389 -26.87 -1.41 34.10
N ALA C 390 -27.65 -1.56 33.04
CA ALA C 390 -27.55 -0.75 31.84
C ALA C 390 -28.18 0.61 32.03
N GLY C 391 -27.94 1.51 31.07
CA GLY C 391 -28.54 2.84 31.14
C GLY C 391 -27.61 3.91 30.61
N ALA C 392 -26.32 3.75 30.85
CA ALA C 392 -25.33 4.68 30.35
C ALA C 392 -25.41 4.69 28.84
N ALA C 393 -25.27 5.87 28.25
CA ALA C 393 -25.25 5.97 26.80
C ALA C 393 -23.82 5.59 26.45
N GLY C 394 -23.63 4.79 25.42
CA GLY C 394 -24.66 4.15 24.62
C GLY C 394 -23.80 3.32 23.70
N GLY C 395 -23.96 2.01 23.69
CA GLY C 395 -25.01 1.28 24.36
C GLY C 395 -25.64 0.56 23.19
N PRO C 396 -25.68 -0.78 23.17
CA PRO C 396 -25.39 -1.70 24.26
C PRO C 396 -23.88 -2.00 24.45
N HIS C 397 -23.43 -1.81 25.68
CA HIS C 397 -22.00 -1.89 26.05
C HIS C 397 -21.56 -3.34 26.32
N PRO C 398 -20.59 -3.83 25.51
CA PRO C 398 -20.04 -5.16 25.76
C PRO C 398 -18.90 -5.09 26.77
N PHE C 399 -19.16 -5.58 27.98
CA PHE C 399 -18.13 -5.60 29.00
C PHE C 399 -17.29 -6.87 28.93
N HIS C 400 -16.01 -6.70 29.23
CA HIS C 400 -15.03 -7.79 29.17
C HIS C 400 -14.13 -7.72 30.41
N LEU C 401 -13.69 -8.89 30.87
CA LEU C 401 -12.81 -9.00 32.02
C LEU C 401 -11.58 -9.84 31.64
N HIS C 402 -10.39 -9.26 31.78
CA HIS C 402 -9.13 -9.99 31.58
C HIS C 402 -8.91 -11.05 32.65
N GLY C 403 -8.06 -12.01 32.35
CA GLY C 403 -7.66 -13.02 33.29
C GLY C 403 -8.75 -13.97 33.73
N HIS C 404 -9.96 -13.79 33.20
CA HIS C 404 -11.09 -14.60 33.62
C HIS C 404 -12.16 -14.80 32.58
N ASP C 405 -12.89 -15.89 32.73
CA ASP C 405 -14.15 -16.03 32.05
C ASP C 405 -15.21 -16.08 33.14
N PHE C 406 -16.46 -15.89 32.79
CA PHE C 406 -17.51 -15.78 33.78
C PHE C 406 -18.88 -16.35 33.42
N ALA C 407 -19.56 -16.81 34.44
CA ALA C 407 -20.95 -17.23 34.34
C ALA C 407 -21.85 -16.04 34.02
N VAL C 408 -22.69 -16.16 32.99
CA VAL C 408 -23.66 -15.10 32.70
C VAL C 408 -24.99 -15.46 33.36
N SER C 409 -25.11 -15.12 34.65
CA SER C 409 -26.33 -15.40 35.45
C SER C 409 -27.58 -14.64 34.98
N GLU C 410 -27.41 -13.41 34.53
CA GLU C 410 -28.54 -12.70 33.96
C GLU C 410 -28.11 -12.00 32.70
N SER C 411 -28.71 -12.39 31.58
CA SER C 411 -28.42 -11.77 30.29
C SER C 411 -29.30 -10.55 30.00
N ALA C 412 -29.00 -9.90 28.89
CA ALA C 412 -29.72 -8.72 28.40
C ALA C 412 -31.17 -9.04 28.06
N SER C 413 -32.04 -8.02 28.18
CA SER C 413 -33.46 -8.10 27.81
C SER C 413 -34.21 -9.31 28.38
N ASN C 414 -33.92 -9.66 29.62
CA ASN C 414 -34.57 -10.80 30.28
C ASN C 414 -34.23 -10.77 31.75
N SER C 415 -35.20 -10.44 32.61
CA SER C 415 -34.88 -10.33 34.03
C SER C 415 -34.90 -11.65 34.82
N THR C 416 -34.96 -12.78 34.10
CA THR C 416 -34.88 -14.14 34.69
C THR C 416 -33.43 -14.63 34.78
N SER C 417 -32.89 -14.66 35.98
CA SER C 417 -31.56 -15.23 36.18
C SER C 417 -31.52 -16.75 35.99
N ASN C 418 -30.31 -17.28 35.79
CA ASN C 418 -30.08 -18.72 35.64
C ASN C 418 -28.88 -19.10 36.47
N TYR C 419 -29.12 -19.87 37.53
CA TYR C 419 -28.08 -20.32 38.43
C TYR C 419 -27.76 -21.81 38.26
N ASP C 420 -28.26 -22.40 37.19
CA ASP C 420 -28.04 -23.84 36.94
C ASP C 420 -27.06 -24.04 35.83
N ASP C 421 -27.46 -23.64 34.62
CA ASP C 421 -26.67 -23.86 33.41
C ASP C 421 -26.52 -22.62 32.51
N PRO C 422 -26.20 -21.45 33.07
CA PRO C 422 -25.95 -20.35 32.11
C PRO C 422 -24.65 -20.57 31.32
N ILE C 423 -24.52 -19.89 30.18
CA ILE C 423 -23.28 -19.89 29.43
C ILE C 423 -22.22 -19.13 30.23
N TRP C 424 -20.96 -19.58 30.14
CA TRP C 424 -19.83 -18.81 30.65
C TRP C 424 -19.11 -18.21 29.45
N ARG C 425 -18.63 -16.97 29.60
CA ARG C 425 -17.94 -16.25 28.51
C ARG C 425 -17.00 -15.21 29.09
N ASP C 426 -16.41 -14.38 28.22
CA ASP C 426 -15.49 -13.32 28.66
C ASP C 426 -15.92 -11.91 28.24
N VAL C 427 -16.87 -11.84 27.32
CA VAL C 427 -17.40 -10.55 26.86
C VAL C 427 -18.90 -10.68 26.74
N VAL C 428 -19.65 -9.78 27.40
CA VAL C 428 -21.13 -9.87 27.44
C VAL C 428 -21.76 -8.50 27.19
N SER C 429 -22.85 -8.47 26.41
CA SER C 429 -23.61 -7.25 26.30
C SER C 429 -24.38 -6.98 27.60
N ILE C 430 -24.27 -5.75 28.10
CA ILE C 430 -25.05 -5.38 29.26
C ILE C 430 -26.46 -4.90 28.91
N GLY C 431 -26.82 -4.89 27.62
CA GLY C 431 -28.19 -4.56 27.16
C GLY C 431 -28.66 -3.10 27.22
N GLY C 432 -29.99 -2.91 27.39
CA GLY C 432 -30.59 -1.56 27.49
C GLY C 432 -31.15 -1.21 28.87
N VAL C 433 -31.51 0.06 29.08
CA VAL C 433 -32.03 0.54 30.37
C VAL C 433 -33.10 -0.40 30.94
N GLY C 434 -33.00 -0.69 32.23
CA GLY C 434 -33.88 -1.69 32.85
C GLY C 434 -33.19 -3.02 33.06
N ASP C 435 -32.22 -3.35 32.20
CA ASP C 435 -31.53 -4.63 32.26
C ASP C 435 -30.60 -4.76 33.47
N ASN C 436 -30.43 -5.98 33.95
CA ASN C 436 -29.51 -6.18 35.05
C ASN C 436 -28.53 -7.33 34.85
N VAL C 437 -27.68 -7.14 33.86
CA VAL C 437 -26.78 -8.17 33.44
C VAL C 437 -25.85 -8.39 34.60
N THR C 438 -25.70 -9.64 34.99
CA THR C 438 -24.94 -10.00 36.17
C THR C 438 -24.00 -11.14 35.83
N ILE C 439 -22.79 -11.10 36.38
CA ILE C 439 -21.81 -12.17 36.12
C ILE C 439 -21.19 -12.71 37.40
N ARG C 440 -20.78 -13.98 37.36
CA ARG C 440 -20.07 -14.60 38.48
C ARG C 440 -18.79 -15.35 38.08
N PHE C 441 -17.78 -15.22 38.94
CA PHE C 441 -16.50 -15.93 38.77
C PHE C 441 -15.79 -16.13 40.11
N CYS C 442 -14.81 -17.03 40.10
CA CYS C 442 -13.96 -17.29 41.25
C CYS C 442 -12.58 -16.71 41.05
N THR C 443 -12.03 -16.15 42.14
CA THR C 443 -10.73 -15.54 42.07
C THR C 443 -9.65 -16.60 42.28
N ASP C 444 -9.20 -17.22 41.20
CA ASP C 444 -8.12 -18.20 41.26
C ASP C 444 -6.85 -17.72 40.53
N ASN C 445 -6.72 -16.41 40.38
CA ASN C 445 -5.75 -15.80 39.47
C ASN C 445 -5.26 -14.45 40.01
N PRO C 446 -4.26 -14.47 40.90
CA PRO C 446 -3.72 -13.21 41.45
C PRO C 446 -3.05 -12.29 40.40
N GLY C 447 -3.36 -11.00 40.49
CA GLY C 447 -2.92 -9.97 39.56
C GLY C 447 -4.04 -8.95 39.32
N PRO C 448 -3.70 -7.78 38.71
CA PRO C 448 -4.65 -6.76 38.30
C PRO C 448 -5.26 -7.05 36.92
N TRP C 449 -6.59 -7.21 36.92
CA TRP C 449 -7.32 -7.59 35.72
C TRP C 449 -8.27 -6.46 35.35
N PHE C 450 -8.16 -6.03 34.10
CA PHE C 450 -8.91 -4.91 33.55
C PHE C 450 -10.37 -5.33 33.38
N LEU C 451 -11.29 -4.51 33.87
CA LEU C 451 -12.72 -4.68 33.56
C LEU C 451 -13.13 -3.45 32.80
N HIS C 452 -13.55 -3.63 31.54
CA HIS C 452 -13.84 -2.48 30.68
C HIS C 452 -14.89 -2.70 29.57
N CYS C 453 -15.45 -1.59 29.08
CA CYS C 453 -16.32 -1.71 27.92
C CYS C 453 -15.39 -1.99 26.74
N HIS C 454 -15.84 -2.81 25.81
CA HIS C 454 -15.01 -3.15 24.64
C HIS C 454 -15.25 -2.32 23.38
N ILE C 455 -16.10 -1.30 23.50
CA ILE C 455 -16.15 -0.28 22.49
C ILE C 455 -14.98 0.67 22.77
N ASP C 456 -13.95 0.58 21.91
CA ASP C 456 -12.62 1.15 22.23
C ASP C 456 -12.74 2.65 22.52
N TRP C 457 -13.64 3.30 21.79
CA TRP C 457 -13.92 4.72 21.97
C TRP C 457 -14.41 5.00 23.39
N HIS C 458 -15.27 4.13 23.91
CA HIS C 458 -15.74 4.23 25.32
C HIS C 458 -14.61 3.94 26.33
N LEU C 459 -13.86 2.86 26.11
CA LEU C 459 -12.64 2.65 26.88
C LEU C 459 -11.78 3.93 26.90
N ASP C 460 -11.53 4.53 25.73
CA ASP C 460 -10.74 5.73 25.71
C ASP C 460 -11.43 6.88 26.44
N ALA C 461 -12.77 6.90 26.42
CA ALA C 461 -13.54 7.89 27.18
C ALA C 461 -13.71 7.54 28.68
N GLY C 462 -13.15 6.40 29.11
CA GLY C 462 -13.00 6.12 30.53
C GLY C 462 -13.79 4.98 31.14
N PHE C 463 -14.49 4.21 30.30
CA PHE C 463 -15.35 3.14 30.77
C PHE C 463 -14.55 1.88 31.23
N ALA C 464 -13.93 1.94 32.41
CA ALA C 464 -13.05 0.86 32.89
C ALA C 464 -12.67 1.00 34.37
N ILE C 465 -12.33 -0.13 35.00
CA ILE C 465 -11.67 -0.18 36.33
C ILE C 465 -10.70 -1.37 36.39
N VAL C 466 -9.97 -1.49 37.49
CA VAL C 466 -9.09 -2.63 37.68
C VAL C 466 -9.47 -3.46 38.92
N PHE C 467 -9.72 -4.74 38.70
CA PHE C 467 -9.83 -5.71 39.77
C PHE C 467 -8.42 -6.19 40.15
N ALA C 468 -7.93 -5.68 41.27
CA ALA C 468 -6.65 -6.11 41.80
C ALA C 468 -6.88 -7.35 42.69
N GLU C 469 -6.85 -8.50 42.03
CA GLU C 469 -7.15 -9.78 42.63
C GLU C 469 -5.97 -10.27 43.46
N ASP C 470 -6.26 -10.65 44.71
CA ASP C 470 -5.25 -11.11 45.65
C ASP C 470 -3.93 -10.34 45.53
N ILE C 471 -3.98 -9.03 45.82
CA ILE C 471 -2.80 -8.16 45.85
C ILE C 471 -1.60 -8.80 46.61
N PRO C 472 -1.83 -9.30 47.86
CA PRO C 472 -0.74 -9.89 48.65
C PRO C 472 0.06 -10.96 47.93
N ASN C 473 -0.61 -11.82 47.17
CA ASN C 473 0.02 -12.89 46.41
C ASN C 473 0.43 -12.51 44.99
N THR C 474 0.24 -11.26 44.59
CA THR C 474 0.51 -10.86 43.19
C THR C 474 2.00 -11.02 42.73
N ALA C 475 2.93 -10.55 43.55
CA ALA C 475 4.36 -10.61 43.22
C ALA C 475 4.97 -12.02 43.22
N SER C 476 4.67 -12.83 44.24
CA SER C 476 5.01 -14.26 44.21
C SER C 476 4.42 -15.01 43.02
N ALA C 477 3.16 -14.69 42.70
CA ALA C 477 2.44 -15.43 41.68
C ALA C 477 2.90 -15.06 40.26
N ASN C 478 3.39 -13.83 40.09
CA ASN C 478 3.84 -13.34 38.78
C ASN C 478 5.32 -12.90 38.74
N PRO C 479 6.25 -13.89 38.75
CA PRO C 479 7.64 -13.50 38.58
C PRO C 479 7.84 -12.82 37.20
N VAL C 480 8.52 -11.67 37.19
CA VAL C 480 8.61 -10.82 35.99
C VAL C 480 10.00 -10.85 35.37
N PRO C 481 10.07 -10.96 34.04
CA PRO C 481 11.39 -11.08 33.43
C PRO C 481 12.11 -9.74 33.45
N GLU C 482 13.42 -9.74 33.18
CA GLU C 482 14.17 -8.51 33.18
C GLU C 482 13.60 -7.50 32.15
N ALA C 483 13.27 -8.00 30.96
CA ALA C 483 12.76 -7.14 29.88
C ALA C 483 11.44 -6.42 30.24
N TRP C 484 10.61 -7.00 31.11
CA TRP C 484 9.42 -6.31 31.57
C TRP C 484 9.79 -5.11 32.48
N SER C 485 10.76 -5.33 33.37
CA SER C 485 11.28 -4.29 34.26
C SER C 485 11.85 -3.11 33.49
N ASN C 486 12.46 -3.41 32.33
CA ASN C 486 13.09 -2.40 31.49
C ASN C 486 12.12 -1.53 30.74
N LEU C 487 10.86 -1.96 30.64
CA LEU C 487 9.86 -1.27 29.82
C LEU C 487 9.61 0.15 30.30
N CYS C 488 9.19 0.30 31.56
CA CYS C 488 8.81 1.63 32.09
C CYS C 488 9.93 2.68 32.10
N PRO C 489 11.15 2.30 32.56
CA PRO C 489 12.32 3.18 32.38
C PRO C 489 12.55 3.64 30.92
N SER C 490 12.51 2.71 29.97
CA SER C 490 12.70 3.04 28.55
C SER C 490 11.58 3.96 28.06
N TYR C 491 10.36 3.66 28.49
CA TYR C 491 9.23 4.47 28.10
C TYR C 491 9.33 5.88 28.68
N ASP C 492 9.47 5.98 30.00
CA ASP C 492 9.49 7.28 30.64
C ASP C 492 10.67 8.13 30.14
N SER C 493 11.84 7.49 29.97
CA SER C 493 13.02 8.15 29.41
C SER C 493 12.67 8.74 28.03
N ALA C 494 12.03 7.93 27.19
CA ALA C 494 11.70 8.30 25.80
C ALA C 494 10.65 9.41 25.71
N HIS C 495 9.77 9.45 26.71
CA HIS C 495 8.66 10.40 26.71
C HIS C 495 8.85 11.53 27.73
C1 NAG D . -14.62 38.11 -25.92
C2 NAG D . -16.04 37.59 -26.04
C3 NAG D . -17.06 38.71 -25.97
C4 NAG D . -16.85 39.59 -24.77
C5 NAG D . -15.40 39.99 -24.60
C6 NAG D . -15.16 40.62 -23.21
C7 NAG D . -16.73 35.71 -27.34
C8 NAG D . -16.88 35.11 -28.70
N2 NAG D . -16.21 36.92 -27.31
O3 NAG D . -18.40 38.20 -25.94
O4 NAG D . -17.59 40.75 -25.06
O5 NAG D . -14.49 38.91 -24.77
O6 NAG D . -16.08 40.14 -22.23
O7 NAG D . -17.08 35.13 -26.35
C1 NAG D . -18.78 40.93 -24.29
C2 NAG D . -18.93 42.42 -24.08
C3 NAG D . -20.30 42.89 -23.59
C4 NAG D . -21.46 42.00 -23.98
C5 NAG D . -21.12 40.55 -24.26
C6 NAG D . -22.27 39.94 -25.04
C7 NAG D . -17.15 43.79 -23.37
C8 NAG D . -16.27 44.19 -22.25
N2 NAG D . -18.02 42.86 -23.07
O3 NAG D . -20.56 44.20 -24.09
O4 NAG D . -22.34 42.08 -22.86
O5 NAG D . -19.91 40.44 -25.00
O6 NAG D . -21.81 39.16 -26.13
O7 NAG D . -17.07 44.26 -24.46
C1 NAG E . -0.05 42.53 -25.48
C2 NAG E . 0.87 42.92 -26.61
C3 NAG E . 1.94 43.94 -26.27
C4 NAG E . 1.38 45.05 -25.46
C5 NAG E . 0.72 44.45 -24.23
C6 NAG E . 0.02 45.58 -23.55
C7 NAG E . 0.98 41.00 -28.08
C8 NAG E . -0.37 41.38 -28.66
N2 NAG E . 1.51 41.72 -26.98
O3 NAG E . 2.59 44.48 -27.39
O4 NAG E . 2.40 45.93 -25.03
O5 NAG E . -0.27 43.55 -24.56
O6 NAG E . -0.46 45.32 -22.27
O7 NAG E . 1.53 39.73 -28.31
C1 NAG E . 2.74 47.00 -25.90
C2 NAG E . 3.19 48.20 -25.10
C3 NAG E . 3.96 49.24 -25.89
C4 NAG E . 5.08 48.62 -26.67
C5 NAG E . 4.58 47.39 -27.42
C6 NAG E . 5.74 46.60 -28.00
C7 NAG E . 1.86 49.19 -23.40
C8 NAG E . 2.78 48.51 -22.40
N2 NAG E . 2.00 48.88 -24.77
O3 NAG E . 4.48 50.21 -25.02
O4 NAG E . 5.56 49.61 -27.57
O5 NAG E . 3.84 46.50 -26.61
O6 NAG E . 5.87 45.30 -27.39
O7 NAG E . 0.61 49.78 -23.10
C1 NAG F . 15.57 -35.86 -28.94
C2 NAG F . 14.45 -35.39 -29.85
C3 NAG F . 14.84 -35.10 -31.30
C4 NAG F . 16.26 -34.57 -31.53
C5 NAG F . 17.20 -35.22 -30.51
C6 NAG F . 18.57 -34.59 -30.57
C7 NAG F . 12.13 -36.04 -29.58
C8 NAG F . 11.17 -37.19 -29.59
N2 NAG F . 13.39 -36.37 -29.81
O3 NAG F . 13.90 -34.12 -31.77
O4 NAG F . 16.77 -34.91 -32.83
O5 NAG F . 16.72 -35.07 -29.19
O6 NAG F . 18.43 -33.24 -30.15
O7 NAG F . 11.75 -34.90 -29.39
C1 NAG F . 16.56 -33.99 -33.91
C2 NAG F . 17.65 -34.20 -34.96
C3 NAG F . 17.42 -33.46 -36.26
C4 NAG F . 16.02 -33.61 -36.77
C5 NAG F . 14.97 -33.55 -35.70
C6 NAG F . 13.80 -34.23 -36.38
C7 NAG F . 19.88 -34.54 -34.10
C8 NAG F . 21.17 -33.90 -33.69
N2 NAG F . 18.95 -33.71 -34.51
O3 NAG F . 18.20 -34.07 -37.27
O4 NAG F . 15.71 -32.58 -37.72
O5 NAG F . 15.31 -34.26 -34.52
O6 NAG F . 14.12 -34.45 -37.77
O7 NAG F . 19.68 -35.74 -34.06
C1 NAG G . 25.96 -39.24 -17.38
C2 NAG G . 26.61 -40.45 -16.72
C3 NAG G . 28.12 -40.36 -16.60
C4 NAG G . 28.75 -39.71 -17.80
C5 NAG G . 28.04 -38.44 -18.18
C6 NAG G . 28.75 -37.85 -19.38
C7 NAG G . 24.83 -40.48 -15.07
C8 NAG G . 24.62 -40.43 -13.59
N2 NAG G . 26.12 -40.44 -15.37
O3 NAG G . 28.73 -41.64 -16.53
O4 NAG G . 30.02 -39.33 -17.39
O5 NAG G . 26.69 -38.75 -18.48
O6 NAG G . 29.45 -36.65 -19.02
O7 NAG G . 23.94 -40.57 -15.89
C1 NAG G . 31.01 -40.34 -17.50
C2 NAG G . 31.41 -40.75 -16.09
C3 NAG G . 31.61 -42.25 -15.89
C4 NAG G . 32.00 -43.01 -17.13
C5 NAG G . 31.72 -42.21 -18.40
C6 NAG G . 31.49 -43.12 -19.60
C7 NAG G . 33.20 -39.11 -16.45
C8 NAG G . 32.92 -39.14 -17.91
N2 NAG G . 32.48 -39.89 -15.64
O3 NAG G . 30.38 -42.81 -15.44
O4 NAG G . 33.38 -43.31 -17.00
O5 NAG G . 30.54 -41.47 -18.15
O6 NAG G . 31.75 -44.46 -19.20
O7 NAG G . 34.06 -38.39 -16.00
C1 NAG H . -35.65 -16.41 30.32
C2 NAG H . -35.98 -17.06 28.98
C3 NAG H . -36.33 -18.53 29.18
C4 NAG H . -35.39 -19.27 30.13
C5 NAG H . -34.87 -18.41 31.27
C6 NAG H . -33.59 -19.02 31.82
C7 NAG H . -38.46 -16.58 28.64
C8 NAG H . -39.18 -17.69 27.89
N2 NAG H . -37.05 -16.32 28.35
O3 NAG H . -36.28 -19.18 27.90
O4 NAG H . -36.04 -20.41 30.67
O5 NAG H . -34.53 -17.09 30.85
O6 NAG H . -32.54 -18.06 31.73
O7 NAG H . -39.24 -15.57 29.29
C1 NAG H . -35.64 -21.64 30.06
C2 NAG H . -35.79 -22.78 31.07
C3 NAG H . -36.65 -23.99 30.70
C4 NAG H . -37.05 -24.10 29.23
C5 NAG H . -36.30 -23.12 28.35
C6 NAG H . -36.93 -23.11 26.97
C7 NAG H . -33.58 -22.57 32.28
C8 NAG H . -32.09 -22.87 32.17
N2 NAG H . -34.49 -23.30 31.42
O3 NAG H . -37.83 -24.00 31.52
O4 NAG H . -36.79 -25.44 28.77
O5 NAG H . -36.43 -21.83 28.90
O6 NAG H . -37.90 -22.06 26.92
O7 NAG H . -34.10 -21.91 33.44
CU CU I . 3.54 25.91 -18.55
CU CU J . -0.46 26.35 -6.53
CU CU K . 2.71 28.28 -6.44
CU CU L . -0.58 29.61 -4.92
S SO4 M . -29.03 2.65 -15.89
O1 SO4 M . -30.28 1.92 -16.14
O2 SO4 M . -29.26 4.09 -16.02
O3 SO4 M . -28.02 2.18 -16.85
O4 SO4 M . -28.56 2.40 -14.54
S SO4 N . -18.43 6.00 -24.50
O1 SO4 N . -19.27 4.81 -24.40
O2 SO4 N . -17.10 5.64 -24.99
O3 SO4 N . -18.31 6.60 -23.17
O4 SO4 N . -19.08 6.93 -25.42
S SO4 O . 14.92 47.51 -8.16
O1 SO4 O . 16.33 47.11 -8.05
O2 SO4 O . 14.15 46.94 -7.05
O3 SO4 O . 14.47 46.99 -9.45
O4 SO4 O . 14.81 48.94 -8.09
C1 GOL P . 10.54 27.01 -5.85
O1 GOL P . 11.95 26.93 -5.89
C2 GOL P . 10.00 25.60 -5.82
O2 GOL P . 10.80 24.80 -6.69
C3 GOL P . 8.54 25.64 -6.27
O3 GOL P . 7.98 24.31 -6.31
O1 OXY Q . 1.91 26.47 -7.07
O2 OXY Q . 0.78 26.90 -7.02
CU CU R . 16.00 -27.13 -7.14
CU CU S . 19.43 -15.66 -11.31
CU CU T . 22.39 -16.81 -9.15
CU CU U . 22.77 -15.28 -12.90
S SO4 V . -2.54 -1.03 -1.58
O1 SO4 V . -1.15 -0.76 -1.32
O2 SO4 V . -3.37 0.07 -1.12
O3 SO4 V . -2.95 -2.22 -0.86
O4 SO4 V . -2.64 -1.20 -3.01
S SO4 W . 42.60 -26.99 -6.61
O1 SO4 W . 43.89 -26.62 -7.20
O2 SO4 W . 42.75 -27.07 -5.17
O3 SO4 W . 42.11 -28.27 -7.15
O4 SO4 W . 41.63 -25.99 -7.02
C1 GOL X . 31.22 -7.52 -19.31
O1 GOL X . 32.45 -7.07 -19.89
C2 GOL X . 30.61 -8.81 -19.87
O2 GOL X . 31.35 -9.39 -20.94
C3 GOL X . 29.13 -8.59 -20.22
O3 GOL X . 28.75 -8.97 -21.53
C1 GOL Y . -10.33 -23.91 -3.90
O1 GOL Y . -10.43 -24.14 -5.31
C2 GOL Y . -10.21 -22.41 -3.66
O2 GOL Y . -10.22 -22.14 -2.25
C3 GOL Y . -11.33 -21.68 -4.41
O3 GOL Y . -11.25 -20.27 -4.22
C1 GOL Z . 24.20 -16.53 -2.02
O1 GOL Z . 23.06 -16.24 -2.85
C2 GOL Z . 23.75 -16.91 -0.62
O2 GOL Z . 23.03 -18.14 -0.64
C3 GOL Z . 22.86 -15.81 -0.06
O3 GOL Z . 22.95 -15.77 1.35
C1 GOL AA . -0.29 -3.00 -14.92
O1 GOL AA . -0.65 -2.50 -13.64
C2 GOL AA . -1.33 -4.06 -15.21
O2 GOL AA . -0.71 -5.18 -15.80
C3 GOL AA . -2.40 -3.48 -16.12
O3 GOL AA . -2.83 -4.44 -17.09
C1 GOL BA . -4.86 -5.24 -7.18
O1 GOL BA . -5.22 -6.44 -6.52
C2 GOL BA . -3.65 -4.58 -6.52
O2 GOL BA . -3.90 -4.23 -5.17
C3 GOL BA . -3.33 -3.31 -7.28
O3 GOL BA . -4.44 -2.43 -7.22
O1 OXY CA . 20.27 -16.36 -9.48
O2 OXY CA . 21.03 -16.92 -10.22
CU CU DA . -19.47 1.01 25.85
CU CU EA . -10.01 -7.29 24.43
CU CU FA . -9.09 -5.27 27.46
CU CU GA . -9.03 -9.31 27.28
S SO4 HA . 3.58 1.32 2.70
O1 SO4 HA . 3.27 -0.01 3.22
O2 SO4 HA . 2.44 2.18 2.97
O3 SO4 HA . 3.77 1.28 1.28
O4 SO4 HA . 4.78 1.79 3.33
S SO4 IA . -9.54 -0.53 49.74
O1 SO4 IA . -10.61 0.34 50.22
O2 SO4 IA . -8.37 -0.38 50.60
O3 SO4 IA . -9.20 -0.12 48.39
O4 SO4 IA . -9.98 -1.93 49.72
C1 GOL JA . -6.62 1.32 -5.24
O1 GOL JA . -5.80 0.15 -5.29
C2 GOL JA . -7.07 1.58 -3.82
O2 GOL JA . -8.01 0.56 -3.50
C3 GOL JA . -7.70 2.97 -3.71
O3 GOL JA . -7.05 3.90 -2.82
C1 GOL KA . -24.16 4.78 -0.73
O1 GOL KA . -23.33 4.39 -1.81
C2 GOL KA . -24.43 6.26 -0.87
O2 GOL KA . -23.25 6.99 -0.61
C3 GOL KA . -25.49 6.68 0.15
O3 GOL KA . -26.25 5.54 0.46
C1 NAG LA . -29.30 -4.96 39.66
C2 NAG LA . -30.14 -3.88 40.32
C3 NAG LA . -29.75 -3.58 41.76
C4 NAG LA . -29.58 -4.86 42.53
C5 NAG LA . -28.60 -5.78 41.81
C6 NAG LA . -28.48 -7.08 42.60
C7 NAG LA . -31.12 -2.47 38.65
C8 NAG LA . -31.08 -1.16 37.91
N2 NAG LA . -30.18 -2.65 39.56
O3 NAG LA . -30.84 -2.85 42.32
O4 NAG LA . -29.15 -4.56 43.83
O5 NAG LA . -29.11 -6.08 40.52
O6 NAG LA . -27.21 -7.71 42.45
O7 NAG LA . -31.92 -3.32 38.41
O1 OXY MA . -9.46 -6.93 26.28
O2 OXY MA . -9.75 -5.95 25.63
#